data_3GCM
#
_entry.id   3GCM
#
_cell.length_a   176.335
_cell.length_b   176.335
_cell.length_c   189.628
_cell.angle_alpha   90.00
_cell.angle_beta   90.00
_cell.angle_gamma   90.00
#
_symmetry.space_group_name_H-M   'P 43 21 2'
#
loop_
_entity.id
_entity.type
_entity.pdbx_description
1 polymer 'Polyribonucleotide nucleotidyltransferase'
2 polymer 'Ribonuclease E'
3 non-polymer 'CITRATE ANION'
4 non-polymer 'MAGNESIUM ION'
5 non-polymer "GUANOSINE-5'-MONOPHOSPHATE"
6 water water
#
loop_
_entity_poly.entity_id
_entity_poly.type
_entity_poly.pdbx_seq_one_letter_code
_entity_poly.pdbx_strand_id
1 'polypeptide(L)'
;MLNPIVRKFQYGQHTVTLETGMMARQATAAVMVSMDDTAVFVTVVGQKKAKPGQDFFPLTVNYQERTYAAGRIPGSFFRR
EGRPSEGETLIARLIDRPIRPLFPEGFVNEVQVIATVVSVNPQVNPDIVAMIGASAALSLSGIPFNGPIGAARVGYINDQ
YVLNPTQDELKESKLDLVVAGTEAAVLMVESEAELLSEDQMLGAVVFGHEQQQVVIQNINELVKEAGKPRWDWQPEPVNE
ALNARVAALAEARLSDAYRITDKQERYAQVDVIKSETIATLLAEDETLDENELGEILHAIEKNVVRSRVLAGEPRIDGRE
KDMIRGLDVRTGVLPRTHGSALFTRGETQALVTATLGTARDAQVLDELMGERTDTFLFHYNFPPYSVGETGMVGSPKRRE
IGHGRLAKRGVLAVMPDMDKFPYTVRVVSEITESNGSSSMASVCGASLALMDAGVPIKAAVAGIAMGLVKEGDNYVVLSD
ILGDEDHLGDMDFKVAGSRDGISALQMDIKIEGITKEIMQVALNQAKGARLHILGVMEQAINAPRGDIS
;
A,B,C
2 'polypeptide(L)' EAPRHSDWQRPTFAFEGKGAAGGHTATHHASAAPARPQPVE D,E,F
#
loop_
_chem_comp.id
_chem_comp.type
_chem_comp.name
_chem_comp.formula
5GP non-polymer GUANOSINE-5'-MONOPHOSPHATE 'C10 H14 N5 O8 P'
FLC non-polymer 'CITRATE ANION' 'C6 H5 O7 -3'
MG non-polymer 'MAGNESIUM ION' 'Mg 2'
#
# COMPACT_ATOMS: atom_id res chain seq x y z
N LEU A 2 -40.62 8.50 0.31
CA LEU A 2 -39.35 8.36 -0.44
C LEU A 2 -39.58 8.64 -1.93
N ASN A 3 -39.40 9.91 -2.32
CA ASN A 3 -39.74 10.37 -3.66
C ASN A 3 -38.52 10.84 -4.47
N PRO A 4 -38.29 10.22 -5.64
CA PRO A 4 -37.28 10.73 -6.58
C PRO A 4 -37.76 11.95 -7.35
N ILE A 5 -36.89 12.95 -7.49
CA ILE A 5 -37.11 14.07 -8.39
C ILE A 5 -36.43 13.73 -9.71
N VAL A 6 -37.22 13.67 -10.78
CA VAL A 6 -36.74 13.17 -12.07
C VAL A 6 -36.79 14.25 -13.15
N ARG A 7 -35.73 14.33 -13.95
CA ARG A 7 -35.71 15.19 -15.12
C ARG A 7 -35.16 14.47 -16.36
N LYS A 8 -35.94 14.49 -17.43
CA LYS A 8 -35.58 13.87 -18.69
C LYS A 8 -35.43 14.90 -19.79
N PHE A 9 -34.48 14.67 -20.70
CA PHE A 9 -34.29 15.51 -21.89
C PHE A 9 -33.56 14.77 -23.01
N GLN A 10 -33.82 15.21 -24.24
CA GLN A 10 -33.12 14.69 -25.41
C GLN A 10 -31.76 15.35 -25.55
N TYR A 11 -30.74 14.52 -25.81
CA TYR A 11 -29.38 14.99 -26.04
C TYR A 11 -28.83 14.27 -27.27
N GLY A 12 -29.04 14.89 -28.42
CA GLY A 12 -28.71 14.26 -29.71
C GLY A 12 -29.75 13.22 -30.06
N GLN A 13 -29.33 11.96 -30.13
CA GLN A 13 -30.16 10.81 -30.47
CA GLN A 13 -30.30 10.90 -30.42
C GLN A 13 -30.57 10.02 -29.22
N HIS A 14 -30.13 10.48 -28.04
CA HIS A 14 -30.36 9.77 -26.79
C HIS A 14 -31.29 10.53 -25.84
N THR A 15 -31.87 9.79 -24.89
CA THR A 15 -32.62 10.37 -23.79
C THR A 15 -31.75 10.32 -22.53
N VAL A 16 -31.54 11.49 -21.93
CA VAL A 16 -30.79 11.58 -20.67
C VAL A 16 -31.75 11.77 -19.50
N THR A 17 -31.58 10.92 -18.48
CA THR A 17 -32.42 10.98 -17.28
C THR A 17 -31.57 11.33 -16.06
N LEU A 18 -31.99 12.36 -15.33
CA LEU A 18 -31.35 12.75 -14.08
C LEU A 18 -32.30 12.47 -12.92
N GLU A 19 -31.84 11.68 -11.95
CA GLU A 19 -32.65 11.35 -10.78
C GLU A 19 -31.90 11.66 -9.48
N THR A 20 -32.58 12.36 -8.58
CA THR A 20 -32.03 12.71 -7.26
C THR A 20 -33.11 12.75 -6.19
N GLY A 21 -32.69 12.51 -4.94
CA GLY A 21 -33.57 12.64 -3.79
C GLY A 21 -33.91 11.37 -3.03
N MET A 22 -33.78 10.22 -3.71
CA MET A 22 -34.18 8.95 -3.14
C MET A 22 -32.99 8.11 -2.67
N MET A 23 -31.90 8.11 -3.44
CA MET A 23 -30.72 7.31 -3.14
C MET A 23 -29.58 8.12 -2.52
N ALA A 24 -28.88 7.50 -1.58
CA ALA A 24 -27.75 8.09 -0.86
C ALA A 24 -28.05 9.49 -0.33
N ARG A 25 -29.06 9.58 0.53
CA ARG A 25 -29.51 10.86 1.10
C ARG A 25 -28.55 11.45 2.12
N GLN A 26 -27.55 10.66 2.54
CA GLN A 26 -26.56 11.14 3.51
C GLN A 26 -25.34 11.79 2.87
N ALA A 27 -25.16 11.58 1.57
CA ALA A 27 -24.15 12.31 0.80
C ALA A 27 -24.60 13.77 0.67
N THR A 28 -23.64 14.68 0.45
CA THR A 28 -23.97 16.10 0.24
C THR A 28 -24.93 16.24 -0.95
N ALA A 29 -24.67 15.46 -2.00
CA ALA A 29 -25.59 15.29 -3.13
C ALA A 29 -25.31 13.98 -3.86
N ALA A 30 -26.37 13.39 -4.44
CA ALA A 30 -26.25 12.14 -5.19
C ALA A 30 -27.20 12.12 -6.38
N VAL A 31 -26.67 11.74 -7.55
CA VAL A 31 -27.45 11.72 -8.79
C VAL A 31 -27.28 10.39 -9.55
N MET A 32 -28.41 9.81 -9.95
CA MET A 32 -28.46 8.66 -10.83
C MET A 32 -28.65 9.16 -12.26
N VAL A 33 -27.61 9.06 -13.07
CA VAL A 33 -27.64 9.55 -14.46
C VAL A 33 -27.68 8.40 -15.45
N SER A 34 -28.57 8.50 -16.43
CA SER A 34 -28.73 7.47 -17.46
C SER A 34 -28.81 8.06 -18.86
N MET A 35 -28.23 7.35 -19.81
CA MET A 35 -28.29 7.71 -21.22
C MET A 35 -28.47 6.44 -22.06
N ASP A 36 -29.72 6.13 -22.37
CA ASP A 36 -30.09 4.90 -23.10
C ASP A 36 -29.47 3.65 -22.46
N ASP A 37 -29.90 3.33 -21.24
CA ASP A 37 -29.48 2.13 -20.50
C ASP A 37 -28.10 2.17 -19.84
N THR A 38 -27.24 3.10 -20.26
CA THR A 38 -25.95 3.30 -19.59
C THR A 38 -26.14 4.23 -18.39
N ALA A 39 -25.94 3.69 -17.19
CA ALA A 39 -26.25 4.39 -15.95
C ALA A 39 -25.07 4.51 -15.02
N VAL A 40 -24.87 5.71 -14.46
CA VAL A 40 -23.77 5.97 -13.52
C VAL A 40 -24.29 6.70 -12.28
N PHE A 41 -24.06 6.11 -11.11
CA PHE A 41 -24.46 6.71 -9.84
C PHE A 41 -23.32 7.56 -9.28
N VAL A 42 -23.54 8.88 -9.25
CA VAL A 42 -22.50 9.83 -8.84
C VAL A 42 -22.88 10.55 -7.54
N THR A 43 -21.97 10.47 -6.56
CA THR A 43 -22.15 11.11 -5.26
C THR A 43 -21.05 12.14 -5.00
N VAL A 44 -21.37 13.15 -4.18
CA VAL A 44 -20.37 14.12 -3.73
C VAL A 44 -20.50 14.33 -2.21
N VAL A 45 -19.37 14.35 -1.53
CA VAL A 45 -19.31 14.73 -0.12
C VAL A 45 -18.26 15.81 0.07
N GLY A 46 -18.68 16.96 0.60
CA GLY A 46 -17.78 18.05 0.94
C GLY A 46 -17.80 18.28 2.44
N GLN A 47 -16.62 18.24 3.04
CA GLN A 47 -16.49 18.43 4.50
C GLN A 47 -16.75 19.87 4.90
N LYS A 48 -17.55 20.05 5.95
CA LYS A 48 -17.97 21.37 6.43
C LYS A 48 -16.81 22.23 6.88
N LYS A 49 -15.84 21.62 7.56
CA LYS A 49 -14.67 22.31 8.06
C LYS A 49 -13.42 21.95 7.27
N ALA A 50 -12.58 22.94 7.01
CA ALA A 50 -11.26 22.71 6.44
C ALA A 50 -10.30 22.32 7.55
N LYS A 51 -9.33 21.45 7.23
CA LYS A 51 -8.27 21.09 8.17
C LYS A 51 -7.48 22.35 8.54
N PRO A 52 -7.28 22.59 9.85
CA PRO A 52 -6.71 23.84 10.38
C PRO A 52 -5.46 24.37 9.66
N GLY A 53 -4.57 23.47 9.25
CA GLY A 53 -3.33 23.86 8.58
C GLY A 53 -3.29 23.56 7.10
N GLN A 54 -4.46 23.39 6.49
CA GLN A 54 -4.56 23.06 5.07
C GLN A 54 -4.22 24.25 4.18
N ASP A 55 -3.44 23.98 3.13
CA ASP A 55 -2.94 25.03 2.23
C ASP A 55 -3.16 24.67 0.76
N PHE A 56 -3.68 23.48 0.50
CA PHE A 56 -4.05 23.06 -0.85
C PHE A 56 -5.43 22.41 -0.88
N PHE A 57 -6.18 22.63 -1.93
CA PHE A 57 -7.50 22.04 -2.12
C PHE A 57 -7.40 20.55 -2.38
N PRO A 58 -7.96 19.74 -1.50
CA PRO A 58 -7.96 18.28 -1.66
C PRO A 58 -9.21 17.76 -2.37
N LEU A 59 -9.12 17.62 -3.68
CA LEU A 59 -10.21 17.10 -4.50
C LEU A 59 -9.86 15.72 -5.04
N THR A 60 -10.76 14.76 -4.85
CA THR A 60 -10.55 13.40 -5.30
C THR A 60 -11.77 12.89 -6.09
N VAL A 61 -11.49 12.36 -7.29
CA VAL A 61 -12.52 11.73 -8.10
C VAL A 61 -12.24 10.25 -8.27
N ASN A 62 -13.17 9.42 -7.78
CA ASN A 62 -13.07 7.97 -7.90
C ASN A 62 -14.09 7.42 -8.89
N TYR A 63 -13.61 6.93 -10.03
CA TYR A 63 -14.47 6.32 -11.05
C TYR A 63 -14.28 4.81 -11.04
N GLN A 64 -15.39 4.09 -10.90
CA GLN A 64 -15.35 2.63 -10.81
C GLN A 64 -16.45 1.95 -11.61
N GLU A 65 -16.05 0.91 -12.35
CA GLU A 65 -16.98 0.14 -13.18
C GLU A 65 -17.25 -1.21 -12.55
N ARG A 66 -18.53 -1.46 -12.23
CA ARG A 66 -18.96 -2.75 -11.72
C ARG A 66 -19.27 -3.66 -12.89
N THR A 67 -18.81 -4.91 -12.81
CA THR A 67 -18.99 -5.87 -13.90
C THR A 67 -20.43 -6.35 -14.04
N TYR A 68 -21.22 -6.19 -12.98
CA TYR A 68 -22.65 -6.53 -13.02
C TYR A 68 -23.44 -5.60 -13.93
N ALA A 69 -22.80 -4.49 -14.32
CA ALA A 69 -23.37 -3.53 -15.25
C ALA A 69 -23.54 -4.13 -16.65
N ALA A 70 -22.70 -5.11 -16.98
CA ALA A 70 -22.74 -5.78 -18.27
C ALA A 70 -23.20 -7.24 -18.16
N GLY A 71 -23.74 -7.59 -16.99
CA GLY A 71 -24.18 -8.96 -16.71
C GLY A 71 -23.02 -9.94 -16.66
N ARG A 72 -21.89 -9.47 -16.11
CA ARG A 72 -20.64 -10.24 -16.03
CA ARG A 72 -20.70 -10.29 -16.02
C ARG A 72 -20.14 -10.39 -14.60
N ILE A 73 -19.44 -11.49 -14.34
CA ILE A 73 -18.77 -11.73 -13.07
C ILE A 73 -17.27 -11.50 -13.31
N PRO A 74 -16.60 -10.75 -12.40
CA PRO A 74 -15.20 -10.38 -12.64
C PRO A 74 -14.29 -11.56 -12.96
N GLY A 75 -13.41 -11.37 -13.95
CA GLY A 75 -12.54 -12.45 -14.43
C GLY A 75 -11.32 -12.72 -13.57
N SER A 76 -11.06 -11.85 -12.60
CA SER A 76 -9.92 -11.99 -11.69
C SER A 76 -10.08 -13.19 -10.75
N PHE A 77 -8.96 -13.58 -10.14
CA PHE A 77 -8.88 -14.76 -9.27
C PHE A 77 -9.85 -14.72 -8.07
N PHE A 78 -10.11 -13.53 -7.56
CA PHE A 78 -11.01 -13.36 -6.41
C PHE A 78 -12.45 -13.07 -6.81
N ARG A 79 -12.69 -12.98 -8.12
CA ARG A 79 -14.03 -12.74 -8.70
C ARG A 79 -14.68 -11.45 -8.19
N ARG A 80 -13.85 -10.45 -7.90
CA ARG A 80 -14.30 -9.17 -7.38
C ARG A 80 -13.50 -8.03 -8.00
N GLU A 81 -14.17 -6.89 -8.22
CA GLU A 81 -13.52 -5.68 -8.72
C GLU A 81 -12.49 -5.19 -7.71
N GLY A 82 -11.31 -4.83 -8.20
CA GLY A 82 -10.21 -4.38 -7.34
C GLY A 82 -9.77 -2.96 -7.63
N ARG A 83 -8.45 -2.77 -7.67
CA ARG A 83 -7.84 -1.49 -7.99
C ARG A 83 -8.18 -1.08 -9.42
N PRO A 84 -8.47 0.23 -9.64
CA PRO A 84 -8.88 0.73 -10.95
C PRO A 84 -7.86 0.43 -12.06
N SER A 85 -8.38 0.08 -13.25
CA SER A 85 -7.56 -0.16 -14.42
C SER A 85 -7.07 1.17 -15.00
N GLU A 86 -6.20 1.10 -16.02
CA GLU A 86 -5.72 2.30 -16.68
C GLU A 86 -6.88 3.09 -17.31
N GLY A 87 -7.90 2.38 -17.78
CA GLY A 87 -9.10 2.99 -18.35
C GLY A 87 -9.94 3.74 -17.33
N GLU A 88 -10.10 3.16 -16.15
CA GLU A 88 -10.87 3.78 -15.07
C GLU A 88 -10.17 5.01 -14.48
N THR A 89 -8.84 4.95 -14.46
CA THR A 89 -8.00 6.07 -14.02
C THR A 89 -8.11 7.24 -15.00
N LEU A 90 -8.14 6.93 -16.30
CA LEU A 90 -8.24 7.94 -17.35
C LEU A 90 -9.59 8.66 -17.33
N ILE A 91 -10.66 7.93 -17.06
CA ILE A 91 -12.00 8.51 -16.99
C ILE A 91 -12.19 9.35 -15.72
N ALA A 92 -11.54 8.93 -14.64
CA ALA A 92 -11.50 9.70 -13.39
C ALA A 92 -10.84 11.07 -13.60
N ARG A 93 -9.84 11.09 -14.49
CA ARG A 93 -9.16 12.34 -14.86
C ARG A 93 -10.01 13.20 -15.80
N LEU A 94 -10.83 12.55 -16.64
CA LEU A 94 -11.76 13.26 -17.53
C LEU A 94 -12.83 14.02 -16.74
N ILE A 95 -13.12 13.53 -15.53
CA ILE A 95 -14.09 14.17 -14.64
C ILE A 95 -13.43 15.28 -13.82
N ASP A 96 -12.20 15.01 -13.35
CA ASP A 96 -11.46 15.92 -12.48
C ASP A 96 -11.02 17.21 -13.16
N ARG A 97 -10.52 17.09 -14.38
CA ARG A 97 -9.91 18.22 -15.10
C ARG A 97 -10.83 19.43 -15.36
N PRO A 98 -12.09 19.19 -15.81
CA PRO A 98 -12.96 20.35 -16.02
C PRO A 98 -13.59 20.94 -14.75
N ILE A 99 -13.73 20.13 -13.69
CA ILE A 99 -14.38 20.60 -12.46
C ILE A 99 -13.42 21.32 -11.49
N ARG A 100 -12.15 20.95 -11.54
CA ARG A 100 -11.12 21.49 -10.62
C ARG A 100 -10.98 23.01 -10.62
N PRO A 101 -10.95 23.65 -11.81
CA PRO A 101 -10.77 25.11 -11.81
C PRO A 101 -12.03 25.91 -11.46
N LEU A 102 -13.15 25.22 -11.23
CA LEU A 102 -14.42 25.90 -10.96
C LEU A 102 -14.72 26.13 -9.47
N PHE A 103 -13.90 25.52 -8.60
CA PHE A 103 -13.96 25.80 -7.18
C PHE A 103 -13.22 27.11 -6.91
N PRO A 104 -13.83 27.99 -6.12
CA PRO A 104 -13.28 29.34 -5.91
C PRO A 104 -11.84 29.28 -5.41
N GLU A 105 -10.99 30.14 -5.95
CA GLU A 105 -9.65 30.33 -5.41
C GLU A 105 -9.69 30.63 -3.90
N GLY A 106 -9.05 29.77 -3.11
CA GLY A 106 -9.03 29.94 -1.68
C GLY A 106 -9.71 28.79 -0.95
N PHE A 107 -10.49 28.01 -1.68
CA PHE A 107 -11.38 27.03 -1.08
C PHE A 107 -10.67 25.69 -0.90
N VAL A 108 -10.49 25.29 0.35
CA VAL A 108 -9.62 24.15 0.69
C VAL A 108 -10.30 23.05 1.53
N ASN A 109 -11.63 23.04 1.54
CA ASN A 109 -12.38 21.94 2.16
C ASN A 109 -12.27 20.69 1.30
N GLU A 110 -12.15 19.53 1.95
CA GLU A 110 -12.00 18.26 1.24
C GLU A 110 -13.29 17.87 0.52
N VAL A 111 -13.16 17.62 -0.79
CA VAL A 111 -14.28 17.23 -1.63
C VAL A 111 -13.98 15.90 -2.33
N GLN A 112 -14.91 14.95 -2.24
CA GLN A 112 -14.77 13.67 -2.91
C GLN A 112 -15.97 13.36 -3.80
N VAL A 113 -15.68 13.04 -5.06
CA VAL A 113 -16.70 12.64 -6.03
C VAL A 113 -16.50 11.16 -6.38
N ILE A 114 -17.54 10.36 -6.16
CA ILE A 114 -17.48 8.93 -6.47
C ILE A 114 -18.51 8.57 -7.55
N ALA A 115 -18.01 8.12 -8.70
CA ALA A 115 -18.87 7.69 -9.80
C ALA A 115 -18.82 6.18 -9.99
N THR A 116 -19.97 5.54 -9.89
CA THR A 116 -20.08 4.09 -10.00
C THR A 116 -20.99 3.71 -11.18
N VAL A 117 -20.43 3.00 -12.15
CA VAL A 117 -21.18 2.51 -13.30
C VAL A 117 -21.96 1.26 -12.89
N VAL A 118 -23.28 1.36 -12.92
CA VAL A 118 -24.16 0.30 -12.44
C VAL A 118 -24.95 -0.42 -13.56
N SER A 119 -24.91 0.16 -14.75
CA SER A 119 -25.57 -0.40 -15.93
C SER A 119 -24.90 0.12 -17.19
N VAL A 120 -24.74 -0.74 -18.20
CA VAL A 120 -24.08 -0.33 -19.44
C VAL A 120 -24.68 -0.89 -20.74
N ASN A 121 -25.08 0.02 -21.60
CA ASN A 121 -25.39 -0.26 -22.99
C ASN A 121 -24.06 -0.23 -23.75
N PRO A 122 -23.67 -1.37 -24.36
CA PRO A 122 -22.35 -1.49 -25.00
C PRO A 122 -22.13 -0.60 -26.23
N GLN A 123 -23.12 0.22 -26.56
CA GLN A 123 -22.98 1.22 -27.61
C GLN A 123 -22.85 2.64 -27.05
N VAL A 124 -23.17 2.81 -25.77
CA VAL A 124 -23.09 4.11 -25.11
C VAL A 124 -22.00 4.13 -24.02
N ASN A 125 -20.95 4.91 -24.27
CA ASN A 125 -19.81 5.04 -23.36
C ASN A 125 -20.19 5.75 -22.06
N PRO A 126 -19.92 5.10 -20.91
CA PRO A 126 -20.22 5.68 -19.59
C PRO A 126 -19.44 6.94 -19.20
N ASP A 127 -18.36 7.28 -19.91
CA ASP A 127 -17.52 8.43 -19.52
C ASP A 127 -18.24 9.78 -19.58
N ILE A 128 -19.00 10.00 -20.67
CA ILE A 128 -19.80 11.23 -20.82
C ILE A 128 -20.92 11.26 -19.78
N VAL A 129 -21.54 10.11 -19.55
CA VAL A 129 -22.61 9.95 -18.56
C VAL A 129 -22.11 10.27 -17.15
N ALA A 130 -20.89 9.83 -16.84
CA ALA A 130 -20.26 10.07 -15.54
C ALA A 130 -19.90 11.54 -15.33
N MET A 131 -19.49 12.21 -16.40
CA MET A 131 -19.14 13.63 -16.36
C MET A 131 -20.36 14.52 -16.11
N ILE A 132 -21.48 14.15 -16.72
CA ILE A 132 -22.75 14.84 -16.51
C ILE A 132 -23.25 14.65 -15.08
N GLY A 133 -23.02 13.45 -14.55
CA GLY A 133 -23.38 13.11 -13.17
C GLY A 133 -22.64 13.92 -12.13
N ALA A 134 -21.34 14.10 -12.35
CA ALA A 134 -20.48 14.88 -11.46
C ALA A 134 -20.86 16.36 -11.48
N SER A 135 -21.21 16.86 -12.66
CA SER A 135 -21.66 18.24 -12.83
C SER A 135 -22.98 18.48 -12.11
N ALA A 136 -23.90 17.53 -12.22
CA ALA A 136 -25.23 17.62 -11.60
C ALA A 136 -25.14 17.54 -10.08
N ALA A 137 -24.37 16.58 -9.58
CA ALA A 137 -24.21 16.36 -8.14
C ALA A 137 -23.51 17.53 -7.45
N LEU A 138 -22.48 18.08 -8.10
CA LEU A 138 -21.77 19.24 -7.55
C LEU A 138 -22.63 20.51 -7.54
N SER A 139 -23.43 20.68 -8.59
CA SER A 139 -24.33 21.83 -8.69
C SER A 139 -25.46 21.76 -7.68
N LEU A 140 -25.91 20.54 -7.37
CA LEU A 140 -26.98 20.32 -6.40
C LEU A 140 -26.51 20.40 -4.95
N SER A 141 -25.22 20.15 -4.73
CA SER A 141 -24.66 19.99 -3.38
C SER A 141 -24.67 21.25 -2.52
N GLY A 142 -24.48 22.41 -3.16
CA GLY A 142 -24.37 23.67 -2.43
C GLY A 142 -22.91 24.02 -2.15
N ILE A 143 -22.02 23.07 -2.39
CA ILE A 143 -20.58 23.29 -2.31
C ILE A 143 -20.21 24.38 -3.31
N PRO A 144 -19.45 25.41 -2.86
CA PRO A 144 -19.00 26.49 -3.74
C PRO A 144 -18.39 25.95 -5.04
N PHE A 145 -19.11 26.14 -6.14
CA PHE A 145 -18.77 25.52 -7.41
C PHE A 145 -19.38 26.35 -8.54
N ASN A 146 -18.53 26.86 -9.43
CA ASN A 146 -18.97 27.77 -10.48
C ASN A 146 -19.38 27.07 -11.78
N GLY A 147 -20.13 25.99 -11.64
CA GLY A 147 -20.67 25.26 -12.79
C GLY A 147 -22.08 25.72 -13.13
N PRO A 148 -22.89 24.84 -13.74
CA PRO A 148 -22.57 23.46 -14.12
C PRO A 148 -21.79 23.38 -15.43
N ILE A 149 -21.08 22.27 -15.61
CA ILE A 149 -20.43 21.98 -16.89
C ILE A 149 -21.25 20.99 -17.72
N GLY A 150 -21.04 21.02 -19.03
CA GLY A 150 -21.57 20.00 -19.92
C GLY A 150 -20.45 19.08 -20.36
N ALA A 151 -20.80 18.06 -21.14
CA ALA A 151 -19.83 17.11 -21.68
C ALA A 151 -20.32 16.53 -23.00
N ALA A 152 -19.42 16.48 -23.99
CA ALA A 152 -19.76 15.99 -25.32
C ALA A 152 -18.59 15.30 -26.01
N ARG A 153 -18.86 14.16 -26.62
CA ARG A 153 -17.92 13.52 -27.53
C ARG A 153 -18.28 13.91 -28.97
N VAL A 154 -17.27 14.31 -29.74
CA VAL A 154 -17.45 14.71 -31.12
C VAL A 154 -16.70 13.77 -32.07
N GLY A 155 -17.42 13.27 -33.08
CA GLY A 155 -16.83 12.45 -34.13
C GLY A 155 -16.73 13.22 -35.44
N TYR A 156 -16.09 12.61 -36.43
CA TYR A 156 -15.95 13.21 -37.75
C TYR A 156 -16.13 12.14 -38.83
N ILE A 157 -17.38 11.96 -39.24
CA ILE A 157 -17.75 10.92 -40.21
C ILE A 157 -18.31 11.57 -41.48
N ASN A 158 -17.72 11.23 -42.62
CA ASN A 158 -18.06 11.82 -43.93
C ASN A 158 -17.87 13.34 -43.96
N ASP A 159 -16.81 13.82 -43.30
CA ASP A 159 -16.47 15.24 -43.23
C ASP A 159 -17.55 16.08 -42.51
N GLN A 160 -18.29 15.43 -41.61
CA GLN A 160 -19.31 16.09 -40.81
C GLN A 160 -19.11 15.76 -39.34
N TYR A 161 -19.37 16.75 -38.48
CA TYR A 161 -19.29 16.54 -37.03
C TYR A 161 -20.48 15.73 -36.52
N VAL A 162 -20.21 14.76 -35.67
CA VAL A 162 -21.25 13.89 -35.10
C VAL A 162 -21.20 13.93 -33.57
N LEU A 163 -22.34 14.21 -32.95
CA LEU A 163 -22.46 14.28 -31.50
C LEU A 163 -22.62 12.90 -30.87
N ASN A 164 -21.80 12.63 -29.85
CA ASN A 164 -21.79 11.36 -29.13
C ASN A 164 -21.99 10.13 -30.03
N PRO A 165 -21.02 9.88 -30.95
CA PRO A 165 -21.17 8.72 -31.82
C PRO A 165 -21.07 7.42 -31.02
N THR A 166 -21.84 6.42 -31.44
CA THR A 166 -21.81 5.10 -30.81
C THR A 166 -20.45 4.43 -31.05
N GLN A 167 -20.21 3.30 -30.36
CA GLN A 167 -18.96 2.56 -30.52
C GLN A 167 -18.77 2.04 -31.94
N ASP A 168 -19.88 1.69 -32.60
CA ASP A 168 -19.86 1.24 -33.99
C ASP A 168 -19.60 2.40 -34.96
N GLU A 169 -20.14 3.57 -34.65
CA GLU A 169 -19.97 4.76 -35.48
C GLU A 169 -18.56 5.35 -35.38
N LEU A 170 -17.92 5.17 -34.23
CA LEU A 170 -16.54 5.64 -34.01
C LEU A 170 -15.53 4.92 -34.90
N LYS A 171 -15.85 3.69 -35.29
CA LYS A 171 -15.00 2.88 -36.17
C LYS A 171 -14.81 3.51 -37.55
N GLU A 172 -15.73 4.39 -37.94
CA GLU A 172 -15.67 5.09 -39.23
C GLU A 172 -15.31 6.57 -39.06
N SER A 173 -14.97 6.95 -37.82
CA SER A 173 -14.66 8.34 -37.50
C SER A 173 -13.16 8.65 -37.58
N LYS A 174 -12.84 9.82 -38.12
CA LYS A 174 -11.46 10.31 -38.19
C LYS A 174 -11.08 11.08 -36.92
N LEU A 175 -12.04 11.18 -36.00
CA LEU A 175 -11.86 11.96 -34.78
C LEU A 175 -12.59 11.37 -33.58
N ASP A 176 -11.91 11.38 -32.43
CA ASP A 176 -12.50 11.03 -31.14
C ASP A 176 -12.15 12.13 -30.14
N LEU A 177 -13.05 13.10 -30.01
CA LEU A 177 -12.80 14.29 -29.20
C LEU A 177 -13.81 14.44 -28.07
N VAL A 178 -13.32 14.80 -26.89
CA VAL A 178 -14.19 15.09 -25.73
C VAL A 178 -13.95 16.52 -25.27
N VAL A 179 -15.02 17.31 -25.21
CA VAL A 179 -14.95 18.70 -24.76
C VAL A 179 -15.94 18.97 -23.63
N ALA A 180 -15.46 19.62 -22.57
CA ALA A 180 -16.28 20.01 -21.43
C ALA A 180 -16.09 21.48 -21.10
N GLY A 181 -17.17 22.13 -20.67
CA GLY A 181 -17.12 23.55 -20.33
C GLY A 181 -18.41 24.09 -19.76
N THR A 182 -18.37 25.34 -19.34
CA THR A 182 -19.53 26.04 -18.77
C THR A 182 -20.42 26.59 -19.88
N GLU A 183 -21.41 27.41 -19.50
CA GLU A 183 -22.25 28.12 -20.46
C GLU A 183 -21.40 29.11 -21.28
N ALA A 184 -20.40 29.68 -20.63
CA ALA A 184 -19.58 30.74 -21.23
C ALA A 184 -18.35 30.22 -21.99
N ALA A 185 -17.64 29.25 -21.42
CA ALA A 185 -16.33 28.87 -21.95
C ALA A 185 -15.99 27.38 -21.92
N VAL A 186 -15.05 27.01 -22.80
CA VAL A 186 -14.45 25.67 -22.83
C VAL A 186 -13.43 25.58 -21.70
N LEU A 187 -13.39 24.44 -21.01
CA LEU A 187 -12.46 24.23 -19.90
C LEU A 187 -11.49 23.08 -20.15
N MET A 188 -11.95 22.05 -20.85
CA MET A 188 -11.18 20.82 -21.04
C MET A 188 -11.41 20.19 -22.41
N VAL A 189 -10.33 19.77 -23.05
CA VAL A 189 -10.38 19.03 -24.31
C VAL A 189 -9.40 17.84 -24.28
N GLU A 190 -9.90 16.66 -24.68
CA GLU A 190 -9.09 15.47 -24.83
C GLU A 190 -9.46 14.79 -26.15
N SER A 191 -8.47 14.60 -27.02
CA SER A 191 -8.74 14.09 -28.37
C SER A 191 -7.60 13.32 -29.03
N GLU A 192 -7.99 12.42 -29.93
CA GLU A 192 -7.08 11.82 -30.91
C GLU A 192 -7.72 11.95 -32.29
N ALA A 193 -6.90 12.31 -33.28
CA ALA A 193 -7.38 12.52 -34.64
C ALA A 193 -6.45 11.92 -35.68
N GLU A 194 -7.01 11.61 -36.85
CA GLU A 194 -6.22 11.08 -37.96
C GLU A 194 -5.69 12.20 -38.84
N LEU A 195 -4.79 13.00 -38.27
CA LEU A 195 -4.11 14.11 -38.94
C LEU A 195 -5.08 15.10 -39.60
N LEU A 196 -5.98 15.67 -38.80
CA LEU A 196 -6.94 16.66 -39.26
C LEU A 196 -6.35 18.07 -39.16
N SER A 197 -6.91 19.01 -39.92
CA SER A 197 -6.41 20.38 -39.95
C SER A 197 -6.78 21.19 -38.70
N GLU A 198 -6.17 22.35 -38.56
CA GLU A 198 -6.43 23.26 -37.44
C GLU A 198 -7.87 23.75 -37.41
N ASP A 199 -8.43 24.04 -38.58
CA ASP A 199 -9.82 24.48 -38.71
C ASP A 199 -10.81 23.36 -38.37
N GLN A 200 -10.47 22.14 -38.75
CA GLN A 200 -11.30 20.96 -38.47
C GLN A 200 -11.32 20.63 -36.98
N MET A 201 -10.18 20.80 -36.32
CA MET A 201 -10.07 20.52 -34.88
C MET A 201 -10.76 21.59 -34.03
N LEU A 202 -10.64 22.85 -34.46
CA LEU A 202 -11.29 23.97 -33.77
C LEU A 202 -12.81 23.91 -33.91
N GLY A 203 -13.28 23.55 -35.11
CA GLY A 203 -14.71 23.40 -35.37
C GLY A 203 -15.36 22.33 -34.53
N ALA A 204 -14.60 21.27 -34.22
CA ALA A 204 -15.07 20.18 -33.36
C ALA A 204 -15.25 20.63 -31.92
N VAL A 205 -14.33 21.46 -31.43
CA VAL A 205 -14.38 22.01 -30.08
C VAL A 205 -15.59 22.94 -29.94
N VAL A 206 -15.79 23.79 -30.96
CA VAL A 206 -16.93 24.73 -30.99
C VAL A 206 -18.26 23.97 -31.09
N PHE A 207 -18.32 22.96 -31.95
CA PHE A 207 -19.50 22.13 -32.13
C PHE A 207 -19.94 21.46 -30.82
N GLY A 208 -18.99 20.78 -30.17
CA GLY A 208 -19.26 20.08 -28.91
C GLY A 208 -19.65 20.99 -27.76
N HIS A 209 -19.08 22.19 -27.73
CA HIS A 209 -19.42 23.19 -26.72
C HIS A 209 -20.81 23.78 -26.94
N GLU A 210 -21.21 23.89 -28.21
CA GLU A 210 -22.54 24.38 -28.57
C GLU A 210 -23.62 23.33 -28.28
N GLN A 211 -23.31 22.07 -28.58
CA GLN A 211 -24.25 20.96 -28.43
C GLN A 211 -24.55 20.62 -26.96
N GLN A 212 -23.58 20.85 -26.08
CA GLN A 212 -23.70 20.47 -24.67
C GLN A 212 -24.44 21.48 -23.81
N GLN A 213 -24.88 22.58 -24.41
CA GLN A 213 -25.61 23.62 -23.68
C GLN A 213 -26.95 23.13 -23.13
N VAL A 214 -27.55 22.17 -23.82
CA VAL A 214 -28.81 21.56 -23.39
C VAL A 214 -28.64 20.77 -22.07
N VAL A 215 -27.45 20.21 -21.86
CA VAL A 215 -27.10 19.52 -20.62
C VAL A 215 -27.02 20.53 -19.47
N ILE A 216 -26.33 21.65 -19.73
CA ILE A 216 -26.16 22.72 -18.74
C ILE A 216 -27.49 23.36 -18.35
N GLN A 217 -28.36 23.57 -19.34
CA GLN A 217 -29.68 24.16 -19.12
C GLN A 217 -30.57 23.28 -18.24
N ASN A 218 -30.52 21.97 -18.48
CA ASN A 218 -31.32 21.00 -17.73
C ASN A 218 -30.84 20.77 -16.29
N ILE A 219 -29.52 20.88 -16.08
CA ILE A 219 -28.96 20.81 -14.74
C ILE A 219 -29.36 22.05 -13.93
N ASN A 220 -29.29 23.21 -14.58
CA ASN A 220 -29.75 24.47 -13.98
C ASN A 220 -31.20 24.41 -13.51
N GLU A 221 -32.05 23.76 -14.30
CA GLU A 221 -33.47 23.59 -13.97
C GLU A 221 -33.68 22.59 -12.83
N LEU A 222 -32.85 21.54 -12.80
CA LEU A 222 -32.90 20.54 -11.73
C LEU A 222 -32.42 21.13 -10.40
N VAL A 223 -31.46 22.04 -10.48
CA VAL A 223 -30.93 22.74 -9.30
C VAL A 223 -31.96 23.70 -8.70
N LYS A 224 -32.72 24.37 -9.58
CA LYS A 224 -33.81 25.25 -9.14
C LYS A 224 -34.90 24.47 -8.40
N GLU A 225 -35.11 23.23 -8.82
CA GLU A 225 -36.09 22.34 -8.18
C GLU A 225 -35.58 21.76 -6.86
N ALA A 226 -34.39 21.16 -6.89
CA ALA A 226 -33.94 20.30 -5.78
C ALA A 226 -32.57 20.63 -5.18
N GLY A 227 -31.93 21.70 -5.65
CA GLY A 227 -30.61 22.09 -5.16
C GLY A 227 -30.60 22.54 -3.71
N LYS A 228 -29.61 22.07 -2.96
CA LYS A 228 -29.39 22.50 -1.57
C LYS A 228 -28.80 23.92 -1.57
N PRO A 229 -29.15 24.73 -0.56
CA PRO A 229 -28.67 26.12 -0.55
C PRO A 229 -27.15 26.22 -0.54
N ARG A 230 -26.63 27.18 -1.30
CA ARG A 230 -25.19 27.40 -1.41
C ARG A 230 -24.56 27.65 -0.04
N TRP A 231 -23.41 27.04 0.18
CA TRP A 231 -22.67 27.16 1.43
C TRP A 231 -22.33 28.61 1.75
N ASP A 232 -22.46 28.98 3.02
CA ASP A 232 -22.05 30.31 3.48
C ASP A 232 -20.54 30.33 3.64
N TRP A 233 -19.84 30.57 2.54
CA TRP A 233 -18.38 30.54 2.52
C TRP A 233 -17.81 31.80 1.88
N GLN A 234 -16.73 32.31 2.47
CA GLN A 234 -16.01 33.47 1.95
C GLN A 234 -14.51 33.18 1.91
N PRO A 235 -13.79 33.76 0.93
CA PRO A 235 -12.32 33.74 1.02
C PRO A 235 -11.84 34.67 2.12
N GLU A 236 -10.62 34.44 2.60
CA GLU A 236 -10.01 35.30 3.63
C GLU A 236 -9.90 36.73 3.09
N PRO A 237 -10.34 37.72 3.89
CA PRO A 237 -10.33 39.11 3.43
C PRO A 237 -8.92 39.62 3.13
N VAL A 238 -8.83 40.55 2.18
CA VAL A 238 -7.56 41.14 1.78
C VAL A 238 -6.95 41.95 2.92
N ASN A 239 -5.73 41.58 3.32
CA ASN A 239 -4.97 42.30 4.33
C ASN A 239 -3.93 43.19 3.65
N GLU A 240 -4.35 44.43 3.37
CA GLU A 240 -3.53 45.38 2.59
C GLU A 240 -2.22 45.77 3.26
N ALA A 241 -2.23 45.84 4.58
CA ALA A 241 -1.06 46.21 5.36
C ALA A 241 0.01 45.11 5.38
N LEU A 242 -0.43 43.86 5.48
CA LEU A 242 0.48 42.72 5.47
C LEU A 242 1.06 42.48 4.07
N ASN A 243 0.24 42.73 3.05
CA ASN A 243 0.68 42.65 1.65
C ASN A 243 1.83 43.62 1.35
N ALA A 244 1.68 44.85 1.84
CA ALA A 244 2.68 45.91 1.65
C ALA A 244 3.99 45.60 2.39
N ARG A 245 3.86 44.95 3.55
CA ARG A 245 5.03 44.55 4.35
C ARG A 245 5.81 43.43 3.66
N VAL A 246 5.10 42.49 3.04
CA VAL A 246 5.72 41.40 2.28
C VAL A 246 6.35 41.96 1.00
N ALA A 247 5.62 42.85 0.33
CA ALA A 247 6.09 43.49 -0.91
C ALA A 247 7.34 44.34 -0.70
N ALA A 248 7.43 44.99 0.46
CA ALA A 248 8.59 45.81 0.82
C ALA A 248 9.85 44.98 1.02
N LEU A 249 9.67 43.71 1.37
CA LEU A 249 10.79 42.80 1.60
C LEU A 249 11.11 41.92 0.39
N ALA A 250 10.13 41.70 -0.48
CA ALA A 250 10.25 40.64 -1.50
C ALA A 250 10.08 41.03 -2.97
N GLU A 251 9.23 42.01 -3.27
CA GLU A 251 8.88 42.31 -4.67
C GLU A 251 10.07 42.57 -5.59
N ALA A 252 10.95 43.48 -5.18
CA ALA A 252 12.14 43.84 -5.98
C ALA A 252 13.11 42.67 -6.15
N ARG A 253 13.22 41.84 -5.12
CA ARG A 253 14.09 40.66 -5.15
C ARG A 253 13.51 39.56 -6.04
N LEU A 254 12.20 39.39 -5.99
CA LEU A 254 11.50 38.39 -6.81
C LEU A 254 11.44 38.79 -8.28
N SER A 255 11.41 40.09 -8.54
CA SER A 255 11.44 40.62 -9.91
C SER A 255 12.78 40.33 -10.59
N ASP A 256 13.86 40.43 -9.82
CA ASP A 256 15.21 40.14 -10.28
C ASP A 256 15.44 38.64 -10.42
N ALA A 257 14.84 37.87 -9.50
CA ALA A 257 14.98 36.41 -9.48
C ALA A 257 14.38 35.76 -10.73
N TYR A 258 13.30 36.34 -11.25
CA TYR A 258 12.65 35.82 -12.44
C TYR A 258 13.25 36.32 -13.75
N ARG A 259 14.45 36.90 -13.64
CA ARG A 259 15.28 37.23 -14.81
C ARG A 259 16.40 36.20 -14.97
N ILE A 260 16.56 35.35 -13.96
CA ILE A 260 17.50 34.23 -14.02
C ILE A 260 16.90 33.13 -14.89
N THR A 261 17.63 32.76 -15.95
CA THR A 261 17.14 31.83 -16.97
C THR A 261 17.23 30.37 -16.52
N ASP A 262 18.37 30.00 -15.92
CA ASP A 262 18.60 28.64 -15.44
C ASP A 262 17.61 28.28 -14.34
N LYS A 263 16.90 27.17 -14.54
CA LYS A 263 15.85 26.73 -13.62
C LYS A 263 16.36 26.50 -12.20
N GLN A 264 17.46 25.76 -12.08
CA GLN A 264 18.05 25.40 -10.78
C GLN A 264 18.54 26.62 -10.00
N GLU A 265 19.15 27.57 -10.72
CA GLU A 265 19.62 28.82 -10.13
C GLU A 265 18.45 29.73 -9.71
N ARG A 266 17.38 29.72 -10.50
CA ARG A 266 16.22 30.56 -10.23
C ARG A 266 15.44 30.06 -9.02
N TYR A 267 15.23 28.75 -8.96
CA TYR A 267 14.46 28.15 -7.88
C TYR A 267 15.20 28.27 -6.55
N ALA A 268 16.51 28.09 -6.59
CA ALA A 268 17.35 28.25 -5.40
C ALA A 268 17.26 29.68 -4.86
N GLN A 269 17.28 30.66 -5.77
CA GLN A 269 17.22 32.07 -5.39
C GLN A 269 15.85 32.45 -4.85
N VAL A 270 14.79 31.97 -5.52
CA VAL A 270 13.41 32.20 -5.09
C VAL A 270 13.17 31.64 -3.68
N ASP A 271 13.75 30.47 -3.41
CA ASP A 271 13.65 29.82 -2.10
C ASP A 271 14.34 30.64 -1.00
N VAL A 272 15.52 31.20 -1.32
CA VAL A 272 16.26 32.05 -0.39
C VAL A 272 15.45 33.31 -0.05
N ILE A 273 14.87 33.93 -1.08
CA ILE A 273 14.05 35.13 -0.92
C ILE A 273 12.82 34.85 -0.04
N LYS A 274 12.14 33.73 -0.29
CA LYS A 274 10.97 33.33 0.49
C LYS A 274 11.32 32.99 1.93
N SER A 275 12.43 32.27 2.12
CA SER A 275 12.90 31.85 3.44
C SER A 275 13.29 33.05 4.31
N GLU A 276 14.01 34.00 3.73
CA GLU A 276 14.49 35.18 4.45
C GLU A 276 13.37 36.17 4.79
N THR A 277 12.40 36.29 3.88
CA THR A 277 11.24 37.17 4.09
C THR A 277 10.35 36.66 5.22
N ILE A 278 10.08 35.36 5.22
CA ILE A 278 9.26 34.73 6.25
C ILE A 278 9.96 34.79 7.62
N ALA A 279 11.26 34.50 7.64
CA ALA A 279 12.06 34.53 8.87
C ALA A 279 12.13 35.93 9.51
N THR A 280 12.26 36.95 8.66
CA THR A 280 12.29 38.34 9.12
C THR A 280 10.95 38.76 9.72
N LEU A 281 9.86 38.47 9.01
CA LEU A 281 8.51 38.82 9.44
C LEU A 281 8.07 38.05 10.68
N LEU A 282 8.52 36.81 10.81
CA LEU A 282 8.20 35.99 11.99
C LEU A 282 8.93 36.44 13.25
N ALA A 283 10.08 37.09 13.09
CA ALA A 283 10.84 37.64 14.21
C ALA A 283 10.21 38.92 14.75
N GLU A 284 9.58 39.68 13.84
CA GLU A 284 8.86 40.91 14.21
C GLU A 284 7.54 40.58 14.90
N ASP A 285 6.96 39.43 14.53
CA ASP A 285 5.66 38.99 15.03
C ASP A 285 5.56 37.48 14.84
N GLU A 286 5.58 36.75 15.96
CA GLU A 286 5.62 35.27 15.93
C GLU A 286 4.27 34.62 15.65
N THR A 287 3.20 35.41 15.70
CA THR A 287 1.84 34.90 15.51
C THR A 287 1.33 35.03 14.08
N LEU A 288 2.16 35.60 13.20
CA LEU A 288 1.82 35.72 11.78
C LEU A 288 1.72 34.34 11.13
N ASP A 289 0.64 34.14 10.37
CA ASP A 289 0.38 32.85 9.73
C ASP A 289 1.34 32.59 8.57
N GLU A 290 2.02 31.45 8.64
CA GLU A 290 3.05 31.09 7.66
C GLU A 290 2.49 30.77 6.27
N ASN A 291 1.38 30.03 6.24
CA ASN A 291 0.70 29.72 4.98
C ASN A 291 0.22 30.97 4.24
N GLU A 292 -0.25 31.96 5.00
CA GLU A 292 -0.71 33.23 4.44
C GLU A 292 0.44 34.01 3.81
N LEU A 293 1.60 34.02 4.48
CA LEU A 293 2.79 34.71 3.96
C LEU A 293 3.27 34.09 2.65
N GLY A 294 3.16 32.76 2.55
CA GLY A 294 3.50 32.03 1.33
C GLY A 294 2.53 32.32 0.20
N GLU A 295 1.27 32.57 0.55
CA GLU A 295 0.22 32.92 -0.42
C GLU A 295 0.44 34.32 -1.02
N ILE A 296 0.86 35.25 -0.17
CA ILE A 296 1.17 36.62 -0.60
C ILE A 296 2.44 36.63 -1.47
N LEU A 297 3.42 35.81 -1.08
CA LEU A 297 4.66 35.64 -1.84
C LEU A 297 4.41 35.02 -3.22
N HIS A 298 3.49 34.06 -3.28
CA HIS A 298 3.12 33.42 -4.54
C HIS A 298 2.40 34.39 -5.47
N ALA A 299 1.60 35.29 -4.89
CA ALA A 299 0.87 36.30 -5.65
C ALA A 299 1.80 37.33 -6.31
N ILE A 300 2.93 37.59 -5.66
CA ILE A 300 3.93 38.54 -6.19
C ILE A 300 4.66 37.93 -7.40
N GLU A 301 5.14 36.70 -7.26
CA GLU A 301 5.77 35.95 -8.36
C GLU A 301 4.85 35.94 -9.57
N LYS A 302 3.59 35.59 -9.32
CA LYS A 302 2.57 35.49 -10.35
C LYS A 302 2.41 36.82 -11.09
N ASN A 303 2.31 37.91 -10.33
CA ASN A 303 2.16 39.25 -10.90
C ASN A 303 3.39 39.70 -11.70
N VAL A 304 4.58 39.37 -11.20
CA VAL A 304 5.84 39.73 -11.87
C VAL A 304 5.95 39.06 -13.25
N VAL A 305 5.69 37.76 -13.30
CA VAL A 305 5.79 36.98 -14.53
C VAL A 305 4.66 37.34 -15.51
N ARG A 306 3.43 37.43 -15.00
CA ARG A 306 2.26 37.74 -15.83
C ARG A 306 2.33 39.11 -16.49
N SER A 307 2.78 40.12 -15.74
CA SER A 307 2.83 41.50 -16.22
C SER A 307 3.92 41.74 -17.26
N ARG A 308 5.01 40.99 -17.17
CA ARG A 308 6.10 41.07 -18.15
C ARG A 308 5.70 40.47 -19.49
N VAL A 309 4.84 39.46 -19.45
CA VAL A 309 4.30 38.83 -20.65
C VAL A 309 3.34 39.79 -21.39
N LEU A 310 2.43 40.40 -20.64
CA LEU A 310 1.44 41.33 -21.20
C LEU A 310 2.07 42.61 -21.74
N ALA A 311 3.20 43.00 -21.16
CA ALA A 311 3.91 44.22 -21.57
C ALA A 311 4.85 43.99 -22.76
N GLY A 312 4.97 42.74 -23.20
CA GLY A 312 5.77 42.39 -24.37
C GLY A 312 7.27 42.37 -24.11
N GLU A 313 7.65 42.14 -22.85
CA GLU A 313 9.06 42.03 -22.45
C GLU A 313 9.56 40.59 -22.59
N PRO A 314 10.89 40.39 -22.70
CA PRO A 314 11.45 39.05 -22.80
C PRO A 314 10.99 38.13 -21.67
N ARG A 315 10.72 36.87 -22.02
CA ARG A 315 10.27 35.87 -21.04
C ARG A 315 11.37 35.54 -20.04
N ILE A 316 11.03 34.73 -19.04
CA ILE A 316 11.96 34.35 -17.97
C ILE A 316 13.35 33.96 -18.49
N ASP A 317 13.38 33.16 -19.56
CA ASP A 317 14.64 32.70 -20.15
C ASP A 317 15.14 33.57 -21.33
N GLY A 318 14.50 34.72 -21.53
CA GLY A 318 14.93 35.68 -22.55
C GLY A 318 14.25 35.55 -23.90
N ARG A 319 13.42 34.51 -24.05
CA ARG A 319 12.72 34.24 -25.30
C ARG A 319 11.61 35.25 -25.61
N GLU A 320 11.30 35.39 -26.89
CA GLU A 320 10.10 36.11 -27.31
C GLU A 320 8.93 35.13 -27.30
N LYS A 321 7.71 35.64 -27.44
CA LYS A 321 6.49 34.85 -27.26
C LYS A 321 6.39 33.57 -28.12
N ASP A 322 7.04 33.58 -29.28
CA ASP A 322 6.93 32.48 -30.24
C ASP A 322 8.22 31.67 -30.45
N MET A 323 9.21 31.88 -29.58
CA MET A 323 10.49 31.17 -29.68
C MET A 323 10.45 29.80 -29.02
N ILE A 324 11.01 28.81 -29.72
CA ILE A 324 11.15 27.45 -29.19
C ILE A 324 12.54 27.31 -28.58
N ARG A 325 12.63 26.53 -27.51
CA ARG A 325 13.90 26.29 -26.83
C ARG A 325 14.87 25.47 -27.68
N GLY A 326 16.14 25.44 -27.28
CA GLY A 326 17.18 24.67 -27.96
C GLY A 326 16.87 23.19 -28.01
N LEU A 327 17.17 22.57 -29.15
CA LEU A 327 16.86 21.16 -29.36
C LEU A 327 18.11 20.31 -29.51
N ASP A 328 18.08 19.12 -28.91
CA ASP A 328 19.10 18.10 -29.14
C ASP A 328 18.42 16.76 -29.39
N VAL A 329 18.65 16.22 -30.58
CA VAL A 329 18.01 15.00 -31.04
C VAL A 329 19.07 13.92 -31.28
N ARG A 330 18.91 12.78 -30.62
CA ARG A 330 19.84 11.66 -30.78
C ARG A 330 19.10 10.35 -30.97
N THR A 331 19.69 9.46 -31.76
CA THR A 331 19.10 8.15 -32.04
C THR A 331 20.15 7.05 -31.89
N GLY A 332 19.68 5.85 -31.54
CA GLY A 332 20.56 4.71 -31.29
C GLY A 332 21.50 4.95 -30.12
N VAL A 333 20.91 5.25 -28.97
CA VAL A 333 21.67 5.65 -27.78
C VAL A 333 21.92 4.49 -26.81
N LEU A 334 21.11 3.43 -26.93
CA LEU A 334 21.28 2.23 -26.12
C LEU A 334 21.62 1.01 -27.00
N PRO A 335 22.62 0.21 -26.59
CA PRO A 335 23.15 -0.85 -27.46
C PRO A 335 22.28 -2.09 -27.70
N ARG A 336 21.46 -2.50 -26.72
CA ARG A 336 20.70 -3.74 -26.85
C ARG A 336 19.19 -3.58 -27.08
N THR A 337 18.74 -2.33 -27.15
CA THR A 337 17.34 -2.04 -27.38
C THR A 337 17.03 -2.05 -28.89
N HIS A 338 15.79 -2.36 -29.25
CA HIS A 338 15.41 -2.42 -30.67
C HIS A 338 15.47 -1.04 -31.33
N GLY A 339 15.02 -0.03 -30.59
CA GLY A 339 15.11 1.37 -31.04
C GLY A 339 15.15 2.30 -29.85
N SER A 340 16.09 3.24 -29.87
CA SER A 340 16.23 4.20 -28.77
C SER A 340 16.46 5.62 -29.27
N ALA A 341 16.05 6.59 -28.47
CA ALA A 341 16.22 7.99 -28.78
C ALA A 341 16.33 8.83 -27.51
N LEU A 342 17.15 9.88 -27.58
CA LEU A 342 17.23 10.88 -26.53
C LEU A 342 16.83 12.24 -27.10
N PHE A 343 15.67 12.73 -26.65
CA PHE A 343 15.14 13.99 -27.12
C PHE A 343 15.21 15.07 -26.03
N THR A 344 15.88 16.17 -26.34
CA THR A 344 16.06 17.27 -25.39
C THR A 344 15.54 18.58 -25.96
N ARG A 345 14.63 19.21 -25.24
CA ARG A 345 14.16 20.53 -25.50
C ARG A 345 14.29 21.45 -24.31
N GLY A 346 15.33 22.24 -24.31
CA GLY A 346 15.66 23.10 -23.18
C GLY A 346 16.08 22.29 -21.97
N GLU A 347 15.29 22.38 -20.91
CA GLU A 347 15.55 21.65 -19.66
C GLU A 347 14.55 20.49 -19.49
N THR A 348 13.97 20.05 -20.59
CA THR A 348 13.08 18.88 -20.62
C THR A 348 13.71 17.80 -21.52
N GLN A 349 13.74 16.58 -21.01
CA GLN A 349 14.44 15.48 -21.69
C GLN A 349 13.70 14.15 -21.52
N ALA A 350 13.62 13.39 -22.60
CA ALA A 350 12.97 12.08 -22.60
C ALA A 350 13.83 11.00 -23.27
N LEU A 351 14.17 9.97 -22.50
CA LEU A 351 14.83 8.78 -23.02
C LEU A 351 13.77 7.77 -23.43
N VAL A 352 13.62 7.59 -24.74
CA VAL A 352 12.52 6.79 -25.30
C VAL A 352 13.03 5.55 -26.04
N THR A 353 12.39 4.42 -25.79
CA THR A 353 12.73 3.15 -26.42
C THR A 353 11.54 2.52 -27.14
N ALA A 354 11.83 1.72 -28.17
CA ALA A 354 10.82 0.95 -28.88
C ALA A 354 11.19 -0.53 -28.88
N THR A 355 10.21 -1.38 -28.61
CA THR A 355 10.43 -2.83 -28.54
C THR A 355 9.38 -3.58 -29.36
N LEU A 356 9.84 -4.56 -30.13
CA LEU A 356 8.96 -5.36 -30.98
C LEU A 356 8.68 -6.73 -30.35
N GLY A 357 7.45 -7.20 -30.54
CA GLY A 357 7.03 -8.49 -30.01
C GLY A 357 6.03 -9.20 -30.91
N THR A 358 5.47 -10.34 -30.39
CA THR A 358 4.49 -11.13 -31.14
C THR A 358 3.09 -10.94 -30.56
N ALA A 359 2.14 -11.67 -31.11
CA ALA A 359 0.75 -11.64 -30.63
C ALA A 359 0.64 -12.07 -29.16
N ARG A 360 1.59 -12.88 -28.71
CA ARG A 360 1.68 -13.29 -27.31
C ARG A 360 1.95 -12.11 -26.38
N ASP A 361 2.59 -11.07 -26.92
CA ASP A 361 2.96 -9.88 -26.16
C ASP A 361 1.87 -8.80 -26.14
N ALA A 362 0.84 -8.97 -26.95
CA ALA A 362 -0.29 -8.04 -27.00
C ALA A 362 -1.08 -8.05 -25.69
N GLN A 363 -1.49 -6.87 -25.23
CA GLN A 363 -2.22 -6.75 -23.97
C GLN A 363 -3.70 -7.07 -24.15
N VAL A 364 -4.22 -7.92 -23.26
CA VAL A 364 -5.64 -8.25 -23.24
C VAL A 364 -6.35 -7.37 -22.20
N LEU A 365 -7.24 -6.51 -22.70
CA LEU A 365 -8.00 -5.60 -21.85
C LEU A 365 -9.42 -6.12 -21.63
N ASP A 366 -9.69 -6.57 -20.40
CA ASP A 366 -11.02 -7.03 -20.02
C ASP A 366 -11.87 -5.82 -19.64
N GLU A 367 -12.35 -5.10 -20.66
CA GLU A 367 -13.08 -3.85 -20.46
C GLU A 367 -14.59 -4.04 -20.42
N LEU A 368 -15.27 -3.10 -19.76
CA LEU A 368 -16.71 -3.17 -19.51
C LEU A 368 -17.55 -3.27 -20.78
N MET A 369 -17.13 -2.57 -21.83
CA MET A 369 -17.86 -2.52 -23.09
C MET A 369 -17.46 -3.63 -24.07
N GLY A 370 -16.62 -4.56 -23.60
CA GLY A 370 -16.18 -5.69 -24.41
C GLY A 370 -14.68 -5.94 -24.31
N GLU A 371 -14.29 -7.22 -24.37
CA GLU A 371 -12.88 -7.60 -24.32
C GLU A 371 -12.15 -7.18 -25.58
N ARG A 372 -10.94 -6.64 -25.41
CA ARG A 372 -10.17 -6.05 -26.50
C ARG A 372 -8.68 -6.33 -26.31
N THR A 373 -7.99 -6.60 -27.42
CA THR A 373 -6.55 -6.81 -27.39
C THR A 373 -5.81 -5.60 -27.98
N ASP A 374 -4.72 -5.20 -27.32
CA ASP A 374 -3.97 -4.01 -27.71
C ASP A 374 -2.56 -4.37 -28.19
N THR A 375 -2.23 -3.91 -29.40
CA THR A 375 -0.94 -4.21 -30.03
C THR A 375 0.07 -3.06 -29.91
N PHE A 376 -0.43 -1.88 -29.53
CA PHE A 376 0.43 -0.71 -29.35
C PHE A 376 0.40 -0.26 -27.89
N LEU A 377 1.56 -0.39 -27.23
CA LEU A 377 1.68 -0.06 -25.82
C LEU A 377 2.56 1.18 -25.64
N PHE A 378 2.13 2.07 -24.75
CA PHE A 378 2.87 3.30 -24.47
C PHE A 378 2.89 3.55 -22.96
N HIS A 379 4.09 3.47 -22.37
CA HIS A 379 4.26 3.73 -20.94
C HIS A 379 5.16 4.95 -20.70
N TYR A 380 4.75 5.77 -19.74
CA TYR A 380 5.40 7.03 -19.45
C TYR A 380 5.80 7.06 -17.97
N ASN A 381 7.11 7.19 -17.73
CA ASN A 381 7.65 7.22 -16.37
C ASN A 381 8.20 8.60 -16.02
N PHE A 382 7.82 9.10 -14.85
CA PHE A 382 8.25 10.41 -14.37
C PHE A 382 8.90 10.25 -12.99
N PRO A 383 10.22 9.94 -12.96
CA PRO A 383 10.93 9.81 -11.70
C PRO A 383 11.20 11.17 -11.03
N PRO A 384 11.39 11.20 -9.69
CA PRO A 384 11.57 12.46 -8.98
C PRO A 384 12.88 13.19 -9.29
N TYR A 385 13.88 12.48 -9.82
CA TYR A 385 15.17 13.09 -10.15
C TYR A 385 15.11 13.97 -11.40
N SER A 386 14.05 13.81 -12.19
CA SER A 386 13.83 14.64 -13.39
C SER A 386 13.66 16.11 -13.02
N VAL A 387 13.22 16.36 -11.79
CA VAL A 387 13.07 17.72 -11.27
C VAL A 387 13.96 17.97 -10.04
N GLY A 388 14.95 17.10 -9.83
CA GLY A 388 15.91 17.23 -8.74
C GLY A 388 15.33 17.00 -7.36
N GLU A 389 14.44 16.02 -7.26
CA GLU A 389 13.77 15.71 -5.99
C GLU A 389 13.92 14.24 -5.63
N THR A 390 13.60 13.92 -4.37
CA THR A 390 13.50 12.54 -3.93
C THR A 390 12.02 12.16 -3.83
N GLY A 391 11.72 10.87 -3.92
CA GLY A 391 10.35 10.39 -3.83
C GLY A 391 10.25 8.91 -4.09
N MET A 392 9.22 8.28 -3.50
CA MET A 392 8.58 7.04 -3.81
CA MET A 392 8.59 7.05 -3.81
C MET A 392 8.52 6.70 -5.01
N VAL A 393 9.26 5.72 -5.51
CA VAL A 393 8.96 5.11 -6.81
C VAL A 393 8.22 3.79 -6.65
N GLY A 394 6.89 3.87 -6.61
CA GLY A 394 6.06 2.69 -6.71
C GLY A 394 5.35 2.59 -8.04
N SER A 395 4.01 2.67 -8.00
CA SER A 395 3.19 2.27 -9.13
C SER A 395 2.69 3.50 -9.91
N PRO A 396 2.71 3.42 -11.20
CA PRO A 396 2.30 4.56 -11.96
C PRO A 396 1.29 5.39 -11.23
N LYS A 397 1.61 6.67 -11.11
CA LYS A 397 0.65 7.67 -10.66
C LYS A 397 -0.31 8.06 -11.79
N ARG A 398 -1.46 8.59 -11.41
CA ARG A 398 -2.50 8.94 -12.05
CA ARG A 398 -2.37 8.93 -12.23
C ARG A 398 -2.09 9.83 -13.25
N ARG A 399 -1.08 10.64 -12.92
CA ARG A 399 -0.57 11.64 -13.86
C ARG A 399 0.29 10.99 -14.93
N GLU A 400 1.08 9.99 -14.53
CA GLU A 400 1.84 9.21 -15.46
C GLU A 400 1.00 8.44 -16.44
N ILE A 401 -0.09 7.89 -15.96
CA ILE A 401 -1.03 7.19 -16.77
C ILE A 401 -1.67 8.07 -17.81
N GLY A 402 -2.03 9.27 -17.38
CA GLY A 402 -2.64 10.28 -18.24
C GLY A 402 -1.73 10.79 -19.34
N HIS A 403 -0.47 11.04 -18.99
CA HIS A 403 0.52 11.53 -19.96
C HIS A 403 1.03 10.44 -20.89
N GLY A 404 1.00 9.20 -20.41
CA GLY A 404 1.34 8.04 -21.22
C GLY A 404 0.32 7.82 -22.32
N ARG A 405 -0.95 8.07 -21.98
CA ARG A 405 -2.05 7.95 -22.93
C ARG A 405 -2.05 9.12 -23.92
N LEU A 406 -1.77 10.32 -23.43
CA LEU A 406 -1.70 11.52 -24.27
C LEU A 406 -0.62 11.39 -25.35
N ALA A 407 0.54 10.88 -24.96
CA ALA A 407 1.65 10.66 -25.89
C ALA A 407 1.32 9.55 -26.91
N LYS A 408 0.57 8.55 -26.46
CA LYS A 408 0.10 7.46 -27.33
C LYS A 408 -0.85 7.98 -28.41
N ARG A 409 -1.77 8.87 -28.01
CA ARG A 409 -2.73 9.48 -28.93
C ARG A 409 -2.05 10.39 -29.95
N GLY A 410 -0.88 10.92 -29.57
CA GLY A 410 -0.07 11.74 -30.46
C GLY A 410 0.68 10.94 -31.52
N VAL A 411 0.87 9.65 -31.25
CA VAL A 411 1.63 8.77 -32.14
C VAL A 411 0.70 7.86 -32.96
N LEU A 412 -0.50 7.61 -32.45
CA LEU A 412 -1.43 6.62 -33.03
C LEU A 412 -1.75 6.83 -34.51
N ALA A 413 -1.84 8.09 -34.94
CA ALA A 413 -2.21 8.44 -36.32
C ALA A 413 -1.20 7.98 -37.37
N VAL A 414 0.06 7.84 -36.98
CA VAL A 414 1.11 7.44 -37.92
C VAL A 414 1.54 5.98 -37.81
N MET A 415 1.07 5.29 -36.78
CA MET A 415 1.36 3.85 -36.59
C MET A 415 0.80 3.02 -37.74
N PRO A 416 1.63 2.09 -38.28
CA PRO A 416 1.13 1.19 -39.31
C PRO A 416 0.19 0.13 -38.72
N ASP A 417 -0.84 -0.24 -39.48
CA ASP A 417 -1.78 -1.27 -39.02
C ASP A 417 -1.16 -2.67 -39.11
N MET A 418 -1.88 -3.67 -38.63
CA MET A 418 -1.38 -5.05 -38.53
C MET A 418 -1.10 -5.71 -39.89
N ASP A 419 -1.80 -5.26 -40.93
CA ASP A 419 -1.64 -5.81 -42.27
C ASP A 419 -0.34 -5.34 -42.90
N LYS A 420 0.24 -4.28 -42.35
CA LYS A 420 1.43 -3.66 -42.93
C LYS A 420 2.65 -3.87 -42.04
N PHE A 421 2.41 -4.21 -40.78
CA PHE A 421 3.48 -4.47 -39.83
C PHE A 421 3.00 -5.31 -38.65
N PRO A 422 2.81 -6.61 -38.89
CA PRO A 422 2.13 -7.48 -37.93
C PRO A 422 2.94 -7.76 -36.66
N TYR A 423 3.16 -6.72 -35.84
CA TYR A 423 3.93 -6.86 -34.61
C TYR A 423 3.34 -6.04 -33.47
N THR A 424 3.56 -6.52 -32.24
CA THR A 424 3.24 -5.76 -31.03
C THR A 424 4.38 -4.79 -30.75
N VAL A 425 4.04 -3.51 -30.60
CA VAL A 425 5.04 -2.47 -30.36
C VAL A 425 4.84 -1.83 -28.99
N ARG A 426 5.89 -1.85 -28.17
CA ARG A 426 5.88 -1.20 -26.86
C ARG A 426 6.85 -0.02 -26.83
N VAL A 427 6.30 1.15 -26.52
CA VAL A 427 7.10 2.38 -26.40
C VAL A 427 7.16 2.81 -24.93
N VAL A 428 8.39 2.97 -24.42
CA VAL A 428 8.60 3.44 -23.05
C VAL A 428 9.32 4.78 -23.08
N SER A 429 8.73 5.79 -22.45
CA SER A 429 9.34 7.11 -22.33
C SER A 429 9.77 7.39 -20.90
N GLU A 430 11.08 7.54 -20.71
CA GLU A 430 11.66 7.85 -19.41
C GLU A 430 12.01 9.33 -19.36
N ILE A 431 11.28 10.09 -18.53
CA ILE A 431 11.53 11.52 -18.39
C ILE A 431 12.74 11.73 -17.47
N THR A 432 13.86 12.14 -18.06
CA THR A 432 15.11 12.33 -17.32
C THR A 432 15.29 13.75 -16.80
N GLU A 433 14.69 14.71 -17.51
CA GLU A 433 14.65 16.12 -17.10
C GLU A 433 13.27 16.69 -17.39
N SER A 434 12.79 17.56 -16.52
CA SER A 434 11.49 18.21 -16.71
C SER A 434 11.60 19.72 -16.54
N ASN A 435 11.18 20.47 -17.55
CA ASN A 435 10.70 21.83 -17.36
C ASN A 435 9.65 22.22 -18.38
N GLY A 436 8.66 21.36 -18.58
CA GLY A 436 7.62 21.59 -19.56
C GLY A 436 7.93 20.95 -20.90
N SER A 437 6.92 20.89 -21.77
CA SER A 437 5.99 19.77 -21.79
C SER A 437 6.74 18.44 -21.99
N SER A 438 6.51 17.51 -21.07
CA SER A 438 7.27 16.26 -21.04
C SER A 438 6.58 15.18 -21.87
N SER A 439 5.25 15.24 -21.91
CA SER A 439 4.50 14.42 -22.78
C SER A 439 4.67 14.69 -24.24
N MET A 440 4.97 15.91 -24.60
CA MET A 440 5.23 16.26 -26.00
C MET A 440 6.66 15.88 -26.39
N ALA A 441 7.57 15.89 -25.43
CA ALA A 441 8.93 15.40 -25.61
C ALA A 441 8.91 13.88 -25.83
N SER A 442 7.93 13.23 -25.22
CA SER A 442 7.69 11.79 -25.39
C SER A 442 7.18 11.46 -26.79
N VAL A 443 6.40 12.38 -27.36
CA VAL A 443 5.87 12.22 -28.71
C VAL A 443 6.99 12.24 -29.76
N CYS A 444 7.89 13.22 -29.64
CA CYS A 444 9.04 13.35 -30.53
C CYS A 444 10.00 12.18 -30.37
N GLY A 445 10.32 11.86 -29.12
CA GLY A 445 11.22 10.75 -28.78
C GLY A 445 10.72 9.41 -29.26
N ALA A 446 9.39 9.22 -29.20
CA ALA A 446 8.75 7.99 -29.70
C ALA A 446 8.89 7.87 -31.21
N SER A 447 8.63 8.97 -31.93
CA SER A 447 8.77 9.01 -33.38
C SER A 447 10.18 8.64 -33.84
N LEU A 448 11.18 9.12 -33.09
CA LEU A 448 12.58 8.84 -33.38
C LEU A 448 12.96 7.40 -33.01
N ALA A 449 12.42 6.91 -31.90
CA ALA A 449 12.70 5.55 -31.43
C ALA A 449 12.05 4.48 -32.31
N LEU A 450 10.86 4.80 -32.83
CA LEU A 450 10.13 3.90 -33.73
C LEU A 450 10.85 3.75 -35.07
N MET A 451 11.33 4.86 -35.61
CA MET A 451 12.11 4.86 -36.85
C MET A 451 13.44 4.13 -36.66
N ASP A 452 14.05 4.29 -35.49
CA ASP A 452 15.29 3.61 -35.15
C ASP A 452 15.11 2.10 -35.05
N ALA A 453 13.92 1.68 -34.63
CA ALA A 453 13.57 0.26 -34.53
C ALA A 453 13.15 -0.36 -35.86
N GLY A 454 12.96 0.48 -36.84
CA GLY A 454 12.50 0.08 -38.13
C GLY A 454 11.03 0.00 -38.29
N VAL A 455 10.28 0.65 -37.43
CA VAL A 455 8.86 0.69 -37.56
C VAL A 455 8.43 1.64 -38.65
N PRO A 456 7.57 1.15 -39.54
CA PRO A 456 7.28 1.83 -40.80
C PRO A 456 6.12 2.82 -40.66
N ILE A 457 6.31 3.82 -39.81
CA ILE A 457 5.31 4.88 -39.66
C ILE A 457 5.23 5.73 -40.91
N LYS A 458 4.08 6.36 -41.12
CA LYS A 458 3.82 7.11 -42.35
C LYS A 458 4.58 8.41 -42.37
N ALA A 459 4.92 8.92 -41.19
CA ALA A 459 5.27 10.34 -41.03
C ALA A 459 5.78 10.62 -39.62
N ALA A 460 6.92 11.29 -39.54
CA ALA A 460 7.45 11.74 -38.26
C ALA A 460 6.43 12.60 -37.52
N VAL A 461 6.42 12.51 -36.20
CA VAL A 461 5.42 13.21 -35.38
C VAL A 461 6.07 13.99 -34.23
N ALA A 462 5.53 15.17 -33.93
CA ALA A 462 6.07 16.05 -32.91
C ALA A 462 4.98 16.83 -32.18
N GLY A 463 5.33 17.43 -31.05
CA GLY A 463 4.37 18.21 -30.27
C GLY A 463 4.96 19.33 -29.44
N ILE A 464 4.10 20.22 -28.96
CA ILE A 464 4.47 21.31 -28.04
C ILE A 464 3.32 21.70 -27.13
N ALA A 465 3.64 22.39 -26.05
CA ALA A 465 2.63 22.94 -25.14
C ALA A 465 2.58 24.45 -25.25
N MET A 466 1.37 24.98 -25.45
CA MET A 466 1.16 26.41 -25.56
C MET A 466 0.63 26.97 -24.24
N GLY A 467 0.98 28.22 -23.95
CA GLY A 467 0.52 28.90 -22.74
C GLY A 467 -0.27 30.16 -23.04
N LEU A 468 -0.82 30.77 -22.00
CA LEU A 468 -1.64 31.97 -22.15
C LEU A 468 -1.59 32.86 -20.90
N VAL A 469 -1.51 34.17 -21.14
CA VAL A 469 -1.70 35.17 -20.09
C VAL A 469 -2.76 36.15 -20.58
N LYS A 470 -3.86 36.25 -19.82
CA LYS A 470 -5.03 37.02 -20.23
C LYS A 470 -5.64 37.84 -19.10
N GLU A 471 -5.70 39.16 -19.30
CA GLU A 471 -6.41 40.06 -18.40
C GLU A 471 -7.43 40.86 -19.21
N GLY A 472 -8.71 40.64 -18.94
CA GLY A 472 -9.78 41.28 -19.70
C GLY A 472 -9.80 40.81 -21.13
N ASP A 473 -9.54 41.73 -22.06
CA ASP A 473 -9.49 41.42 -23.49
C ASP A 473 -8.04 41.28 -23.98
N ASN A 474 -7.09 41.72 -23.16
CA ASN A 474 -5.67 41.61 -23.47
C ASN A 474 -5.12 40.23 -23.15
N TYR A 475 -4.45 39.62 -24.12
CA TYR A 475 -3.87 38.29 -23.96
C TYR A 475 -2.60 38.11 -24.79
N VAL A 476 -1.73 37.21 -24.34
CA VAL A 476 -0.55 36.79 -25.10
C VAL A 476 -0.45 35.27 -25.11
N VAL A 477 -0.31 34.69 -26.30
CA VAL A 477 -0.15 33.24 -26.47
C VAL A 477 1.34 32.90 -26.50
N LEU A 478 1.73 31.92 -25.68
CA LEU A 478 3.13 31.53 -25.51
C LEU A 478 3.45 30.17 -26.14
N SER A 479 4.57 30.12 -26.86
CA SER A 479 5.05 28.87 -27.46
C SER A 479 6.05 28.18 -26.56
N ASP A 480 5.94 26.85 -26.46
CA ASP A 480 6.87 26.01 -25.69
C ASP A 480 7.12 26.57 -24.28
N ILE A 481 6.13 26.41 -23.41
CA ILE A 481 6.16 27.04 -22.08
C ILE A 481 7.01 26.32 -21.06
N LEU A 482 7.63 27.09 -20.17
CA LEU A 482 8.35 26.57 -19.01
C LEU A 482 7.36 26.08 -17.97
N GLY A 483 7.86 25.38 -16.95
CA GLY A 483 7.04 24.96 -15.82
C GLY A 483 6.40 26.14 -15.11
N ASP A 484 7.17 27.22 -14.96
CA ASP A 484 6.70 28.45 -14.33
C ASP A 484 5.59 29.14 -15.13
N GLU A 485 5.69 29.09 -16.46
CA GLU A 485 4.71 29.71 -17.34
C GLU A 485 3.40 28.92 -17.39
N ASP A 486 3.47 27.64 -17.02
CA ASP A 486 2.30 26.78 -16.92
C ASP A 486 1.55 27.05 -15.62
N HIS A 487 2.29 27.10 -14.51
CA HIS A 487 1.70 27.25 -13.18
C HIS A 487 1.18 28.66 -12.91
N LEU A 488 1.89 29.67 -13.43
CA LEU A 488 1.48 31.06 -13.25
C LEU A 488 0.64 31.57 -14.43
N GLY A 489 0.51 30.75 -15.47
CA GLY A 489 -0.27 31.09 -16.66
C GLY A 489 -1.74 30.69 -16.55
N ASP A 490 -2.43 30.74 -17.69
CA ASP A 490 -3.88 30.50 -17.72
C ASP A 490 -4.29 29.16 -18.35
N MET A 491 -3.38 28.49 -19.04
CA MET A 491 -3.68 27.21 -19.69
C MET A 491 -2.46 26.35 -20.01
N ASP A 492 -2.72 25.06 -20.23
CA ASP A 492 -1.77 24.16 -20.87
C ASP A 492 -2.44 23.58 -22.11
N PHE A 493 -1.91 23.93 -23.27
CA PHE A 493 -2.54 23.71 -24.56
C PHE A 493 -1.61 22.88 -25.45
N LYS A 494 -1.85 21.57 -25.49
CA LYS A 494 -0.92 20.65 -26.15
C LYS A 494 -1.43 20.16 -27.52
N VAL A 495 -0.58 20.30 -28.53
CA VAL A 495 -0.89 19.87 -29.89
C VAL A 495 0.23 18.98 -30.43
N ALA A 496 -0.14 17.81 -30.92
CA ALA A 496 0.81 16.89 -31.56
C ALA A 496 0.37 16.56 -32.98
N GLY A 497 1.32 16.27 -33.85
CA GLY A 497 1.01 15.92 -35.24
C GLY A 497 2.21 15.92 -36.17
N SER A 498 1.95 15.53 -37.42
CA SER A 498 2.98 15.52 -38.46
C SER A 498 3.01 16.87 -39.20
N ARG A 499 3.64 16.87 -40.37
CA ARG A 499 3.68 18.06 -41.23
C ARG A 499 2.32 18.32 -41.87
N ASP A 500 1.47 17.29 -41.91
CA ASP A 500 0.21 17.34 -42.64
C ASP A 500 -1.05 17.53 -41.79
N GLY A 501 -0.95 17.34 -40.48
CA GLY A 501 -2.11 17.48 -39.61
C GLY A 501 -1.89 17.23 -38.12
N ILE A 502 -2.99 17.23 -37.37
CA ILE A 502 -2.97 17.08 -35.91
C ILE A 502 -3.41 15.67 -35.49
N SER A 503 -2.57 15.00 -34.71
CA SER A 503 -2.86 13.67 -34.20
C SER A 503 -3.53 13.70 -32.83
N ALA A 504 -3.20 14.71 -32.03
CA ALA A 504 -3.77 14.85 -30.69
C ALA A 504 -3.86 16.31 -30.25
N LEU A 505 -4.97 16.66 -29.61
CA LEU A 505 -5.17 17.99 -29.06
C LEU A 505 -5.70 17.90 -27.63
N GLN A 506 -4.97 18.52 -26.70
CA GLN A 506 -5.35 18.51 -25.29
C GLN A 506 -5.35 19.92 -24.72
N MET A 507 -6.44 20.28 -24.07
CA MET A 507 -6.57 21.59 -23.42
C MET A 507 -6.87 21.43 -21.93
N ASP A 508 -6.14 22.19 -21.11
CA ASP A 508 -6.44 22.30 -19.68
C ASP A 508 -6.44 23.78 -19.30
N ILE A 509 -7.63 24.37 -19.31
CA ILE A 509 -7.79 25.81 -19.12
C ILE A 509 -8.19 26.13 -17.68
N LYS A 510 -7.44 27.04 -17.07
CA LYS A 510 -7.60 27.35 -15.65
C LYS A 510 -8.49 28.58 -15.38
N ILE A 511 -8.95 29.22 -16.44
CA ILE A 511 -9.84 30.37 -16.32
C ILE A 511 -11.11 30.17 -17.16
N GLU A 512 -12.17 30.89 -16.80
CA GLU A 512 -13.33 31.04 -17.68
C GLU A 512 -13.02 32.19 -18.63
N GLY A 513 -13.66 32.17 -19.80
CA GLY A 513 -13.53 33.26 -20.76
C GLY A 513 -12.49 33.07 -21.84
N ILE A 514 -12.06 31.82 -22.06
CA ILE A 514 -11.22 31.52 -23.23
C ILE A 514 -12.10 31.66 -24.49
N THR A 515 -11.48 32.09 -25.58
CA THR A 515 -12.21 32.50 -26.77
C THR A 515 -11.83 31.68 -28.01
N LYS A 516 -12.75 31.57 -28.96
CA LYS A 516 -12.51 30.89 -30.24
C LYS A 516 -11.29 31.46 -30.96
N GLU A 517 -11.13 32.79 -30.93
CA GLU A 517 -9.98 33.49 -31.50
C GLU A 517 -8.66 33.06 -30.82
N ILE A 518 -8.68 32.97 -29.49
CA ILE A 518 -7.49 32.58 -28.72
C ILE A 518 -7.05 31.15 -29.06
N MET A 519 -8.01 30.23 -29.17
CA MET A 519 -7.74 28.86 -29.56
C MET A 519 -7.23 28.76 -30.99
N GLN A 520 -7.72 29.66 -31.86
CA GLN A 520 -7.30 29.73 -33.25
C GLN A 520 -5.84 30.22 -33.39
N VAL A 521 -5.49 31.24 -32.61
CA VAL A 521 -4.12 31.75 -32.56
C VAL A 521 -3.17 30.70 -31.98
N ALA A 522 -3.62 30.02 -30.93
CA ALA A 522 -2.85 28.95 -30.29
C ALA A 522 -2.58 27.79 -31.24
N LEU A 523 -3.59 27.39 -32.00
CA LEU A 523 -3.46 26.29 -32.98
C LEU A 523 -2.54 26.63 -34.14
N ASN A 524 -2.62 27.87 -34.62
CA ASN A 524 -1.79 28.35 -35.73
C ASN A 524 -0.31 28.48 -35.34
N GLN A 525 -0.07 29.01 -34.14
CA GLN A 525 1.27 29.18 -33.59
C GLN A 525 1.88 27.83 -33.21
N ALA A 526 1.01 26.91 -32.81
CA ALA A 526 1.41 25.53 -32.49
C ALA A 526 1.91 24.78 -33.72
N LYS A 527 1.36 25.12 -34.89
CA LYS A 527 1.73 24.49 -36.16
C LYS A 527 3.16 24.84 -36.57
N GLY A 528 3.50 26.12 -36.54
CA GLY A 528 4.85 26.58 -36.85
C GLY A 528 5.89 25.98 -35.92
N ALA A 529 5.51 25.81 -34.67
CA ALA A 529 6.37 25.23 -33.62
C ALA A 529 6.75 23.78 -33.92
N ARG A 530 5.77 22.94 -34.26
CA ARG A 530 6.04 21.52 -34.51
C ARG A 530 6.72 21.29 -35.87
N LEU A 531 6.49 22.19 -36.82
CA LEU A 531 7.17 22.15 -38.11
C LEU A 531 8.67 22.46 -37.96
N HIS A 532 8.98 23.37 -37.02
CA HIS A 532 10.37 23.68 -36.68
C HIS A 532 11.06 22.50 -36.00
N ILE A 533 10.34 21.83 -35.11
CA ILE A 533 10.87 20.65 -34.41
C ILE A 533 11.05 19.47 -35.36
N LEU A 534 10.06 19.25 -36.24
CA LEU A 534 10.11 18.17 -37.24
C LEU A 534 11.29 18.36 -38.20
N GLY A 535 11.62 19.60 -38.51
CA GLY A 535 12.76 19.94 -39.37
C GLY A 535 14.09 19.50 -38.78
N VAL A 536 14.24 19.69 -37.47
CA VAL A 536 15.44 19.28 -36.74
C VAL A 536 15.50 17.74 -36.61
N MET A 537 14.34 17.14 -36.38
CA MET A 537 14.21 15.68 -36.27
C MET A 537 14.56 14.98 -37.59
N GLU A 538 14.20 15.61 -38.70
CA GLU A 538 14.51 15.10 -40.05
C GLU A 538 15.99 15.03 -40.33
N GLN A 539 16.73 16.04 -39.86
CA GLN A 539 18.18 16.11 -40.02
C GLN A 539 18.89 14.90 -39.43
N ALA A 540 18.32 14.35 -38.35
CA ALA A 540 18.86 13.17 -37.69
C ALA A 540 18.46 11.88 -38.40
N ILE A 541 17.16 11.69 -38.57
CA ILE A 541 16.62 10.49 -39.23
C ILE A 541 15.29 10.80 -39.92
N ASN A 542 15.15 10.35 -41.17
CA ASN A 542 13.95 10.64 -41.97
C ASN A 542 13.25 9.41 -42.56
N ALA A 543 13.76 8.23 -42.23
CA ALA A 543 13.20 6.96 -42.69
C ALA A 543 13.54 5.84 -41.70
N PRO A 544 12.67 4.82 -41.58
CA PRO A 544 12.92 3.70 -40.66
C PRO A 544 14.20 2.90 -41.00
N ARG A 545 14.87 2.40 -39.97
CA ARG A 545 16.07 1.57 -40.15
C ARG A 545 15.70 0.16 -40.58
N GLY B 19 29.27 -1.57 -27.32
CA GLY B 19 29.84 -1.81 -25.96
C GLY B 19 29.40 -0.79 -24.92
N ALA B 20 28.95 0.38 -25.40
CA ALA B 20 28.60 1.48 -24.52
C ALA B 20 27.22 2.07 -24.80
N ALA B 21 26.58 2.58 -23.74
CA ALA B 21 25.34 3.32 -23.86
C ALA B 21 25.60 4.80 -23.57
N GLY B 22 24.58 5.63 -23.78
CA GLY B 22 24.68 7.05 -23.51
C GLY B 22 24.59 7.91 -24.75
N GLY B 23 24.59 9.23 -24.54
CA GLY B 23 24.44 10.20 -25.62
C GLY B 23 25.61 10.31 -26.58
N HIS B 24 26.81 9.95 -26.10
CA HIS B 24 28.02 9.98 -26.92
C HIS B 24 28.00 8.88 -27.99
N THR B 25 27.10 7.92 -27.83
CA THR B 25 27.02 6.75 -28.73
C THR B 25 26.01 6.96 -29.86
N ALA B 26 25.33 8.11 -29.86
CA ALA B 26 24.31 8.44 -30.86
C ALA B 26 24.71 8.01 -32.28
N THR B 27 23.91 7.13 -32.87
CA THR B 27 24.15 6.69 -34.25
C THR B 27 23.74 7.76 -35.26
N HIS B 28 22.80 8.61 -34.85
CA HIS B 28 22.45 9.84 -35.59
C HIS B 28 22.22 11.00 -34.63
N HIS B 29 22.47 12.21 -35.12
CA HIS B 29 22.46 13.40 -34.27
C HIS B 29 22.09 14.68 -35.03
N ALA B 30 21.30 15.53 -34.37
CA ALA B 30 20.93 16.85 -34.90
C ALA B 30 20.58 17.78 -33.75
N SER B 31 20.91 19.06 -33.91
CA SER B 31 20.66 20.07 -32.87
C SER B 31 20.39 21.46 -33.43
N ALA B 32 19.60 22.24 -32.69
CA ALA B 32 19.28 23.61 -33.06
C ALA B 32 19.26 24.53 -31.84
N ALA B 33 19.80 25.73 -32.01
CA ALA B 33 19.74 26.78 -31.01
C ALA B 33 18.31 27.31 -30.90
N PRO B 34 17.95 27.95 -29.75
CA PRO B 34 16.62 28.54 -29.60
C PRO B 34 16.24 29.43 -30.79
N ALA B 35 15.04 29.21 -31.33
CA ALA B 35 14.65 29.89 -32.57
C ALA B 35 13.15 30.17 -32.71
N ARG B 36 12.85 31.21 -33.49
CA ARG B 36 11.50 31.53 -33.93
C ARG B 36 11.24 30.76 -35.23
N PRO B 37 10.10 30.04 -35.30
CA PRO B 37 9.75 29.25 -36.49
C PRO B 37 9.55 30.09 -37.74
N GLN B 38 9.65 29.44 -38.90
CA GLN B 38 9.46 30.08 -40.20
C GLN B 38 8.06 30.71 -40.34
N PRO B 39 7.93 31.75 -41.18
CA PRO B 39 6.72 32.56 -41.37
C PRO B 39 5.40 31.88 -40.96
N MET C 1 24.07 23.52 -26.54
CA MET C 1 24.26 22.14 -27.04
C MET C 1 24.72 21.20 -25.93
N LEU C 2 24.31 19.93 -26.03
CA LEU C 2 24.65 18.92 -25.04
C LEU C 2 26.05 18.34 -25.28
N ASN C 3 26.82 18.23 -24.20
CA ASN C 3 28.19 17.72 -24.26
C ASN C 3 28.45 16.64 -23.20
N PRO C 4 28.68 15.39 -23.65
CA PRO C 4 28.99 14.30 -22.74
C PRO C 4 30.46 14.26 -22.32
N ILE C 5 30.70 13.96 -21.05
CA ILE C 5 32.06 13.74 -20.55
C ILE C 5 32.23 12.23 -20.35
N VAL C 6 33.12 11.66 -21.15
CA VAL C 6 33.26 10.20 -21.24
C VAL C 6 34.65 9.70 -20.85
N ARG C 7 34.70 8.75 -19.94
CA ARG C 7 35.93 8.03 -19.63
C ARG C 7 35.75 6.51 -19.84
N LYS C 8 36.62 5.94 -20.65
CA LYS C 8 36.65 4.50 -20.90
C LYS C 8 37.90 3.89 -20.28
N PHE C 9 37.77 2.66 -19.77
CA PHE C 9 38.92 1.90 -19.25
C PHE C 9 38.69 0.40 -19.30
N GLN C 10 39.79 -0.35 -19.41
CA GLN C 10 39.75 -1.80 -19.39
C GLN C 10 39.60 -2.32 -17.97
N TYR C 11 38.69 -3.27 -17.79
CA TYR C 11 38.47 -3.91 -16.50
C TYR C 11 38.34 -5.42 -16.72
N GLY C 12 39.45 -6.12 -16.56
CA GLY C 12 39.53 -7.55 -16.88
C GLY C 12 39.52 -7.73 -18.39
N GLN C 13 38.49 -8.42 -18.88
CA GLN C 13 38.35 -8.60 -20.33
CA GLN C 13 38.29 -8.67 -20.31
C GLN C 13 37.21 -7.75 -20.89
N HIS C 14 36.82 -6.73 -20.13
CA HIS C 14 35.74 -5.84 -20.53
C HIS C 14 36.17 -4.38 -20.62
N THR C 15 35.38 -3.60 -21.36
CA THR C 15 35.54 -2.16 -21.42
C THR C 15 34.41 -1.50 -20.63
N VAL C 16 34.79 -0.71 -19.62
CA VAL C 16 33.82 0.04 -18.82
C VAL C 16 33.78 1.49 -19.30
N THR C 17 32.58 1.95 -19.64
CA THR C 17 32.38 3.32 -20.09
C THR C 17 31.56 4.11 -19.06
N LEU C 18 32.06 5.29 -18.70
CA LEU C 18 31.36 6.19 -17.78
C LEU C 18 31.00 7.47 -18.51
N GLU C 19 29.71 7.78 -18.59
CA GLU C 19 29.25 9.02 -19.22
C GLU C 19 28.43 9.87 -18.26
N THR C 20 28.79 11.15 -18.16
CA THR C 20 28.06 12.12 -17.36
C THR C 20 28.03 13.49 -18.04
N GLY C 21 27.07 14.32 -17.67
CA GLY C 21 27.03 15.70 -18.12
C GLY C 21 25.90 16.09 -19.06
N MET C 22 25.28 15.12 -19.71
CA MET C 22 24.24 15.43 -20.70
C MET C 22 22.84 14.86 -20.40
N MET C 23 22.79 13.79 -19.62
CA MET C 23 21.51 13.19 -19.21
C MET C 23 21.20 13.46 -17.74
N ALA C 24 19.93 13.79 -17.48
CA ALA C 24 19.43 14.09 -16.13
C ALA C 24 20.29 15.13 -15.39
N ARG C 25 20.33 16.34 -15.94
CA ARG C 25 21.16 17.41 -15.40
C ARG C 25 20.58 18.07 -14.15
N GLN C 26 19.34 17.72 -13.80
CA GLN C 26 18.69 18.28 -12.62
C GLN C 26 18.92 17.45 -11.35
N ALA C 27 19.31 16.19 -11.52
CA ALA C 27 19.76 15.37 -10.40
C ALA C 27 21.09 15.91 -9.88
N THR C 28 21.39 15.65 -8.62
CA THR C 28 22.67 16.09 -8.02
C THR C 28 23.84 15.55 -8.85
N ALA C 29 23.74 14.29 -9.27
CA ALA C 29 24.66 13.69 -10.23
C ALA C 29 24.00 12.50 -10.94
N ALA C 30 24.41 12.26 -12.18
CA ALA C 30 23.88 11.16 -12.99
C ALA C 30 24.94 10.56 -13.90
N VAL C 31 25.02 9.24 -13.94
CA VAL C 31 26.02 8.53 -14.74
C VAL C 31 25.41 7.37 -15.53
N MET C 32 25.80 7.26 -16.81
CA MET C 32 25.48 6.09 -17.62
C MET C 32 26.70 5.19 -17.69
N VAL C 33 26.61 4.04 -17.02
CA VAL C 33 27.72 3.09 -16.96
C VAL C 33 27.46 1.89 -17.86
N SER C 34 28.45 1.51 -18.65
CA SER C 34 28.33 0.38 -19.56
C SER C 34 29.53 -0.55 -19.46
N MET C 35 29.25 -1.85 -19.45
CA MET C 35 30.27 -2.89 -19.47
C MET C 35 29.93 -3.91 -20.54
N ASP C 36 30.52 -3.73 -21.73
CA ASP C 36 30.24 -4.56 -22.90
C ASP C 36 28.75 -4.77 -23.14
N ASP C 37 28.06 -3.70 -23.55
CA ASP C 37 26.70 -3.81 -24.05
C ASP C 37 25.68 -3.80 -22.91
N THR C 38 26.18 -3.88 -21.68
CA THR C 38 25.32 -3.90 -20.51
C THR C 38 25.36 -2.56 -19.78
N ALA C 39 24.23 -1.87 -19.76
CA ALA C 39 24.19 -0.47 -19.35
C ALA C 39 23.18 -0.20 -18.24
N VAL C 40 23.60 0.58 -17.25
CA VAL C 40 22.74 0.99 -16.15
C VAL C 40 22.85 2.50 -15.96
N PHE C 41 21.70 3.18 -15.93
CA PHE C 41 21.66 4.62 -15.71
C PHE C 41 21.41 4.92 -14.24
N VAL C 42 22.40 5.52 -13.57
CA VAL C 42 22.35 5.74 -12.13
C VAL C 42 22.32 7.23 -11.77
N THR C 43 21.35 7.60 -10.94
CA THR C 43 21.18 8.98 -10.48
C THR C 43 21.21 9.07 -8.96
N VAL C 44 21.71 10.20 -8.44
CA VAL C 44 21.64 10.50 -7.02
C VAL C 44 21.01 11.88 -6.81
N VAL C 45 20.10 11.98 -5.85
CA VAL C 45 19.56 13.26 -5.40
C VAL C 45 19.75 13.38 -3.89
N GLY C 46 20.50 14.40 -3.48
CA GLY C 46 20.69 14.69 -2.07
C GLY C 46 20.05 16.02 -1.72
N GLN C 47 19.13 15.99 -0.76
CA GLN C 47 18.44 17.20 -0.31
C GLN C 47 19.37 18.13 0.46
N LYS C 48 19.32 19.42 0.12
CA LYS C 48 20.19 20.43 0.69
C LYS C 48 19.97 20.64 2.18
N LYS C 49 18.71 20.55 2.60
CA LYS C 49 18.34 20.78 3.99
C LYS C 49 17.91 19.48 4.67
N ALA C 50 18.42 19.25 5.87
CA ALA C 50 17.96 18.15 6.72
C ALA C 50 16.62 18.53 7.34
N LYS C 51 15.76 17.53 7.51
CA LYS C 51 14.44 17.72 8.12
C LYS C 51 14.55 18.15 9.58
N PRO C 52 13.70 19.10 10.01
CA PRO C 52 13.66 19.70 11.35
C PRO C 52 14.14 18.80 12.51
N GLY C 53 13.43 17.72 12.77
CA GLY C 53 13.75 16.83 13.89
C GLY C 53 14.25 15.46 13.49
N GLN C 54 15.11 15.43 12.47
CA GLN C 54 15.66 14.19 11.93
C GLN C 54 16.83 13.70 12.79
N ASP C 55 16.80 12.41 13.16
CA ASP C 55 17.89 11.81 13.94
C ASP C 55 18.40 10.49 13.36
N PHE C 56 17.89 10.09 12.19
CA PHE C 56 18.45 8.97 11.45
C PHE C 56 18.68 9.34 9.98
N PHE C 57 19.69 8.74 9.37
CA PHE C 57 20.09 9.01 8.00
C PHE C 57 19.17 8.28 7.00
N PRO C 58 18.37 9.03 6.23
CA PRO C 58 17.46 8.41 5.28
C PRO C 58 18.11 8.18 3.92
N LEU C 59 18.62 6.97 3.71
CA LEU C 59 19.22 6.57 2.43
C LEU C 59 18.36 5.50 1.76
N THR C 60 17.99 5.74 0.51
CA THR C 60 17.19 4.79 -0.25
C THR C 60 17.86 4.46 -1.59
N VAL C 61 18.01 3.17 -1.85
CA VAL C 61 18.53 2.70 -3.12
C VAL C 61 17.43 1.92 -3.85
N ASN C 62 17.07 2.39 -5.04
CA ASN C 62 16.08 1.73 -5.87
C ASN C 62 16.71 1.18 -7.15
N TYR C 63 16.68 -0.14 -7.29
CA TYR C 63 17.21 -0.81 -8.47
C TYR C 63 16.06 -1.42 -9.27
N GLN C 64 15.99 -1.06 -10.55
CA GLN C 64 14.90 -1.50 -11.41
C GLN C 64 15.39 -1.95 -12.79
N GLU C 65 14.90 -3.11 -13.22
CA GLU C 65 15.24 -3.67 -14.52
C GLU C 65 14.11 -3.45 -15.51
N ARG C 66 14.43 -2.80 -16.62
CA ARG C 66 13.48 -2.61 -17.71
C ARG C 66 13.62 -3.75 -18.70
N THR C 67 12.49 -4.33 -19.10
CA THR C 67 12.50 -5.50 -19.99
C THR C 67 12.91 -5.15 -21.42
N TYR C 68 12.86 -3.87 -21.77
CA TYR C 68 13.32 -3.40 -23.08
C TYR C 68 14.84 -3.47 -23.21
N ALA C 69 15.52 -3.64 -22.09
CA ALA C 69 16.97 -3.84 -22.05
C ALA C 69 17.36 -5.16 -22.73
N ALA C 70 16.47 -6.14 -22.67
CA ALA C 70 16.68 -7.45 -23.27
C ALA C 70 15.88 -7.64 -24.56
N GLY C 71 15.21 -6.57 -25.00
CA GLY C 71 14.37 -6.63 -26.20
C GLY C 71 13.10 -7.43 -25.99
N ARG C 72 12.55 -7.36 -24.78
CA ARG C 72 11.33 -8.08 -24.46
CA ARG C 72 11.35 -8.11 -24.39
C ARG C 72 10.25 -7.17 -23.88
N ILE C 73 9.00 -7.62 -24.00
CA ILE C 73 7.84 -6.94 -23.46
C ILE C 73 7.40 -7.70 -22.20
N PRO C 74 7.15 -7.00 -21.08
CA PRO C 74 6.91 -7.65 -19.79
C PRO C 74 5.83 -8.73 -19.84
N GLY C 75 6.09 -9.85 -19.16
CA GLY C 75 5.20 -11.01 -19.19
C GLY C 75 3.93 -10.88 -18.35
N SER C 76 3.89 -9.86 -17.50
CA SER C 76 2.74 -9.62 -16.61
C SER C 76 1.49 -9.20 -17.38
N PHE C 77 0.33 -9.36 -16.73
CA PHE C 77 -0.98 -9.05 -17.30
C PHE C 77 -1.09 -7.63 -17.86
N PHE C 78 -0.40 -6.68 -17.23
CA PHE C 78 -0.45 -5.29 -17.64
C PHE C 78 0.64 -4.91 -18.66
N ARG C 79 1.53 -5.87 -18.93
CA ARG C 79 2.64 -5.69 -19.89
C ARG C 79 3.56 -4.52 -19.50
N ARG C 80 3.72 -4.32 -18.19
CA ARG C 80 4.53 -3.24 -17.64
C ARG C 80 5.26 -3.73 -16.39
N GLU C 81 6.47 -3.22 -16.17
CA GLU C 81 7.24 -3.54 -14.97
C GLU C 81 6.56 -2.94 -13.74
N GLY C 82 6.44 -3.73 -12.68
CA GLY C 82 5.77 -3.29 -11.46
C GLY C 82 6.67 -3.23 -10.25
N ARG C 83 6.20 -3.79 -9.15
CA ARG C 83 6.96 -3.86 -7.90
C ARG C 83 8.21 -4.71 -8.06
N PRO C 84 9.34 -4.26 -7.47
CA PRO C 84 10.63 -4.96 -7.58
C PRO C 84 10.54 -6.44 -7.20
N SER C 85 11.16 -7.29 -8.01
CA SER C 85 11.20 -8.72 -7.73
C SER C 85 12.19 -9.04 -6.61
N GLU C 86 12.23 -10.30 -6.19
CA GLU C 86 13.18 -10.75 -5.19
C GLU C 86 14.61 -10.46 -5.61
N GLY C 87 14.86 -10.53 -6.91
CA GLY C 87 16.20 -10.32 -7.44
C GLY C 87 16.59 -8.85 -7.44
N GLU C 88 15.63 -7.98 -7.77
CA GLU C 88 15.88 -6.55 -7.82
C GLU C 88 16.08 -5.98 -6.41
N THR C 89 15.41 -6.58 -5.43
CA THR C 89 15.57 -6.18 -4.04
C THR C 89 16.97 -6.52 -3.51
N LEU C 90 17.47 -7.69 -3.90
CA LEU C 90 18.80 -8.17 -3.47
C LEU C 90 19.93 -7.32 -4.03
N ILE C 91 19.80 -6.88 -5.28
CA ILE C 91 20.80 -6.05 -5.95
C ILE C 91 20.78 -4.62 -5.38
N ALA C 92 19.60 -4.16 -5.00
CA ALA C 92 19.45 -2.87 -4.31
C ALA C 92 20.20 -2.87 -2.98
N ARG C 93 20.20 -4.02 -2.30
CA ARG C 93 20.96 -4.21 -1.07
C ARG C 93 22.46 -4.29 -1.33
N LEU C 94 22.85 -4.90 -2.45
CA LEU C 94 24.25 -4.97 -2.86
C LEU C 94 24.87 -3.60 -3.10
N ILE C 95 24.03 -2.65 -3.51
CA ILE C 95 24.46 -1.27 -3.74
C ILE C 95 24.46 -0.49 -2.42
N ASP C 96 23.42 -0.70 -1.61
CA ASP C 96 23.22 0.02 -0.35
C ASP C 96 24.26 -0.31 0.72
N ARG C 97 24.57 -1.59 0.87
CA ARG C 97 25.43 -2.09 1.96
C ARG C 97 26.86 -1.52 2.02
N PRO C 98 27.55 -1.42 0.86
CA PRO C 98 28.89 -0.81 0.93
C PRO C 98 28.91 0.72 0.99
N ILE C 99 27.86 1.38 0.50
CA ILE C 99 27.84 2.85 0.44
C ILE C 99 27.36 3.52 1.73
N ARG C 100 26.51 2.83 2.49
CA ARG C 100 25.91 3.36 3.72
C ARG C 100 26.93 3.82 4.78
N PRO C 101 27.96 2.98 5.09
CA PRO C 101 28.91 3.39 6.12
C PRO C 101 29.86 4.53 5.72
N LEU C 102 29.89 4.87 4.43
CA LEU C 102 30.82 5.89 3.93
C LEU C 102 30.32 7.33 4.06
N PHE C 103 29.04 7.49 4.37
CA PHE C 103 28.49 8.81 4.70
C PHE C 103 28.92 9.18 6.12
N PRO C 104 29.37 10.42 6.33
CA PRO C 104 29.95 10.82 7.63
C PRO C 104 28.96 10.68 8.78
N GLU C 105 29.47 10.40 9.96
CA GLU C 105 28.65 10.34 11.17
C GLU C 105 28.05 11.72 11.44
N GLY C 106 26.72 11.75 11.58
CA GLY C 106 26.00 13.00 11.80
C GLY C 106 25.27 13.49 10.56
N PHE C 107 25.66 12.97 9.39
CA PHE C 107 25.01 13.34 8.13
C PHE C 107 23.63 12.71 8.04
N VAL C 108 22.60 13.55 8.02
CA VAL C 108 21.21 13.09 8.06
C VAL C 108 20.31 13.68 6.97
N ASN C 109 20.91 14.26 5.93
CA ASN C 109 20.17 14.73 4.76
C ASN C 109 19.66 13.54 3.94
N GLU C 110 18.48 13.68 3.35
CA GLU C 110 17.87 12.59 2.57
C GLU C 110 18.60 12.37 1.25
N VAL C 111 19.02 11.13 1.02
CA VAL C 111 19.75 10.75 -0.20
C VAL C 111 19.05 9.57 -0.87
N GLN C 112 18.81 9.71 -2.18
CA GLN C 112 18.19 8.64 -2.96
C GLN C 112 19.02 8.29 -4.20
N VAL C 113 19.29 6.99 -4.35
CA VAL C 113 20.01 6.48 -5.50
C VAL C 113 19.08 5.60 -6.34
N ILE C 114 18.91 5.95 -7.62
CA ILE C 114 18.07 5.18 -8.52
C ILE C 114 18.89 4.62 -9.68
N ALA C 115 18.93 3.30 -9.79
CA ALA C 115 19.64 2.60 -10.86
C ALA C 115 18.66 1.87 -11.78
N THR C 116 18.69 2.24 -13.06
CA THR C 116 17.78 1.65 -14.05
C THR C 116 18.58 0.93 -15.14
N VAL C 117 18.32 -0.37 -15.27
CA VAL C 117 18.97 -1.17 -16.31
C VAL C 117 18.28 -0.89 -17.66
N VAL C 118 19.04 -0.32 -18.58
CA VAL C 118 18.51 0.13 -19.87
C VAL C 118 19.00 -0.72 -21.07
N SER C 119 20.02 -1.53 -20.82
CA SER C 119 20.59 -2.43 -21.84
C SER C 119 21.30 -3.59 -21.15
N VAL C 120 21.18 -4.78 -21.73
CA VAL C 120 21.78 -5.98 -21.12
C VAL C 120 22.39 -6.97 -22.12
N ASN C 121 23.66 -7.31 -21.88
CA ASN C 121 24.32 -8.44 -22.51
C ASN C 121 24.11 -9.63 -21.58
N PRO C 122 23.42 -10.69 -22.06
CA PRO C 122 23.07 -11.85 -21.24
C PRO C 122 24.27 -12.61 -20.65
N GLN C 123 25.49 -12.19 -20.99
CA GLN C 123 26.70 -12.77 -20.42
C GLN C 123 27.33 -11.85 -19.36
N VAL C 124 26.87 -10.60 -19.30
CA VAL C 124 27.39 -9.61 -18.36
C VAL C 124 26.32 -9.17 -17.37
N ASN C 125 26.51 -9.55 -16.10
CA ASN C 125 25.57 -9.24 -15.01
C ASN C 125 25.52 -7.75 -14.71
N PRO C 126 24.31 -7.14 -14.74
CA PRO C 126 24.15 -5.71 -14.46
C PRO C 126 24.43 -5.25 -13.02
N ASP C 127 24.53 -6.19 -12.08
CA ASP C 127 24.69 -5.84 -10.66
C ASP C 127 26.02 -5.13 -10.33
N ILE C 128 27.12 -5.64 -10.90
CA ILE C 128 28.44 -5.03 -10.74
C ILE C 128 28.46 -3.66 -11.43
N VAL C 129 27.85 -3.58 -12.60
CA VAL C 129 27.74 -2.34 -13.38
C VAL C 129 26.99 -1.26 -12.62
N ALA C 130 25.87 -1.65 -11.98
CA ALA C 130 25.05 -0.73 -11.20
C ALA C 130 25.77 -0.22 -9.95
N MET C 131 26.62 -1.06 -9.38
CA MET C 131 27.42 -0.71 -8.20
C MET C 131 28.51 0.30 -8.53
N ILE C 132 29.12 0.16 -9.70
CA ILE C 132 30.10 1.12 -10.20
C ILE C 132 29.41 2.45 -10.52
N GLY C 133 28.17 2.35 -11.02
CA GLY C 133 27.35 3.52 -11.31
C GLY C 133 26.99 4.35 -10.10
N ALA C 134 26.60 3.66 -9.01
CA ALA C 134 26.26 4.32 -7.75
C ALA C 134 27.49 4.97 -7.12
N SER C 135 28.63 4.31 -7.25
CA SER C 135 29.91 4.82 -6.74
C SER C 135 30.33 6.08 -7.49
N ALA C 136 30.24 6.04 -8.81
CA ALA C 136 30.63 7.15 -9.67
C ALA C 136 29.71 8.36 -9.50
N ALA C 137 28.41 8.10 -9.39
CA ALA C 137 27.42 9.17 -9.23
C ALA C 137 27.53 9.86 -7.87
N LEU C 138 27.75 9.08 -6.81
CA LEU C 138 27.92 9.63 -5.46
C LEU C 138 29.23 10.42 -5.32
N SER C 139 30.26 9.99 -6.02
CA SER C 139 31.56 10.66 -5.99
C SER C 139 31.55 11.97 -6.78
N LEU C 140 30.74 12.02 -7.83
CA LEU C 140 30.59 13.23 -8.65
C LEU C 140 29.66 14.26 -8.02
N SER C 141 28.75 13.79 -7.17
CA SER C 141 27.68 14.62 -6.61
C SER C 141 28.14 15.77 -5.72
N GLY C 142 29.15 15.51 -4.91
CA GLY C 142 29.63 16.50 -3.93
C GLY C 142 29.00 16.30 -2.56
N ILE C 143 28.05 15.37 -2.48
CA ILE C 143 27.45 14.94 -1.22
C ILE C 143 28.54 14.32 -0.35
N PRO C 144 28.63 14.71 0.94
CA PRO C 144 29.61 14.13 1.86
C PRO C 144 29.62 12.60 1.76
N PHE C 145 30.71 12.06 1.22
CA PHE C 145 30.81 10.63 0.89
C PHE C 145 32.28 10.23 0.78
N ASN C 146 32.70 9.28 1.62
CA ASN C 146 34.10 8.89 1.74
C ASN C 146 34.54 7.76 0.81
N GLY C 147 34.01 7.78 -0.41
CA GLY C 147 34.39 6.82 -1.44
C GLY C 147 35.61 7.29 -2.23
N PRO C 148 35.73 6.87 -3.49
CA PRO C 148 34.81 5.99 -4.22
C PRO C 148 35.03 4.51 -3.88
N ILE C 149 34.02 3.68 -4.17
CA ILE C 149 34.17 2.24 -4.04
C ILE C 149 34.26 1.56 -5.40
N GLY C 150 34.82 0.36 -5.41
CA GLY C 150 34.81 -0.51 -6.57
C GLY C 150 33.86 -1.67 -6.35
N ALA C 151 33.78 -2.56 -7.34
CA ALA C 151 32.95 -3.76 -7.24
C ALA C 151 33.51 -4.85 -8.14
N ALA C 152 33.59 -6.07 -7.61
CA ALA C 152 34.15 -7.20 -8.36
C ALA C 152 33.51 -8.53 -7.99
N ARG C 153 33.14 -9.30 -9.02
CA ARG C 153 32.74 -10.69 -8.83
C ARG C 153 33.94 -11.61 -9.03
N VAL C 154 34.13 -12.53 -8.09
CA VAL C 154 35.24 -13.49 -8.14
C VAL C 154 34.72 -14.91 -8.29
N GLY C 155 35.22 -15.61 -9.30
CA GLY C 155 34.95 -17.03 -9.49
C GLY C 155 36.15 -17.87 -9.12
N TYR C 156 36.01 -19.20 -9.21
CA TYR C 156 37.09 -20.12 -8.90
C TYR C 156 37.04 -21.31 -9.86
N ILE C 157 37.74 -21.18 -10.98
CA ILE C 157 37.75 -22.19 -12.04
C ILE C 157 39.16 -22.76 -12.21
N ASN C 158 39.26 -24.08 -12.18
CA ASN C 158 40.54 -24.81 -12.22
C ASN C 158 41.47 -24.44 -11.05
N ASP C 159 40.86 -24.19 -9.89
CA ASP C 159 41.57 -23.75 -8.68
C ASP C 159 42.32 -22.43 -8.88
N GLN C 160 41.78 -21.57 -9.74
CA GLN C 160 42.32 -20.24 -10.00
C GLN C 160 41.22 -19.20 -9.90
N TYR C 161 41.54 -18.02 -9.36
CA TYR C 161 40.58 -16.93 -9.23
C TYR C 161 40.30 -16.27 -10.58
N VAL C 162 39.02 -16.00 -10.84
CA VAL C 162 38.59 -15.38 -12.10
C VAL C 162 37.82 -14.09 -11.82
N LEU C 163 38.25 -13.00 -12.44
CA LEU C 163 37.59 -11.70 -12.30
C LEU C 163 36.38 -11.57 -13.21
N ASN C 164 35.26 -11.15 -12.63
CA ASN C 164 33.99 -10.96 -13.34
C ASN C 164 33.70 -12.03 -14.40
N PRO C 165 33.53 -13.30 -13.95
CA PRO C 165 33.26 -14.36 -14.92
C PRO C 165 31.89 -14.21 -15.57
N THR C 166 31.79 -14.62 -16.83
CA THR C 166 30.52 -14.61 -17.56
C THR C 166 29.57 -15.66 -16.98
N GLN C 167 28.30 -15.59 -17.36
CA GLN C 167 27.30 -16.55 -16.91
C GLN C 167 27.63 -17.98 -17.31
N ASP C 168 28.25 -18.14 -18.48
CA ASP C 168 28.70 -19.43 -18.98
C ASP C 168 29.90 -19.96 -18.19
N GLU C 169 30.77 -19.06 -17.74
CA GLU C 169 31.96 -19.43 -16.98
C GLU C 169 31.63 -19.84 -15.54
N LEU C 170 30.55 -19.28 -15.00
CA LEU C 170 30.10 -19.60 -13.63
C LEU C 170 29.58 -21.03 -13.48
N LYS C 171 29.20 -21.64 -14.60
CA LYS C 171 28.78 -23.05 -14.63
C LYS C 171 29.93 -23.99 -14.22
N GLU C 172 31.15 -23.52 -14.37
CA GLU C 172 32.35 -24.29 -14.02
C GLU C 172 33.00 -23.84 -12.71
N SER C 173 32.44 -22.79 -12.11
CA SER C 173 33.02 -22.17 -10.92
C SER C 173 32.56 -22.84 -9.62
N LYS C 174 33.50 -22.97 -8.68
CA LYS C 174 33.20 -23.48 -7.35
C LYS C 174 32.86 -22.34 -6.39
N LEU C 175 32.79 -21.13 -6.93
CA LEU C 175 32.57 -19.92 -6.13
C LEU C 175 31.87 -18.80 -6.90
N ASP C 176 30.96 -18.11 -6.21
CA ASP C 176 30.34 -16.89 -6.71
C ASP C 176 30.41 -15.85 -5.59
N LEU C 177 31.39 -14.95 -5.69
CA LEU C 177 31.65 -13.96 -4.64
C LEU C 177 31.65 -12.54 -5.19
N VAL C 178 31.04 -11.62 -4.44
CA VAL C 178 31.08 -10.20 -4.77
C VAL C 178 31.68 -9.41 -3.60
N VAL C 179 32.67 -8.58 -3.90
CA VAL C 179 33.34 -7.75 -2.90
C VAL C 179 33.36 -6.28 -3.33
N ALA C 180 33.04 -5.40 -2.39
CA ALA C 180 33.09 -3.95 -2.62
C ALA C 180 33.87 -3.28 -1.50
N GLY C 181 34.65 -2.27 -1.87
CA GLY C 181 35.45 -1.54 -0.89
C GLY C 181 36.15 -0.31 -1.45
N THR C 182 36.71 0.49 -0.55
CA THR C 182 37.46 1.68 -0.92
C THR C 182 38.88 1.29 -1.37
N GLU C 183 39.73 2.31 -1.57
CA GLU C 183 41.13 2.08 -1.89
C GLU C 183 41.85 1.35 -0.75
N ALA C 184 41.42 1.62 0.48
CA ALA C 184 42.09 1.12 1.67
C ALA C 184 41.51 -0.18 2.24
N ALA C 185 40.18 -0.33 2.21
CA ALA C 185 39.54 -1.44 2.91
C ALA C 185 38.32 -2.05 2.22
N VAL C 186 38.07 -3.32 2.52
CA VAL C 186 36.86 -4.04 2.12
C VAL C 186 35.71 -3.59 3.02
N LEU C 187 34.53 -3.40 2.42
CA LEU C 187 33.36 -2.96 3.17
C LEU C 187 32.21 -3.98 3.16
N MET C 188 32.07 -4.70 2.04
CA MET C 188 30.97 -5.64 1.87
C MET C 188 31.39 -6.86 1.07
N VAL C 189 31.00 -8.04 1.57
CA VAL C 189 31.21 -9.31 0.86
C VAL C 189 29.92 -10.12 0.86
N GLU C 190 29.53 -10.59 -0.32
CA GLU C 190 28.40 -11.50 -0.48
C GLU C 190 28.87 -12.66 -1.35
N SER C 191 28.68 -13.89 -0.86
CA SER C 191 29.20 -15.07 -1.55
C SER C 191 28.46 -16.37 -1.29
N GLU C 192 28.57 -17.28 -2.25
CA GLU C 192 28.23 -18.69 -2.06
C GLU C 192 29.36 -19.53 -2.65
N ALA C 193 29.67 -20.65 -1.99
CA ALA C 193 30.77 -21.51 -2.41
C ALA C 193 30.44 -22.98 -2.24
N GLU C 194 31.14 -23.82 -3.01
CA GLU C 194 30.99 -25.27 -2.89
C GLU C 194 32.01 -25.83 -1.88
N LEU C 195 31.85 -25.39 -0.63
CA LEU C 195 32.66 -25.85 0.51
C LEU C 195 34.17 -25.64 0.33
N LEU C 196 34.56 -24.39 0.11
CA LEU C 196 35.96 -24.02 -0.02
C LEU C 196 36.57 -23.71 1.35
N SER C 197 37.89 -23.78 1.44
CA SER C 197 38.60 -23.56 2.70
C SER C 197 38.66 -22.09 3.09
N GLU C 198 39.09 -21.84 4.33
CA GLU C 198 39.24 -20.49 4.87
C GLU C 198 40.25 -19.65 4.07
N ASP C 199 41.34 -20.29 3.65
CA ASP C 199 42.37 -19.62 2.84
C ASP C 199 41.88 -19.32 1.42
N GLN C 200 41.10 -20.22 0.86
CA GLN C 200 40.55 -20.05 -0.48
C GLN C 200 39.50 -18.94 -0.54
N MET C 201 38.71 -18.82 0.52
CA MET C 201 37.69 -17.78 0.62
C MET C 201 38.32 -16.40 0.86
N LEU C 202 39.36 -16.36 1.68
CA LEU C 202 40.06 -15.11 1.99
C LEU C 202 40.86 -14.60 0.79
N GLY C 203 41.48 -15.51 0.05
CA GLY C 203 42.23 -15.18 -1.16
C GLY C 203 41.34 -14.56 -2.23
N ALA C 204 40.08 -14.98 -2.27
CA ALA C 204 39.09 -14.44 -3.19
C ALA C 204 38.69 -13.01 -2.83
N VAL C 205 38.56 -12.74 -1.54
CA VAL C 205 38.23 -11.40 -1.04
C VAL C 205 39.38 -10.42 -1.32
N VAL C 206 40.61 -10.88 -1.10
CA VAL C 206 41.81 -10.08 -1.36
C VAL C 206 42.01 -9.83 -2.87
N PHE C 207 41.83 -10.88 -3.66
CA PHE C 207 41.94 -10.80 -5.13
C PHE C 207 40.98 -9.77 -5.72
N GLY C 208 39.69 -9.90 -5.37
CA GLY C 208 38.66 -9.00 -5.87
C GLY C 208 38.83 -7.56 -5.44
N HIS C 209 39.40 -7.36 -4.25
CA HIS C 209 39.67 -6.02 -3.73
C HIS C 209 40.82 -5.35 -4.47
N GLU C 210 41.82 -6.14 -4.87
CA GLU C 210 42.96 -5.64 -5.64
C GLU C 210 42.59 -5.31 -7.08
N GLN C 211 41.73 -6.15 -7.67
CA GLN C 211 41.33 -6.01 -9.07
C GLN C 211 40.44 -4.79 -9.32
N GLN C 212 39.63 -4.42 -8.33
CA GLN C 212 38.69 -3.32 -8.46
C GLN C 212 39.32 -1.93 -8.26
N GLN C 213 40.62 -1.90 -7.99
CA GLN C 213 41.34 -0.65 -7.77
C GLN C 213 41.39 0.22 -9.02
N VAL C 214 41.40 -0.42 -10.18
CA VAL C 214 41.36 0.28 -11.47
C VAL C 214 40.04 1.05 -11.66
N VAL C 215 38.96 0.51 -11.10
CA VAL C 215 37.65 1.18 -11.10
C VAL C 215 37.70 2.44 -10.22
N ILE C 216 38.26 2.30 -9.02
CA ILE C 216 38.40 3.40 -8.07
C ILE C 216 39.26 4.54 -8.62
N GLN C 217 40.37 4.17 -9.27
CA GLN C 217 41.31 5.14 -9.86
C GLN C 217 40.67 5.94 -11.00
N ASN C 218 39.86 5.25 -11.82
CA ASN C 218 39.19 5.88 -12.94
C ASN C 218 38.03 6.80 -12.54
N ILE C 219 37.34 6.45 -11.45
CA ILE C 219 36.32 7.32 -10.88
C ILE C 219 36.98 8.58 -10.32
N ASN C 220 38.11 8.39 -9.63
CA ASN C 220 38.91 9.51 -9.10
C ASN C 220 39.37 10.50 -10.17
N GLU C 221 39.75 9.98 -11.34
CA GLU C 221 40.17 10.82 -12.46
C GLU C 221 39.00 11.52 -13.13
N LEU C 222 37.83 10.88 -13.13
CA LEU C 222 36.61 11.47 -13.65
C LEU C 222 36.09 12.56 -12.71
N VAL C 223 36.27 12.35 -11.40
CA VAL C 223 35.84 13.30 -10.38
C VAL C 223 36.67 14.60 -10.42
N LYS C 224 37.97 14.46 -10.67
CA LYS C 224 38.86 15.62 -10.79
C LYS C 224 38.54 16.49 -12.01
N GLU C 225 37.89 15.88 -13.01
CA GLU C 225 37.51 16.58 -14.24
C GLU C 225 36.12 17.20 -14.17
N ALA C 226 35.14 16.41 -13.72
CA ALA C 226 33.73 16.77 -13.84
C ALA C 226 32.95 16.85 -12.52
N GLY C 227 33.62 16.52 -11.41
CA GLY C 227 32.99 16.51 -10.09
C GLY C 227 32.48 17.87 -9.64
N LYS C 228 31.30 17.86 -9.03
CA LYS C 228 30.72 19.07 -8.43
C LYS C 228 31.40 19.37 -7.10
N PRO C 229 31.46 20.67 -6.70
CA PRO C 229 32.16 21.01 -5.47
C PRO C 229 31.55 20.33 -4.24
N ARG C 230 32.43 19.81 -3.38
CA ARG C 230 32.01 19.10 -2.17
C ARG C 230 31.22 20.02 -1.26
N TRP C 231 30.06 19.54 -0.82
CA TRP C 231 29.15 20.30 0.06
C TRP C 231 29.88 20.87 1.27
N ASP C 232 29.53 22.11 1.64
CA ASP C 232 30.03 22.68 2.88
C ASP C 232 29.16 22.18 4.03
N TRP C 233 29.50 20.98 4.52
CA TRP C 233 28.75 20.36 5.59
C TRP C 233 29.64 20.08 6.80
N GLN C 234 29.12 20.43 7.98
CA GLN C 234 29.83 20.17 9.23
C GLN C 234 28.98 19.35 10.18
N PRO C 235 29.60 18.41 10.92
CA PRO C 235 28.92 17.78 12.04
C PRO C 235 28.61 18.83 13.11
N GLU C 236 27.55 18.61 13.88
CA GLU C 236 27.20 19.51 14.97
C GLU C 236 28.36 19.58 15.97
N PRO C 237 28.82 20.80 16.30
CA PRO C 237 30.02 20.95 17.13
C PRO C 237 29.88 20.30 18.49
N VAL C 238 30.97 19.68 18.97
CA VAL C 238 30.98 18.97 20.24
C VAL C 238 30.72 19.92 21.41
N ASN C 239 29.65 19.64 22.15
CA ASN C 239 29.27 20.40 23.33
C ASN C 239 29.75 19.68 24.59
N GLU C 240 30.98 20.00 25.02
CA GLU C 240 31.64 19.31 26.14
C GLU C 240 30.93 19.44 27.48
N ALA C 241 30.29 20.58 27.72
CA ALA C 241 29.58 20.84 28.96
C ALA C 241 28.30 20.02 29.09
N LEU C 242 27.55 19.91 27.98
CA LEU C 242 26.31 19.13 27.95
C LEU C 242 26.60 17.63 28.03
N ASN C 243 27.73 17.21 27.46
CA ASN C 243 28.21 15.84 27.60
C ASN C 243 28.44 15.47 29.06
N ALA C 244 29.11 16.38 29.79
CA ALA C 244 29.44 16.18 31.20
C ALA C 244 28.21 16.08 32.09
N ARG C 245 27.16 16.84 31.77
CA ARG C 245 25.91 16.81 32.51
C ARG C 245 25.13 15.51 32.28
N VAL C 246 25.19 14.98 31.07
CA VAL C 246 24.55 13.71 30.73
C VAL C 246 25.33 12.54 31.34
N ALA C 247 26.66 12.61 31.27
CA ALA C 247 27.54 11.58 31.83
C ALA C 247 27.46 11.52 33.36
N ALA C 248 27.19 12.66 33.99
CA ALA C 248 27.07 12.75 35.45
C ALA C 248 25.81 12.04 35.97
N LEU C 249 24.79 11.98 35.13
CA LEU C 249 23.49 11.41 35.52
C LEU C 249 23.28 9.97 35.05
N ALA C 250 24.01 9.55 34.03
CA ALA C 250 23.68 8.30 33.33
C ALA C 250 24.79 7.24 33.22
N GLU C 251 26.05 7.67 33.10
CA GLU C 251 27.15 6.73 32.80
C GLU C 251 27.30 5.60 33.82
N ALA C 252 27.27 5.93 35.11
CA ALA C 252 27.39 4.92 36.17
C ALA C 252 26.23 3.94 36.18
N ARG C 253 25.04 4.44 35.84
CA ARG C 253 23.83 3.61 35.78
C ARG C 253 23.81 2.73 34.53
N LEU C 254 24.20 3.30 33.39
CA LEU C 254 24.27 2.57 32.13
C LEU C 254 25.35 1.49 32.16
N SER C 255 26.40 1.73 32.94
CA SER C 255 27.47 0.76 33.15
C SER C 255 26.96 -0.50 33.85
N ASP C 256 26.08 -0.31 34.84
CA ASP C 256 25.45 -1.43 35.56
C ASP C 256 24.36 -2.11 34.73
N ALA C 257 23.70 -1.32 33.88
CA ALA C 257 22.66 -1.83 32.99
C ALA C 257 23.23 -2.79 31.96
N TYR C 258 24.44 -2.51 31.49
CA TYR C 258 25.10 -3.35 30.49
C TYR C 258 25.92 -4.50 31.10
N ARG C 259 25.63 -4.81 32.37
CA ARG C 259 26.11 -6.03 33.00
C ARG C 259 24.94 -6.99 33.26
N ILE C 260 23.73 -6.49 33.02
CA ILE C 260 22.53 -7.34 33.05
C ILE C 260 22.51 -8.19 31.78
N THR C 261 22.52 -9.50 31.97
CA THR C 261 22.70 -10.46 30.87
C THR C 261 21.42 -10.71 30.08
N ASP C 262 20.29 -10.81 30.78
CA ASP C 262 18.98 -11.01 30.17
C ASP C 262 18.60 -9.80 29.31
N LYS C 263 18.27 -10.06 28.05
CA LYS C 263 17.99 -9.00 27.07
C LYS C 263 16.80 -8.11 27.47
N GLN C 264 15.69 -8.73 27.84
CA GLN C 264 14.46 -8.03 28.21
C GLN C 264 14.65 -7.13 29.43
N GLU C 265 15.34 -7.65 30.44
CA GLU C 265 15.64 -6.87 31.64
C GLU C 265 16.50 -5.66 31.30
N ARG C 266 17.45 -5.85 30.39
CA ARG C 266 18.59 -4.95 30.26
C ARG C 266 18.22 -3.69 29.48
N TYR C 267 17.42 -3.87 28.42
CA TYR C 267 16.70 -2.75 27.82
C TYR C 267 15.80 -2.07 28.84
N ALA C 268 14.82 -2.81 29.36
CA ALA C 268 13.84 -2.25 30.29
C ALA C 268 14.50 -1.31 31.29
N GLN C 269 15.76 -1.61 31.63
CA GLN C 269 16.53 -0.75 32.53
C GLN C 269 17.20 0.39 31.78
N VAL C 270 17.73 0.10 30.59
CA VAL C 270 18.33 1.12 29.72
C VAL C 270 17.31 2.21 29.37
N ASP C 271 16.06 1.80 29.15
CA ASP C 271 14.98 2.73 28.84
C ASP C 271 14.59 3.60 30.05
N VAL C 272 14.61 3.01 31.24
CA VAL C 272 14.32 3.74 32.48
C VAL C 272 15.37 4.83 32.72
N ILE C 273 16.64 4.47 32.51
CA ILE C 273 17.76 5.40 32.68
C ILE C 273 17.66 6.58 31.71
N LYS C 274 17.41 6.29 30.43
CA LYS C 274 17.29 7.32 29.40
C LYS C 274 16.09 8.25 29.62
N SER C 275 14.96 7.68 30.02
CA SER C 275 13.74 8.46 30.31
C SER C 275 13.95 9.40 31.49
N GLU C 276 14.46 8.85 32.60
CA GLU C 276 14.69 9.62 33.83
C GLU C 276 15.76 10.70 33.67
N THR C 277 16.80 10.40 32.89
CA THR C 277 17.88 11.35 32.63
C THR C 277 17.40 12.54 31.79
N ILE C 278 16.66 12.25 30.72
CA ILE C 278 16.11 13.28 29.84
C ILE C 278 15.09 14.16 30.57
N ALA C 279 14.15 13.51 31.26
CA ALA C 279 13.11 14.22 32.01
C ALA C 279 13.67 15.11 33.12
N THR C 280 14.82 14.73 33.67
CA THR C 280 15.50 15.53 34.68
C THR C 280 16.19 16.75 34.06
N LEU C 281 16.83 16.56 32.91
CA LEU C 281 17.51 17.66 32.21
C LEU C 281 16.54 18.67 31.60
N LEU C 282 15.35 18.19 31.22
CA LEU C 282 14.29 19.07 30.73
C LEU C 282 13.63 19.85 31.86
N ALA C 283 13.67 19.30 33.06
CA ALA C 283 13.19 19.98 34.27
C ALA C 283 14.12 21.13 34.66
N GLU C 284 15.36 21.04 34.20
CA GLU C 284 16.36 22.09 34.42
C GLU C 284 16.38 23.12 33.29
N ASP C 285 16.05 22.67 32.08
CA ASP C 285 16.13 23.49 30.88
C ASP C 285 15.24 22.92 29.77
N GLU C 286 14.10 23.58 29.54
CA GLU C 286 13.10 23.10 28.59
C GLU C 286 13.46 23.35 27.12
N THR C 287 14.54 24.10 26.88
CA THR C 287 14.97 24.46 25.53
C THR C 287 15.96 23.47 24.92
N LEU C 288 16.46 22.54 25.74
CA LEU C 288 17.43 21.54 25.29
C LEU C 288 16.88 20.62 24.20
N ASP C 289 17.72 20.28 23.23
CA ASP C 289 17.33 19.41 22.13
C ASP C 289 17.24 17.96 22.59
N GLU C 290 16.04 17.40 22.52
CA GLU C 290 15.76 16.04 22.99
C GLU C 290 16.47 14.98 22.14
N ASN C 291 16.56 15.23 20.83
CA ASN C 291 17.32 14.37 19.93
C ASN C 291 18.80 14.32 20.25
N GLU C 292 19.35 15.47 20.63
CA GLU C 292 20.77 15.59 20.95
C GLU C 292 21.13 14.86 22.24
N LEU C 293 20.20 14.87 23.20
CA LEU C 293 20.38 14.13 24.46
C LEU C 293 20.41 12.62 24.22
N GLY C 294 19.57 12.16 23.29
CA GLY C 294 19.53 10.75 22.90
C GLY C 294 20.81 10.29 22.23
N GLU C 295 21.44 11.19 21.47
CA GLU C 295 22.69 10.91 20.79
C GLU C 295 23.89 10.87 21.75
N ILE C 296 23.84 11.68 22.81
CA ILE C 296 24.88 11.68 23.83
C ILE C 296 24.77 10.44 24.71
N LEU C 297 23.53 10.08 25.09
CA LEU C 297 23.24 8.87 25.85
C LEU C 297 23.66 7.61 25.08
N HIS C 298 23.41 7.60 23.77
CA HIS C 298 23.80 6.50 22.90
C HIS C 298 25.32 6.40 22.75
N ALA C 299 25.99 7.56 22.77
CA ALA C 299 27.45 7.62 22.72
C ALA C 299 28.08 7.03 23.98
N ILE C 300 27.37 7.14 25.10
CA ILE C 300 27.82 6.58 26.38
C ILE C 300 27.69 5.05 26.38
N GLU C 301 26.52 4.55 25.98
CA GLU C 301 26.28 3.11 25.84
C GLU C 301 27.39 2.46 25.02
N LYS C 302 27.65 3.04 23.85
CA LYS C 302 28.64 2.56 22.90
C LYS C 302 30.03 2.50 23.54
N ASN C 303 30.41 3.56 24.24
CA ASN C 303 31.71 3.63 24.91
C ASN C 303 31.85 2.64 26.06
N VAL C 304 30.76 2.43 26.80
CA VAL C 304 30.75 1.49 27.92
C VAL C 304 31.00 0.05 27.45
N VAL C 305 30.30 -0.36 26.41
CA VAL C 305 30.41 -1.72 25.88
C VAL C 305 31.74 -1.95 25.15
N ARG C 306 32.12 -1.01 24.28
CA ARG C 306 33.33 -1.13 23.47
C ARG C 306 34.62 -1.21 24.29
N SER C 307 34.74 -0.34 25.30
CA SER C 307 35.94 -0.27 26.13
C SER C 307 36.07 -1.47 27.08
N ARG C 308 34.95 -2.09 27.42
CA ARG C 308 34.96 -3.32 28.21
C ARG C 308 35.44 -4.52 27.39
N VAL C 309 35.13 -4.49 26.10
CA VAL C 309 35.61 -5.50 25.15
C VAL C 309 37.13 -5.40 24.98
N LEU C 310 37.61 -4.17 24.82
CA LEU C 310 39.05 -3.90 24.62
C LEU C 310 39.88 -4.13 25.87
N ALA C 311 39.27 -3.95 27.04
CA ALA C 311 39.94 -4.16 28.32
C ALA C 311 40.04 -5.65 28.68
N GLY C 312 39.34 -6.49 27.91
CA GLY C 312 39.39 -7.94 28.11
C GLY C 312 38.41 -8.43 29.18
N GLU C 313 37.51 -7.55 29.61
CA GLU C 313 36.50 -7.89 30.60
C GLU C 313 35.39 -8.76 30.00
N PRO C 314 34.65 -9.49 30.85
CA PRO C 314 33.54 -10.31 30.34
C PRO C 314 32.51 -9.50 29.58
N ARG C 315 31.95 -10.09 28.53
CA ARG C 315 30.95 -9.45 27.68
C ARG C 315 29.64 -9.24 28.45
N ILE C 316 28.68 -8.57 27.80
CA ILE C 316 27.40 -8.23 28.42
C ILE C 316 26.73 -9.42 29.13
N ASP C 317 26.72 -10.58 28.48
CA ASP C 317 26.13 -11.79 29.05
C ASP C 317 27.10 -12.64 29.89
N GLY C 318 28.29 -12.11 30.13
CA GLY C 318 29.29 -12.76 30.97
C GLY C 318 30.27 -13.66 30.22
N ARG C 319 30.03 -13.84 28.92
CA ARG C 319 30.86 -14.70 28.08
C ARG C 319 32.25 -14.13 27.83
N GLU C 320 33.16 -15.00 27.40
CA GLU C 320 34.48 -14.58 26.93
C GLU C 320 34.44 -14.37 25.41
N LYS C 321 35.52 -13.83 24.86
CA LYS C 321 35.57 -13.41 23.45
C LYS C 321 35.26 -14.50 22.42
N ASP C 322 35.54 -15.75 22.77
CA ASP C 322 35.37 -16.87 21.84
C ASP C 322 34.40 -17.96 22.33
N MET C 323 33.50 -17.60 23.23
CA MET C 323 32.48 -18.53 23.72
C MET C 323 31.19 -18.43 22.91
N ILE C 324 30.58 -19.57 22.66
CA ILE C 324 29.27 -19.65 22.00
C ILE C 324 28.20 -19.82 23.07
N ARG C 325 27.03 -19.25 22.81
CA ARG C 325 25.88 -19.36 23.72
C ARG C 325 25.34 -20.79 23.81
N GLY C 326 24.45 -21.02 24.77
CA GLY C 326 23.83 -22.33 24.97
C GLY C 326 22.98 -22.76 23.78
N LEU C 327 23.05 -24.04 23.44
CA LEU C 327 22.35 -24.59 22.28
C LEU C 327 21.26 -25.57 22.68
N ASP C 328 20.13 -25.50 21.97
CA ASP C 328 19.06 -26.48 22.10
C ASP C 328 18.58 -26.88 20.71
N VAL C 329 18.65 -28.18 20.42
CA VAL C 329 18.35 -28.70 19.09
C VAL C 329 17.19 -29.69 19.16
N ARG C 330 16.17 -29.47 18.34
CA ARG C 330 14.99 -30.36 18.30
C ARG C 330 14.58 -30.73 16.88
N THR C 331 14.03 -31.94 16.74
CA THR C 331 13.66 -32.49 15.43
C THR C 331 12.27 -33.15 15.52
N GLY C 332 11.47 -32.97 14.47
CA GLY C 332 10.12 -33.53 14.41
C GLY C 332 9.21 -32.87 15.43
N VAL C 333 9.16 -31.55 15.39
CA VAL C 333 8.44 -30.73 16.36
C VAL C 333 6.96 -30.54 15.96
N LEU C 334 6.68 -30.56 14.66
CA LEU C 334 5.33 -30.40 14.14
C LEU C 334 4.82 -31.69 13.51
N PRO C 335 3.55 -32.07 13.81
CA PRO C 335 3.05 -33.40 13.44
C PRO C 335 2.72 -33.63 11.95
N ARG C 336 2.21 -32.61 11.27
CA ARG C 336 1.74 -32.77 9.88
C ARG C 336 2.70 -32.29 8.81
N THR C 337 3.83 -31.74 9.23
CA THR C 337 4.83 -31.19 8.32
C THR C 337 5.77 -32.32 7.85
N HIS C 338 6.32 -32.17 6.65
CA HIS C 338 7.25 -33.19 6.11
C HIS C 338 8.52 -33.27 6.95
N GLY C 339 9.04 -32.11 7.36
CA GLY C 339 10.20 -32.02 8.23
C GLY C 339 10.20 -30.74 9.03
N SER C 340 10.45 -30.83 10.33
CA SER C 340 10.48 -29.67 11.21
C SER C 340 11.63 -29.71 12.19
N ALA C 341 12.07 -28.53 12.61
CA ALA C 341 13.14 -28.38 13.59
C ALA C 341 12.99 -27.10 14.40
N LEU C 342 13.40 -27.17 15.67
CA LEU C 342 13.46 -25.99 16.52
C LEU C 342 14.89 -25.82 17.02
N PHE C 343 15.54 -24.75 16.57
CA PHE C 343 16.93 -24.46 16.89
C PHE C 343 17.04 -23.22 17.77
N THR C 344 17.65 -23.38 18.93
CA THR C 344 17.80 -22.28 19.88
C THR C 344 19.27 -22.07 20.25
N ARG C 345 19.75 -20.88 19.99
CA ARG C 345 21.02 -20.41 20.44
C ARG C 345 20.89 -19.18 21.28
N GLY C 346 21.00 -19.31 22.59
CA GLY C 346 20.82 -18.21 23.51
C GLY C 346 19.40 -17.66 23.46
N GLU C 347 19.27 -16.40 23.06
CA GLU C 347 17.98 -15.74 22.94
C GLU C 347 17.55 -15.59 21.48
N THR C 348 18.17 -16.39 20.61
CA THR C 348 17.79 -16.46 19.20
C THR C 348 17.23 -17.85 18.90
N GLN C 349 16.06 -17.88 18.26
CA GLN C 349 15.34 -19.14 18.02
C GLN C 349 14.67 -19.15 16.66
N ALA C 350 14.74 -20.30 15.98
CA ALA C 350 14.15 -20.47 14.67
C ALA C 350 13.36 -21.77 14.53
N LEU C 351 12.06 -21.64 14.24
CA LEU C 351 11.22 -22.77 13.90
C LEU C 351 11.26 -22.96 12.39
N VAL C 352 11.90 -24.04 11.95
CA VAL C 352 12.16 -24.26 10.52
C VAL C 352 11.47 -25.52 10.02
N THR C 353 10.79 -25.40 8.89
CA THR C 353 10.10 -26.52 8.25
C THR C 353 10.65 -26.82 6.86
N ALA C 354 10.44 -28.04 6.39
CA ALA C 354 10.80 -28.45 5.04
C ALA C 354 9.61 -29.13 4.37
N THR C 355 9.35 -28.76 3.12
CA THR C 355 8.23 -29.31 2.36
C THR C 355 8.69 -29.84 1.00
N LEU C 356 8.32 -31.09 0.72
CA LEU C 356 8.64 -31.74 -0.55
C LEU C 356 7.53 -31.50 -1.57
N GLY C 357 7.88 -31.21 -2.80
CA GLY C 357 6.90 -31.07 -3.84
C GLY C 357 7.34 -31.53 -5.19
N THR C 358 6.56 -31.22 -6.19
CA THR C 358 6.75 -31.70 -7.52
C THR C 358 7.27 -30.66 -8.48
N ALA C 359 7.31 -31.01 -9.75
CA ALA C 359 7.57 -30.03 -10.80
C ALA C 359 6.65 -28.83 -10.69
N ARG C 360 5.35 -29.07 -10.86
CA ARG C 360 4.35 -28.02 -10.71
C ARG C 360 4.80 -26.95 -9.72
N ASP C 361 5.43 -27.39 -8.63
CA ASP C 361 5.68 -26.54 -7.48
C ASP C 361 6.91 -25.66 -7.63
N ALA C 362 7.78 -26.00 -8.59
CA ALA C 362 8.99 -25.23 -8.86
C ALA C 362 8.67 -23.81 -9.33
N GLN C 363 9.44 -22.85 -8.84
CA GLN C 363 9.19 -21.44 -9.15
C GLN C 363 9.77 -21.04 -10.51
N VAL C 364 8.94 -20.39 -11.32
CA VAL C 364 9.35 -19.85 -12.60
C VAL C 364 9.80 -18.40 -12.42
N LEU C 365 11.09 -18.16 -12.62
CA LEU C 365 11.66 -16.81 -12.48
C LEU C 365 11.89 -16.17 -13.84
N ASP C 366 11.11 -15.12 -14.12
CA ASP C 366 11.23 -14.39 -15.38
C ASP C 366 12.27 -13.28 -15.24
N GLU C 367 13.53 -13.69 -15.15
CA GLU C 367 14.65 -12.77 -14.95
C GLU C 367 15.11 -12.14 -16.25
N LEU C 368 15.82 -11.01 -16.13
CA LEU C 368 16.29 -10.24 -17.28
C LEU C 368 17.41 -10.92 -18.05
N MET C 369 18.22 -11.71 -17.34
CA MET C 369 19.35 -12.41 -17.95
C MET C 369 18.98 -13.77 -18.55
N GLY C 370 17.70 -14.13 -18.43
CA GLY C 370 17.21 -15.40 -18.96
C GLY C 370 16.29 -16.09 -17.97
N GLU C 371 15.20 -16.65 -18.49
CA GLU C 371 14.22 -17.37 -17.69
C GLU C 371 14.84 -18.61 -17.04
N ARG C 372 14.48 -18.84 -15.78
CA ARG C 372 15.08 -19.88 -14.97
C ARG C 372 14.01 -20.46 -14.05
N THR C 373 14.02 -21.78 -13.87
CA THR C 373 13.10 -22.43 -12.93
C THR C 373 13.84 -22.85 -11.66
N ASP C 374 13.26 -22.52 -10.52
CA ASP C 374 13.90 -22.76 -9.22
C ASP C 374 13.27 -23.95 -8.49
N THR C 375 14.11 -24.90 -8.13
CA THR C 375 13.70 -26.15 -7.49
C THR C 375 13.80 -26.06 -5.95
N PHE C 376 14.64 -25.14 -5.48
CA PHE C 376 14.90 -24.98 -4.05
C PHE C 376 14.45 -23.59 -3.59
N LEU C 377 13.45 -23.56 -2.71
CA LEU C 377 12.88 -22.32 -2.23
C LEU C 377 13.19 -22.12 -0.75
N PHE C 378 13.58 -20.91 -0.37
CA PHE C 378 13.93 -20.60 1.01
C PHE C 378 13.31 -19.27 1.44
N HIS C 379 12.35 -19.35 2.35
CA HIS C 379 11.67 -18.16 2.85
C HIS C 379 11.92 -17.94 4.34
N TYR C 380 12.19 -16.68 4.68
CA TYR C 380 12.61 -16.28 6.02
C TYR C 380 11.64 -15.24 6.55
N ASN C 381 11.00 -15.55 7.67
CA ASN C 381 10.04 -14.65 8.29
C ASN C 381 10.53 -14.11 9.63
N PHE C 382 10.44 -12.80 9.80
CA PHE C 382 10.88 -12.12 11.01
C PHE C 382 9.72 -11.31 11.60
N PRO C 383 8.83 -11.97 12.35
CA PRO C 383 7.70 -11.29 12.98
C PRO C 383 8.15 -10.42 14.16
N PRO C 384 7.39 -9.35 14.48
CA PRO C 384 7.81 -8.40 15.52
C PRO C 384 7.85 -8.96 16.94
N TYR C 385 7.15 -10.06 17.20
CA TYR C 385 7.13 -10.68 18.53
C TYR C 385 8.45 -11.36 18.91
N SER C 386 9.30 -11.61 17.91
CA SER C 386 10.60 -12.23 18.13
C SER C 386 11.52 -11.33 18.97
N VAL C 387 11.28 -10.02 18.91
CA VAL C 387 12.01 -9.06 19.72
C VAL C 387 11.11 -8.33 20.72
N GLY C 388 9.94 -8.91 20.99
CA GLY C 388 8.98 -8.37 21.96
C GLY C 388 8.36 -7.06 21.54
N GLU C 389 8.01 -6.95 20.25
CA GLU C 389 7.44 -5.74 19.69
C GLU C 389 6.12 -6.03 18.96
N THR C 390 5.38 -4.95 18.68
CA THR C 390 4.20 -5.03 17.83
C THR C 390 4.53 -4.36 16.50
N GLY C 391 3.90 -4.83 15.42
CA GLY C 391 4.14 -4.27 14.10
C GLY C 391 3.33 -4.90 12.98
N MET C 392 3.56 -4.41 11.76
CA MET C 392 2.85 -4.86 10.56
C MET C 392 3.19 -6.31 10.22
N VAL C 393 2.21 -7.02 9.66
CA VAL C 393 2.40 -8.39 9.19
C VAL C 393 2.15 -8.48 7.68
N GLY C 394 2.55 -7.42 6.96
CA GLY C 394 2.37 -7.36 5.51
C GLY C 394 3.34 -8.26 4.75
N SER C 395 3.69 -7.83 3.53
CA SER C 395 4.63 -8.58 2.69
C SER C 395 6.05 -8.55 3.26
N PRO C 396 6.94 -9.46 2.80
CA PRO C 396 8.30 -9.53 3.34
C PRO C 396 9.09 -8.25 3.13
N LYS C 397 9.80 -7.83 4.18
CA LYS C 397 10.68 -6.66 4.14
CA LYS C 397 10.65 -6.64 4.09
C LYS C 397 11.95 -6.98 3.37
N ARG C 398 12.67 -5.97 2.95
CA ARG C 398 13.95 -6.13 2.24
CA ARG C 398 13.95 -6.13 2.29
C ARG C 398 14.97 -6.93 3.05
N ARG C 399 14.94 -6.78 4.36
N ARG C 399 15.03 -6.67 4.34
CA ARG C 399 15.84 -7.50 5.25
CA ARG C 399 15.81 -7.46 5.30
C ARG C 399 15.47 -8.97 5.35
C ARG C 399 15.48 -8.96 5.24
N GLU C 400 14.18 -9.27 5.21
CA GLU C 400 13.69 -10.65 5.21
C GLU C 400 14.03 -11.39 3.92
N ILE C 401 14.04 -10.66 2.80
CA ILE C 401 14.43 -11.20 1.49
C ILE C 401 15.94 -11.45 1.45
N GLY C 402 16.71 -10.52 2.03
CA GLY C 402 18.16 -10.63 2.09
C GLY C 402 18.67 -11.77 2.95
N HIS C 403 18.03 -11.98 4.11
CA HIS C 403 18.43 -13.02 5.04
C HIS C 403 17.95 -14.41 4.62
N GLY C 404 16.83 -14.45 3.90
CA GLY C 404 16.34 -15.70 3.32
C GLY C 404 17.26 -16.22 2.24
N ARG C 405 17.88 -15.29 1.51
CA ARG C 405 18.81 -15.60 0.45
C ARG C 405 20.18 -16.01 0.99
N LEU C 406 20.60 -15.35 2.07
CA LEU C 406 21.86 -15.68 2.74
C LEU C 406 21.83 -17.10 3.33
N ALA C 407 20.74 -17.43 4.01
CA ALA C 407 20.54 -18.75 4.60
C ALA C 407 20.42 -19.83 3.53
N LYS C 408 19.84 -19.47 2.39
CA LYS C 408 19.72 -20.36 1.24
C LYS C 408 21.09 -20.71 0.66
N ARG C 409 21.96 -19.70 0.58
CA ARG C 409 23.33 -19.87 0.09
C ARG C 409 24.19 -20.70 1.04
N GLY C 410 23.83 -20.68 2.32
CA GLY C 410 24.51 -21.49 3.32
C GLY C 410 24.14 -22.96 3.25
N VAL C 411 23.06 -23.27 2.54
CA VAL C 411 22.53 -24.63 2.44
C VAL C 411 22.74 -25.25 1.05
N LEU C 412 22.74 -24.42 0.01
CA LEU C 412 22.78 -24.88 -1.38
C LEU C 412 23.93 -25.84 -1.71
N ALA C 413 25.08 -25.63 -1.07
CA ALA C 413 26.27 -26.45 -1.31
C ALA C 413 26.07 -27.94 -0.99
N VAL C 414 25.19 -28.23 -0.03
CA VAL C 414 24.96 -29.61 0.41
C VAL C 414 23.69 -30.25 -0.16
N MET C 415 22.91 -29.48 -0.91
CA MET C 415 21.68 -29.99 -1.54
C MET C 415 21.97 -31.04 -2.60
N PRO C 416 21.19 -32.14 -2.63
CA PRO C 416 21.34 -33.15 -3.68
C PRO C 416 20.83 -32.62 -5.02
N ASP C 417 21.44 -33.06 -6.12
CA ASP C 417 20.98 -32.63 -7.45
C ASP C 417 19.73 -33.40 -7.90
N MET C 418 19.21 -33.04 -9.08
CA MET C 418 17.92 -33.54 -9.55
C MET C 418 17.88 -35.02 -9.93
N ASP C 419 19.03 -35.59 -10.30
CA ASP C 419 19.13 -37.02 -10.60
C ASP C 419 18.94 -37.81 -9.31
N LYS C 420 19.63 -37.38 -8.26
CA LYS C 420 19.64 -38.04 -6.96
C LYS C 420 18.31 -37.88 -6.24
N PHE C 421 17.74 -36.68 -6.32
CA PHE C 421 16.53 -36.34 -5.60
C PHE C 421 15.64 -35.43 -6.45
N PRO C 422 14.71 -36.03 -7.24
CA PRO C 422 13.92 -35.28 -8.21
C PRO C 422 12.65 -34.65 -7.60
N TYR C 423 12.84 -33.75 -6.64
CA TYR C 423 11.72 -33.10 -5.96
C TYR C 423 11.98 -31.61 -5.72
N THR C 424 10.92 -30.81 -5.78
CA THR C 424 10.97 -29.41 -5.37
C THR C 424 10.97 -29.36 -3.85
N VAL C 425 11.90 -28.59 -3.28
CA VAL C 425 12.03 -28.47 -1.83
C VAL C 425 11.85 -27.02 -1.39
N ARG C 426 10.92 -26.80 -0.46
CA ARG C 426 10.71 -25.47 0.13
C ARG C 426 11.06 -25.48 1.61
N VAL C 427 11.94 -24.56 2.00
CA VAL C 427 12.34 -24.41 3.39
C VAL C 427 11.85 -23.06 3.92
N VAL C 428 11.09 -23.09 5.01
CA VAL C 428 10.58 -21.89 5.65
C VAL C 428 11.18 -21.75 7.05
N SER C 429 11.80 -20.60 7.31
CA SER C 429 12.35 -20.31 8.63
C SER C 429 11.56 -19.23 9.34
N GLU C 430 10.95 -19.59 10.46
CA GLU C 430 10.19 -18.66 11.29
C GLU C 430 11.05 -18.26 12.49
N ILE C 431 11.48 -17.00 12.52
CA ILE C 431 12.28 -16.48 13.63
C ILE C 431 11.35 -16.17 14.80
N THR C 432 11.41 -17.02 15.83
CA THR C 432 10.53 -16.91 16.99
C THR C 432 11.14 -16.07 18.11
N GLU C 433 12.45 -15.95 18.10
CA GLU C 433 13.20 -15.17 19.03
C GLU C 433 14.39 -14.59 18.34
N SER C 434 14.74 -13.37 18.65
CA SER C 434 15.94 -12.79 18.15
C SER C 434 16.86 -12.05 19.11
N ASN C 435 18.13 -12.42 19.11
CA ASN C 435 19.19 -11.59 19.68
C ASN C 435 20.54 -11.82 19.01
N GLY C 436 20.52 -11.94 17.69
CA GLY C 436 21.74 -12.20 16.94
C GLY C 436 21.85 -13.65 16.50
N SER C 437 22.75 -13.91 15.55
CA SER C 437 22.37 -14.00 14.15
C SER C 437 21.21 -14.96 13.94
N SER C 438 20.12 -14.44 13.38
CA SER C 438 18.92 -15.24 13.16
C SER C 438 19.00 -15.98 11.83
N SER C 439 19.75 -15.43 10.88
CA SER C 439 19.91 -16.03 9.56
C SER C 439 20.84 -17.23 9.62
N MET C 440 21.75 -17.23 10.60
CA MET C 440 22.64 -18.36 10.82
C MET C 440 21.96 -19.47 11.61
N ALA C 441 20.97 -19.10 12.41
CA ALA C 441 20.10 -20.05 13.10
C ALA C 441 19.17 -20.74 12.10
N SER C 442 18.85 -20.01 11.02
CA SER C 442 18.04 -20.54 9.92
C SER C 442 18.79 -21.59 9.12
N VAL C 443 20.11 -21.41 9.00
CA VAL C 443 20.99 -22.37 8.32
C VAL C 443 21.01 -23.71 9.07
N CYS C 444 21.23 -23.64 10.38
CA CYS C 444 21.25 -24.81 11.25
C CYS C 444 19.88 -25.49 11.29
N GLY C 445 18.83 -24.69 11.44
CA GLY C 445 17.45 -25.19 11.49
C GLY C 445 17.01 -25.86 10.20
N ALA C 446 17.47 -25.31 9.07
CA ALA C 446 17.19 -25.89 7.75
C ALA C 446 17.85 -27.25 7.59
N SER C 447 19.10 -27.36 8.05
CA SER C 447 19.86 -28.61 7.98
C SER C 447 19.19 -29.75 8.73
N LEU C 448 18.62 -29.43 9.90
CA LEU C 448 17.91 -30.41 10.71
C LEU C 448 16.54 -30.75 10.11
N ALA C 449 15.86 -29.74 9.57
CA ALA C 449 14.54 -29.90 8.97
C ALA C 449 14.58 -30.71 7.67
N LEU C 450 15.64 -30.49 6.89
CA LEU C 450 15.85 -31.22 5.63
C LEU C 450 16.10 -32.70 5.88
N MET C 451 16.95 -33.00 6.87
CA MET C 451 17.23 -34.37 7.28
C MET C 451 15.98 -35.05 7.85
N ASP C 452 15.18 -34.28 8.60
CA ASP C 452 13.94 -34.77 9.19
C ASP C 452 12.91 -35.13 8.11
N ALA C 453 12.93 -34.38 7.00
CA ALA C 453 12.06 -34.63 5.86
C ALA C 453 12.58 -35.77 4.98
N GLY C 454 13.80 -36.23 5.28
CA GLY C 454 14.41 -37.32 4.54
C GLY C 454 15.13 -36.88 3.28
N VAL C 455 15.45 -35.59 3.21
CA VAL C 455 16.21 -35.04 2.08
C VAL C 455 17.68 -35.44 2.23
N PRO C 456 18.23 -36.15 1.23
CA PRO C 456 19.60 -36.65 1.34
C PRO C 456 20.65 -35.58 1.02
N ILE C 457 20.84 -34.65 1.94
CA ILE C 457 21.89 -33.64 1.82
C ILE C 457 23.27 -34.27 2.01
N LYS C 458 24.27 -33.70 1.34
CA LYS C 458 25.65 -34.22 1.40
C LYS C 458 26.20 -34.31 2.82
N ALA C 459 25.97 -33.27 3.60
CA ALA C 459 26.40 -33.21 5.00
C ALA C 459 25.62 -32.12 5.74
N ALA C 460 25.64 -32.19 7.07
CA ALA C 460 25.01 -31.18 7.91
C ALA C 460 25.71 -29.83 7.76
N VAL C 461 24.95 -28.75 7.88
CA VAL C 461 25.48 -27.41 7.65
C VAL C 461 25.07 -26.45 8.78
N ALA C 462 25.99 -25.55 9.16
CA ALA C 462 25.80 -24.65 10.28
C ALA C 462 26.53 -23.32 10.10
N GLY C 463 26.19 -22.32 10.91
CA GLY C 463 26.83 -21.01 10.83
C GLY C 463 26.76 -20.15 12.08
N ILE C 464 27.58 -19.11 12.10
CA ILE C 464 27.57 -18.10 13.16
C ILE C 464 27.95 -16.71 12.64
N ALA C 465 27.72 -15.69 13.47
CA ALA C 465 28.12 -14.32 13.16
C ALA C 465 29.27 -13.88 14.04
N MET C 466 30.28 -13.27 13.41
CA MET C 466 31.45 -12.76 14.13
C MET C 466 31.37 -11.25 14.24
N GLY C 467 31.85 -10.72 15.36
CA GLY C 467 31.86 -9.28 15.60
C GLY C 467 33.26 -8.72 15.78
N LEU C 468 33.36 -7.41 15.92
CA LEU C 468 34.66 -6.73 16.06
C LEU C 468 34.56 -5.41 16.81
N VAL C 469 35.53 -5.17 17.68
CA VAL C 469 35.73 -3.84 18.28
C VAL C 469 37.18 -3.43 18.00
N LYS C 470 37.35 -2.28 17.36
CA LYS C 470 38.66 -1.83 16.91
C LYS C 470 38.92 -0.35 17.20
N GLU C 471 39.99 -0.08 17.92
CA GLU C 471 40.50 1.28 18.11
C GLU C 471 41.97 1.32 17.72
N GLY C 472 42.28 2.08 16.68
CA GLY C 472 43.63 2.14 16.13
C GLY C 472 44.08 0.78 15.62
N ASP C 473 45.13 0.25 16.24
CA ASP C 473 45.64 -1.08 15.89
C ASP C 473 45.07 -2.17 16.80
N ASN C 474 44.50 -1.77 17.94
CA ASN C 474 43.89 -2.70 18.90
C ASN C 474 42.54 -3.21 18.41
N TYR C 475 42.34 -4.52 18.53
CA TYR C 475 41.07 -5.14 18.15
C TYR C 475 40.78 -6.44 18.90
N VAL C 476 39.50 -6.76 19.06
CA VAL C 476 39.06 -8.03 19.60
C VAL C 476 37.94 -8.60 18.71
N VAL C 477 38.14 -9.83 18.23
CA VAL C 477 37.15 -10.53 17.42
C VAL C 477 36.21 -11.31 18.34
N LEU C 478 34.90 -11.04 18.19
CA LEU C 478 33.87 -11.64 19.03
C LEU C 478 33.17 -12.81 18.35
N SER C 479 32.97 -13.89 19.11
CA SER C 479 32.26 -15.07 18.62
C SER C 479 30.80 -15.04 19.04
N ASP C 480 29.90 -15.38 18.09
CA ASP C 480 28.45 -15.43 18.32
C ASP C 480 27.94 -14.17 19.04
N ILE C 481 27.82 -13.09 18.28
CA ILE C 481 27.49 -11.78 18.83
C ILE C 481 26.00 -11.58 19.15
N LEU C 482 25.75 -10.79 20.20
CA LEU C 482 24.40 -10.37 20.56
C LEU C 482 23.98 -9.21 19.67
N GLY C 483 22.70 -8.84 19.72
CA GLY C 483 22.18 -7.69 19.00
C GLY C 483 22.93 -6.41 19.33
N ASP C 484 23.22 -6.22 20.62
CA ASP C 484 23.97 -5.06 21.11
C ASP C 484 25.39 -4.99 20.57
N GLU C 485 26.05 -6.14 20.50
CA GLU C 485 27.43 -6.23 20.02
C GLU C 485 27.55 -6.02 18.51
N ASP C 486 26.45 -6.25 17.80
CA ASP C 486 26.35 -5.96 16.38
C ASP C 486 26.15 -4.46 16.15
N HIS C 487 25.28 -3.87 16.96
CA HIS C 487 24.89 -2.46 16.80
C HIS C 487 25.93 -1.47 17.34
N LEU C 488 26.67 -1.89 18.36
CA LEU C 488 27.71 -1.05 18.96
C LEU C 488 29.12 -1.43 18.50
N GLY C 489 29.21 -2.58 17.83
CA GLY C 489 30.47 -3.09 17.29
C GLY C 489 30.80 -2.53 15.91
N ASP C 490 31.80 -3.13 15.26
CA ASP C 490 32.31 -2.60 14.00
C ASP C 490 31.98 -3.45 12.76
N MET C 491 31.45 -4.66 12.96
CA MET C 491 31.09 -5.53 11.84
C MET C 491 30.06 -6.62 12.16
N ASP C 492 29.43 -7.13 11.11
CA ASP C 492 28.69 -8.39 11.17
C ASP C 492 29.28 -9.33 10.11
N PHE C 493 29.88 -10.41 10.59
CA PHE C 493 30.73 -11.28 9.78
C PHE C 493 30.18 -12.70 9.85
N LYS C 494 29.42 -13.10 8.84
CA LYS C 494 28.71 -14.37 8.88
C LYS C 494 29.36 -15.46 8.02
N VAL C 495 29.57 -16.63 8.62
CA VAL C 495 30.17 -17.77 7.94
C VAL C 495 29.32 -19.02 8.15
N ALA C 496 28.98 -19.69 7.05
CA ALA C 496 28.20 -20.94 7.10
C ALA C 496 28.93 -22.05 6.33
N GLY C 497 28.76 -23.29 6.77
CA GLY C 497 29.37 -24.43 6.10
C GLY C 497 29.32 -25.74 6.87
N SER C 498 29.80 -26.80 6.23
CA SER C 498 29.86 -28.12 6.84
C SER C 498 31.16 -28.31 7.63
N ARG C 499 31.48 -29.55 7.97
CA ARG C 499 32.74 -29.88 8.65
C ARG C 499 33.94 -29.67 7.75
N ASP C 500 33.71 -29.74 6.44
CA ASP C 500 34.79 -29.78 5.45
C ASP C 500 35.00 -28.50 4.64
N GLY C 501 34.13 -27.50 4.82
CA GLY C 501 34.27 -26.24 4.09
C GLY C 501 33.17 -25.21 4.27
N ILE C 502 33.38 -24.04 3.67
CA ILE C 502 32.47 -22.90 3.77
C ILE C 502 31.50 -22.84 2.59
N SER C 503 30.21 -22.78 2.90
CA SER C 503 29.16 -22.70 1.88
C SER C 503 28.77 -21.26 1.55
N ALA C 504 28.85 -20.37 2.55
CA ALA C 504 28.51 -18.96 2.36
C ALA C 504 29.32 -18.05 3.28
N LEU C 505 29.75 -16.91 2.74
CA LEU C 505 30.48 -15.91 3.52
C LEU C 505 29.92 -14.51 3.24
N GLN C 506 29.54 -13.81 4.30
CA GLN C 506 28.96 -12.48 4.20
C GLN C 506 29.59 -11.53 5.21
N MET C 507 30.02 -10.36 4.72
CA MET C 507 30.61 -9.33 5.56
C MET C 507 29.85 -8.01 5.43
N ASP C 508 29.59 -7.36 6.56
CA ASP C 508 29.05 -6.01 6.59
C ASP C 508 29.85 -5.18 7.58
N ILE C 509 30.84 -4.46 7.05
CA ILE C 509 31.80 -3.73 7.87
C ILE C 509 31.41 -2.25 7.93
N LYS C 510 31.35 -1.72 9.15
CA LYS C 510 30.88 -0.36 9.39
C LYS C 510 32.01 0.67 9.53
N ILE C 511 33.25 0.19 9.42
CA ILE C 511 34.42 1.06 9.52
C ILE C 511 35.32 0.92 8.29
N GLU C 512 36.15 1.94 8.05
CA GLU C 512 37.27 1.81 7.14
C GLU C 512 38.45 1.22 7.91
N GLY C 513 39.37 0.60 7.19
CA GLY C 513 40.59 0.07 7.80
C GLY C 513 40.47 -1.32 8.38
N ILE C 514 39.56 -2.14 7.86
CA ILE C 514 39.56 -3.56 8.19
C ILE C 514 40.75 -4.22 7.47
N THR C 515 41.31 -5.24 8.10
CA THR C 515 42.60 -5.79 7.69
C THR C 515 42.49 -7.27 7.29
N LYS C 516 43.42 -7.72 6.45
CA LYS C 516 43.53 -9.11 6.04
C LYS C 516 43.72 -10.05 7.24
N GLU C 517 44.57 -9.63 8.18
CA GLU C 517 44.81 -10.36 9.43
C GLU C 517 43.53 -10.53 10.25
N ILE C 518 42.75 -9.45 10.36
CA ILE C 518 41.48 -9.46 11.11
C ILE C 518 40.47 -10.42 10.49
N MET C 519 40.34 -10.38 9.17
CA MET C 519 39.40 -11.24 8.46
C MET C 519 39.81 -12.70 8.58
N GLN C 520 41.08 -12.95 8.90
CA GLN C 520 41.60 -14.30 8.98
C GLN C 520 41.42 -14.87 10.38
N VAL C 521 41.70 -14.06 11.39
CA VAL C 521 41.31 -14.38 12.76
C VAL C 521 39.82 -14.69 12.85
N ALA C 522 39.00 -13.88 12.19
CA ALA C 522 37.56 -14.09 12.17
C ALA C 522 37.17 -15.43 11.52
N LEU C 523 37.80 -15.74 10.38
CA LEU C 523 37.51 -16.98 9.64
C LEU C 523 37.91 -18.26 10.39
N ASN C 524 39.07 -18.21 11.05
CA ASN C 524 39.56 -19.33 11.86
C ASN C 524 38.71 -19.55 13.11
N GLN C 525 38.40 -18.45 13.79
CA GLN C 525 37.57 -18.47 15.00
C GLN C 525 36.14 -18.90 14.67
N ALA C 526 35.70 -18.60 13.44
CA ALA C 526 34.39 -19.00 12.94
C ALA C 526 34.32 -20.51 12.68
N LYS C 527 35.42 -21.08 12.19
CA LYS C 527 35.51 -22.51 11.89
C LYS C 527 35.30 -23.37 13.14
N GLY C 528 35.97 -22.99 14.23
CA GLY C 528 35.82 -23.68 15.51
C GLY C 528 34.41 -23.59 16.05
N ALA C 529 33.77 -22.45 15.83
CA ALA C 529 32.41 -22.20 16.28
C ALA C 529 31.38 -23.11 15.61
N ARG C 530 31.49 -23.29 14.30
CA ARG C 530 30.54 -24.12 13.56
C ARG C 530 30.77 -25.62 13.74
N LEU C 531 32.02 -26.00 14.03
CA LEU C 531 32.35 -27.40 14.34
C LEU C 531 31.74 -27.81 15.68
N HIS C 532 31.67 -26.86 16.61
CA HIS C 532 31.02 -27.07 17.90
C HIS C 532 29.51 -27.19 17.74
N ILE C 533 28.93 -26.33 16.91
CA ILE C 533 27.48 -26.35 16.63
C ILE C 533 27.08 -27.64 15.89
N LEU C 534 27.91 -28.05 14.93
CA LEU C 534 27.66 -29.28 14.16
C LEU C 534 27.69 -30.53 15.04
N GLY C 535 28.61 -30.54 16.01
CA GLY C 535 28.74 -31.66 16.95
C GLY C 535 27.49 -31.90 17.78
N VAL C 536 26.83 -30.82 18.19
CA VAL C 536 25.57 -30.88 18.93
C VAL C 536 24.44 -31.31 18.00
N MET C 537 24.46 -30.80 16.78
CA MET C 537 23.48 -31.14 15.74
C MET C 537 23.55 -32.62 15.36
N GLU C 538 24.77 -33.17 15.35
CA GLU C 538 25.02 -34.58 15.05
C GLU C 538 24.40 -35.51 16.09
N GLN C 539 24.45 -35.09 17.35
CA GLN C 539 23.87 -35.85 18.46
C GLN C 539 22.37 -36.08 18.30
N ALA C 540 21.67 -35.05 17.82
CA ALA C 540 20.23 -35.12 17.60
C ALA C 540 19.89 -35.96 16.37
N ILE C 541 20.46 -35.59 15.22
CA ILE C 541 20.21 -36.29 13.95
C ILE C 541 21.46 -36.27 13.04
N ASN C 542 21.80 -37.42 12.47
CA ASN C 542 23.01 -37.55 11.65
C ASN C 542 22.79 -38.05 10.22
N ALA C 543 21.54 -38.38 9.89
CA ALA C 543 21.18 -38.91 8.57
C ALA C 543 19.68 -38.74 8.29
N PRO C 544 19.26 -38.80 7.01
CA PRO C 544 17.83 -38.74 6.68
C PRO C 544 17.04 -39.89 7.30
N ALA D 20 -0.49 -33.55 18.38
CA ALA D 20 0.16 -32.60 19.33
C ALA D 20 1.44 -32.00 18.73
N ALA D 21 1.64 -30.71 18.96
CA ALA D 21 2.83 -30.01 18.47
C ALA D 21 3.58 -29.28 19.57
N GLY D 22 4.74 -28.73 19.23
CA GLY D 22 5.59 -28.02 20.17
C GLY D 22 6.91 -28.75 20.39
N GLY D 23 7.80 -28.12 21.14
CA GLY D 23 9.12 -28.70 21.40
C GLY D 23 9.10 -29.89 22.34
N HIS D 24 7.99 -30.07 23.06
CA HIS D 24 7.84 -31.22 23.95
C HIS D 24 7.59 -32.53 23.19
N THR D 25 7.16 -32.41 21.92
CA THR D 25 6.85 -33.56 21.08
C THR D 25 8.01 -33.96 20.16
N ALA D 26 9.21 -33.44 20.42
CA ALA D 26 10.38 -33.67 19.58
C ALA D 26 10.73 -35.15 19.41
N THR D 27 11.01 -35.55 18.17
CA THR D 27 11.44 -36.91 17.86
C THR D 27 12.86 -37.17 18.36
N HIS D 28 13.75 -36.21 18.09
CA HIS D 28 15.13 -36.26 18.58
C HIS D 28 15.50 -34.92 19.21
N HIS D 29 16.44 -34.94 20.15
CA HIS D 29 16.89 -33.70 20.79
C HIS D 29 18.29 -33.77 21.42
N ALA D 30 18.99 -32.64 21.38
CA ALA D 30 20.32 -32.50 21.96
C ALA D 30 20.55 -31.06 22.43
N SER D 31 21.40 -30.91 23.44
CA SER D 31 21.69 -29.59 24.00
C SER D 31 23.12 -29.47 24.54
N ALA D 32 23.65 -28.25 24.48
CA ALA D 32 24.98 -27.95 25.01
C ALA D 32 24.96 -26.63 25.77
N ALA D 33 25.73 -26.58 26.86
CA ALA D 33 25.90 -25.36 27.64
C ALA D 33 26.89 -24.42 26.92
N PRO D 34 26.86 -23.12 27.24
CA PRO D 34 27.84 -22.18 26.67
C PRO D 34 29.27 -22.70 26.78
N ALA D 35 30.03 -22.63 25.68
CA ALA D 35 31.37 -23.22 25.63
C ALA D 35 32.33 -22.57 24.63
N ARG D 36 33.61 -22.64 24.98
CA ARG D 36 34.70 -22.31 24.08
C ARG D 36 35.05 -23.58 23.29
N PRO D 37 35.00 -23.50 21.94
CA PRO D 37 35.33 -24.67 21.14
C PRO D 37 36.83 -24.96 21.13
N GLN D 38 37.18 -26.25 21.05
CA GLN D 38 38.57 -26.67 20.92
C GLN D 38 39.09 -26.32 19.53
N PRO D 39 40.28 -25.70 19.45
CA PRO D 39 40.79 -25.23 18.17
C PRO D 39 41.52 -26.32 17.39
N MET E 1 18.13 -25.80 28.20
CA MET E 1 17.02 -24.93 28.68
C MET E 1 15.88 -25.73 29.32
N LEU E 2 15.08 -25.04 30.13
CA LEU E 2 13.90 -25.64 30.75
C LEU E 2 12.92 -26.14 29.69
N ASN E 3 12.32 -27.30 29.96
CA ASN E 3 11.25 -27.83 29.12
C ASN E 3 10.00 -26.97 29.22
N PRO E 4 9.09 -27.05 28.22
CA PRO E 4 7.87 -26.26 28.31
C PRO E 4 6.88 -26.82 29.33
N ILE E 5 6.02 -25.96 29.86
CA ILE E 5 4.92 -26.40 30.70
C ILE E 5 3.78 -26.84 29.79
N VAL E 6 3.34 -28.09 29.96
CA VAL E 6 2.34 -28.71 29.08
C VAL E 6 1.11 -29.13 29.88
N ARG E 7 -0.07 -28.74 29.40
CA ARG E 7 -1.34 -29.21 29.96
C ARG E 7 -2.22 -29.84 28.88
N LYS E 8 -2.63 -31.08 29.12
CA LYS E 8 -3.52 -31.82 28.23
C LYS E 8 -4.89 -32.04 28.87
N PHE E 9 -5.92 -32.06 28.03
CA PHE E 9 -7.29 -32.37 28.47
C PHE E 9 -8.14 -32.85 27.32
N GLN E 10 -9.13 -33.69 27.64
CA GLN E 10 -10.11 -34.14 26.65
C GLN E 10 -11.15 -33.04 26.42
N TYR E 11 -11.38 -32.74 25.14
CA TYR E 11 -12.39 -31.77 24.74
C TYR E 11 -13.29 -32.40 23.68
N GLY E 12 -14.39 -32.99 24.13
CA GLY E 12 -15.26 -33.77 23.25
C GLY E 12 -14.59 -35.09 22.91
N GLN E 13 -14.34 -35.30 21.62
CA GLN E 13 -13.67 -36.53 21.20
CA GLN E 13 -13.71 -36.50 21.07
C GLN E 13 -12.22 -36.27 20.80
N HIS E 14 -11.71 -35.10 21.19
CA HIS E 14 -10.34 -34.69 20.88
C HIS E 14 -9.46 -34.44 22.11
N THR E 15 -8.15 -34.43 21.88
CA THR E 15 -7.17 -34.08 22.91
C THR E 15 -6.56 -32.71 22.58
N VAL E 16 -6.70 -31.78 23.52
CA VAL E 16 -6.13 -30.45 23.38
C VAL E 16 -4.84 -30.34 24.20
N THR E 17 -3.78 -29.85 23.56
CA THR E 17 -2.49 -29.68 24.21
C THR E 17 -2.12 -28.19 24.28
N LEU E 18 -1.71 -27.73 25.46
CA LEU E 18 -1.27 -26.36 25.65
C LEU E 18 0.20 -26.33 26.08
N GLU E 19 1.05 -25.75 25.25
CA GLU E 19 2.48 -25.64 25.55
C GLU E 19 2.93 -24.18 25.63
N THR E 20 3.66 -23.85 26.70
CA THR E 20 4.23 -22.52 26.88
C THR E 20 5.55 -22.56 27.65
N GLY E 21 6.39 -21.55 27.42
CA GLY E 21 7.63 -21.40 28.17
C GLY E 21 8.92 -21.59 27.38
N MET E 22 8.84 -22.28 26.25
CA MET E 22 10.03 -22.61 25.47
C MET E 22 10.13 -21.83 24.16
N MET E 23 9.01 -21.67 23.47
CA MET E 23 8.99 -20.95 22.19
C MET E 23 8.56 -19.49 22.35
N ALA E 24 9.26 -18.61 21.62
CA ALA E 24 9.01 -17.16 21.62
C ALA E 24 8.94 -16.55 23.03
N ARG E 25 10.07 -16.59 23.73
CA ARG E 25 10.15 -16.13 25.12
C ARG E 25 10.23 -14.61 25.26
N GLN E 26 10.37 -13.91 24.14
CA GLN E 26 10.44 -12.45 24.16
C GLN E 26 9.07 -11.78 24.00
N ALA E 27 8.09 -12.54 23.50
CA ALA E 27 6.70 -12.09 23.48
C ALA E 27 6.18 -12.04 24.91
N THR E 28 5.18 -11.18 25.15
CA THR E 28 4.56 -11.08 26.48
C THR E 28 4.05 -12.44 26.94
N ALA E 29 3.47 -13.18 26.01
CA ALA E 29 3.11 -14.59 26.19
C ALA E 29 3.00 -15.31 24.85
N ALA E 30 3.30 -16.61 24.83
CA ALA E 30 3.22 -17.42 23.63
C ALA E 30 2.76 -18.84 23.93
N VAL E 31 1.79 -19.33 23.15
CA VAL E 31 1.21 -20.66 23.37
C VAL E 31 1.12 -21.45 22.06
N MET E 32 1.57 -22.70 22.11
CA MET E 32 1.34 -23.65 21.02
C MET E 32 0.17 -24.56 21.41
N VAL E 33 -0.92 -24.44 20.68
CA VAL E 33 -2.13 -25.21 20.93
C VAL E 33 -2.33 -26.28 19.86
N SER E 34 -2.70 -27.48 20.29
CA SER E 34 -2.93 -28.59 19.38
C SER E 34 -4.22 -29.33 19.67
N MET E 35 -4.93 -29.69 18.60
CA MET E 35 -6.14 -30.50 18.70
C MET E 35 -6.10 -31.59 17.63
N ASP E 36 -5.65 -32.78 18.05
CA ASP E 36 -5.45 -33.92 17.15
C ASP E 36 -4.68 -33.54 15.89
N ASP E 37 -3.44 -33.08 16.07
CA ASP E 37 -2.52 -32.72 14.97
C ASP E 37 -2.73 -31.34 14.33
N THR E 38 -3.87 -30.70 14.59
CA THR E 38 -4.08 -29.31 14.15
C THR E 38 -3.48 -28.37 15.19
N ALA E 39 -2.40 -27.69 14.80
CA ALA E 39 -1.65 -26.85 15.73
C ALA E 39 -1.56 -25.40 15.28
N VAL E 40 -1.80 -24.49 16.22
CA VAL E 40 -1.69 -23.06 15.97
C VAL E 40 -0.77 -22.42 17.01
N PHE E 41 0.25 -21.70 16.54
CA PHE E 41 1.16 -20.97 17.42
C PHE E 41 0.68 -19.54 17.60
N VAL E 42 0.28 -19.20 18.82
CA VAL E 42 -0.32 -17.92 19.14
C VAL E 42 0.55 -17.11 20.09
N THR E 43 0.84 -15.86 19.71
CA THR E 43 1.64 -14.94 20.52
C THR E 43 0.86 -13.68 20.85
N VAL E 44 1.21 -13.06 21.99
CA VAL E 44 0.66 -11.76 22.36
C VAL E 44 1.78 -10.82 22.78
N VAL E 45 1.77 -9.61 22.22
CA VAL E 45 2.65 -8.53 22.68
C VAL E 45 1.80 -7.31 23.05
N GLY E 46 1.85 -6.94 24.33
CA GLY E 46 1.20 -5.74 24.81
C GLY E 46 2.24 -4.73 25.24
N GLN E 47 2.16 -3.53 24.69
CA GLN E 47 3.16 -2.49 24.97
C GLN E 47 3.04 -1.90 26.37
N LYS E 48 4.19 -1.73 27.01
CA LYS E 48 4.28 -1.32 28.41
C LYS E 48 3.61 0.01 28.71
N LYS E 49 3.85 1.01 27.87
CA LYS E 49 3.24 2.32 28.04
C LYS E 49 2.40 2.74 26.83
N ALA E 50 1.26 3.37 27.11
CA ALA E 50 0.37 3.86 26.07
C ALA E 50 0.91 5.13 25.43
N LYS E 51 0.65 5.29 24.14
CA LYS E 51 1.08 6.47 23.39
C LYS E 51 0.48 7.74 24.00
N PRO E 52 1.34 8.73 24.32
CA PRO E 52 1.02 9.96 25.05
C PRO E 52 -0.39 10.54 24.87
N GLY E 53 -0.89 10.56 23.63
CA GLY E 53 -2.20 11.15 23.33
C GLY E 53 -3.22 10.24 22.68
N GLN E 54 -3.22 8.97 23.09
CA GLN E 54 -4.13 7.96 22.54
C GLN E 54 -5.52 8.04 23.19
N ASP E 55 -6.57 7.92 22.38
CA ASP E 55 -7.93 7.83 22.92
C ASP E 55 -8.81 6.73 22.29
N PHE E 56 -8.17 5.71 21.72
CA PHE E 56 -8.85 4.46 21.36
C PHE E 56 -7.93 3.28 21.62
N PHE E 57 -8.52 2.14 21.98
CA PHE E 57 -7.79 0.92 22.26
C PHE E 57 -7.33 0.25 20.95
N PRO E 58 -6.00 0.25 20.69
CA PRO E 58 -5.51 -0.34 19.45
C PRO E 58 -5.21 -1.82 19.61
N LEU E 59 -6.19 -2.66 19.24
CA LEU E 59 -6.05 -4.10 19.30
C LEU E 59 -6.05 -4.69 17.88
N THR E 60 -5.00 -5.44 17.56
CA THR E 60 -4.88 -6.08 16.25
C THR E 60 -4.74 -7.59 16.40
N VAL E 61 -5.53 -8.32 15.61
CA VAL E 61 -5.43 -9.77 15.53
C VAL E 61 -5.01 -10.16 14.11
N ASN E 62 -3.88 -10.85 14.00
CA ASN E 62 -3.39 -11.34 12.73
C ASN E 62 -3.41 -12.86 12.67
N TYR E 63 -4.30 -13.40 11.83
CA TYR E 63 -4.40 -14.84 11.64
C TYR E 63 -3.81 -15.21 10.28
N GLN E 64 -2.89 -16.17 10.28
CA GLN E 64 -2.20 -16.58 9.06
C GLN E 64 -2.00 -18.10 8.97
N GLU E 65 -2.29 -18.64 7.78
CA GLU E 65 -2.13 -20.07 7.52
C GLU E 65 -0.91 -20.31 6.65
N ARG E 66 0.00 -21.15 7.15
CA ARG E 66 1.17 -21.56 6.39
C ARG E 66 0.83 -22.85 5.64
N THR E 67 1.16 -22.91 4.36
CA THR E 67 0.82 -24.05 3.52
C THR E 67 1.63 -25.30 3.85
N TYR E 68 2.76 -25.12 4.54
CA TYR E 68 3.58 -26.26 5.00
C TYR E 68 2.87 -27.09 6.09
N ALA E 69 1.79 -26.53 6.63
CA ALA E 69 0.94 -27.21 7.60
C ALA E 69 0.21 -28.40 6.99
N ALA E 70 -0.12 -28.27 5.70
CA ALA E 70 -0.82 -29.33 4.96
C ALA E 70 0.13 -30.12 4.06
N GLY E 71 1.44 -29.86 4.20
CA GLY E 71 2.46 -30.50 3.38
C GLY E 71 2.43 -30.03 1.94
N ARG E 72 2.11 -28.75 1.76
CA ARG E 72 2.01 -28.15 0.42
C ARG E 72 2.86 -26.90 0.25
N ILE E 73 3.21 -26.61 -1.01
CA ILE E 73 3.93 -25.40 -1.40
C ILE E 73 2.91 -24.45 -2.03
N PRO E 74 2.95 -23.14 -1.66
CA PRO E 74 1.93 -22.19 -2.14
C PRO E 74 1.79 -22.17 -3.66
N GLY E 75 0.55 -22.05 -4.14
CA GLY E 75 0.25 -22.12 -5.57
C GLY E 75 0.41 -20.82 -6.34
N SER E 76 0.70 -19.74 -5.63
CA SER E 76 0.89 -18.42 -6.25
C SER E 76 2.19 -18.34 -7.05
N PHE E 77 2.27 -17.34 -7.94
CA PHE E 77 3.43 -17.13 -8.81
C PHE E 77 4.76 -16.99 -8.05
N PHE E 78 4.69 -16.50 -6.82
CA PHE E 78 5.88 -16.31 -5.99
C PHE E 78 6.10 -17.44 -4.98
N ARG E 79 5.22 -18.44 -5.01
CA ARG E 79 5.32 -19.64 -4.16
C ARG E 79 5.45 -19.32 -2.68
N ARG E 80 4.81 -18.23 -2.25
CA ARG E 80 4.86 -17.77 -0.87
C ARG E 80 3.51 -17.23 -0.43
N GLU E 81 3.20 -17.38 0.86
CA GLU E 81 1.98 -16.83 1.46
C GLU E 81 2.04 -15.31 1.43
N GLY E 82 0.96 -14.69 0.95
CA GLY E 82 0.90 -13.23 0.82
C GLY E 82 -0.08 -12.58 1.77
N ARG E 83 -0.84 -11.63 1.23
CA ARG E 83 -1.91 -10.95 1.98
C ARG E 83 -2.99 -11.96 2.40
N PRO E 84 -3.52 -11.79 3.64
CA PRO E 84 -4.55 -12.69 4.14
C PRO E 84 -5.76 -12.81 3.20
N SER E 85 -6.17 -14.05 2.94
CA SER E 85 -7.37 -14.32 2.14
C SER E 85 -8.62 -13.97 2.94
N GLU E 86 -9.76 -14.06 2.32
CA GLU E 86 -11.00 -13.84 2.98
C GLU E 86 -11.20 -14.72 4.15
N GLY E 87 -10.89 -16.00 3.97
CA GLY E 87 -10.99 -17.00 5.04
C GLY E 87 -10.13 -16.67 6.25
N GLU E 88 -8.93 -16.16 6.01
CA GLU E 88 -8.01 -15.75 7.08
C GLU E 88 -8.47 -14.49 7.79
N THR E 89 -9.11 -13.59 7.04
CA THR E 89 -9.67 -12.35 7.58
C THR E 89 -10.86 -12.65 8.49
N LEU E 90 -11.70 -13.59 8.06
CA LEU E 90 -12.89 -13.99 8.81
C LEU E 90 -12.56 -14.65 10.15
N ILE E 91 -11.51 -15.47 10.15
CA ILE E 91 -11.06 -16.18 11.36
C ILE E 91 -10.37 -15.23 12.33
N ALA E 92 -9.67 -14.23 11.78
CA ALA E 92 -9.07 -13.16 12.59
C ALA E 92 -10.15 -12.38 13.34
N ARG E 93 -11.31 -12.23 12.70
CA ARG E 93 -12.48 -11.57 13.31
C ARG E 93 -13.15 -12.46 14.37
N LEU E 94 -13.11 -13.77 14.15
CA LEU E 94 -13.63 -14.74 15.12
C LEU E 94 -12.84 -14.71 16.43
N ILE E 95 -11.56 -14.37 16.34
CA ILE E 95 -10.68 -14.25 17.50
C ILE E 95 -10.84 -12.88 18.16
N ASP E 96 -10.95 -11.83 17.34
CA ASP E 96 -11.00 -10.44 17.79
C ASP E 96 -12.28 -10.10 18.55
N ARG E 97 -13.42 -10.57 18.04
CA ARG E 97 -14.74 -10.15 18.55
C ARG E 97 -15.06 -10.51 20.01
N PRO E 98 -14.72 -11.73 20.48
CA PRO E 98 -14.95 -12.04 21.89
C PRO E 98 -13.94 -11.45 22.87
N ILE E 99 -12.70 -11.23 22.42
CA ILE E 99 -11.63 -10.74 23.32
C ILE E 99 -11.67 -9.22 23.54
N ARG E 100 -12.16 -8.49 22.54
CA ARG E 100 -12.20 -7.03 22.57
C ARG E 100 -12.93 -6.42 23.78
N PRO E 101 -14.17 -6.88 24.08
CA PRO E 101 -14.89 -6.31 25.22
C PRO E 101 -14.33 -6.69 26.61
N LEU E 102 -13.38 -7.61 26.67
CA LEU E 102 -12.83 -8.09 27.95
C LEU E 102 -11.64 -7.28 28.47
N PHE E 103 -11.10 -6.40 27.64
CA PHE E 103 -10.09 -5.44 28.08
C PHE E 103 -10.79 -4.30 28.82
N PRO E 104 -10.27 -3.91 30.00
CA PRO E 104 -10.95 -2.92 30.85
C PRO E 104 -11.23 -1.61 30.13
N GLU E 105 -12.34 -0.97 30.48
CA GLU E 105 -12.72 0.32 29.92
C GLU E 105 -11.66 1.37 30.26
N GLY E 106 -11.09 1.97 29.21
CA GLY E 106 -10.05 2.98 29.38
C GLY E 106 -8.64 2.49 29.10
N PHE E 107 -8.45 1.17 29.06
CA PHE E 107 -7.16 0.58 28.74
C PHE E 107 -6.85 0.79 27.26
N VAL E 108 -5.78 1.55 26.99
CA VAL E 108 -5.46 1.97 25.63
C VAL E 108 -4.02 1.65 25.18
N ASN E 109 -3.36 0.73 25.87
CA ASN E 109 -2.05 0.24 25.43
C ASN E 109 -2.21 -0.64 24.20
N GLU E 110 -1.26 -0.55 23.27
CA GLU E 110 -1.30 -1.31 22.03
C GLU E 110 -1.10 -2.80 22.28
N VAL E 111 -2.05 -3.61 21.81
CA VAL E 111 -1.99 -5.07 21.98
C VAL E 111 -2.09 -5.74 20.62
N GLN E 112 -1.18 -6.70 20.37
CA GLN E 112 -1.21 -7.46 19.12
C GLN E 112 -1.16 -8.96 19.36
N VAL E 113 -2.10 -9.67 18.74
CA VAL E 113 -2.17 -11.13 18.79
C VAL E 113 -1.91 -11.69 17.39
N ILE E 114 -0.89 -12.56 17.29
CA ILE E 114 -0.55 -13.20 16.02
C ILE E 114 -0.73 -14.71 16.14
N ALA E 115 -1.63 -15.26 15.32
CA ALA E 115 -1.89 -16.69 15.30
C ALA E 115 -1.44 -17.30 13.97
N THR E 116 -0.52 -18.26 14.05
CA THR E 116 0.04 -18.91 12.87
C THR E 116 -0.27 -20.41 12.88
N VAL E 117 -0.97 -20.87 11.85
CA VAL E 117 -1.27 -22.29 11.70
C VAL E 117 -0.04 -23.01 11.15
N VAL E 118 0.53 -23.88 11.97
CA VAL E 118 1.80 -24.55 11.65
C VAL E 118 1.61 -26.05 11.33
N SER E 119 0.41 -26.56 11.60
CA SER E 119 0.07 -27.95 11.35
C SER E 119 -1.45 -28.11 11.22
N VAL E 120 -1.89 -28.94 10.28
CA VAL E 120 -3.33 -29.13 10.06
C VAL E 120 -3.77 -30.58 9.77
N ASN E 121 -4.72 -31.04 10.58
CA ASN E 121 -5.48 -32.25 10.31
C ASN E 121 -6.70 -31.81 9.50
N PRO E 122 -6.85 -32.31 8.26
CA PRO E 122 -7.93 -31.87 7.36
C PRO E 122 -9.35 -32.07 7.91
N GLN E 123 -9.48 -32.78 9.04
CA GLN E 123 -10.77 -32.99 9.69
C GLN E 123 -11.02 -32.04 10.85
N VAL E 124 -9.94 -31.46 11.40
CA VAL E 124 -10.03 -30.55 12.54
C VAL E 124 -9.73 -29.10 12.15
N ASN E 125 -10.78 -28.26 12.21
CA ASN E 125 -10.70 -26.85 11.84
C ASN E 125 -9.76 -26.05 12.76
N PRO E 126 -8.80 -25.32 12.17
CA PRO E 126 -7.86 -24.51 12.97
C PRO E 126 -8.46 -23.29 13.69
N ASP E 127 -9.67 -22.87 13.30
CA ASP E 127 -10.26 -21.63 13.86
C ASP E 127 -10.55 -21.69 15.37
N ILE E 128 -11.13 -22.80 15.83
CA ILE E 128 -11.42 -23.02 17.24
C ILE E 128 -10.11 -23.14 18.04
N VAL E 129 -9.14 -23.83 17.46
CA VAL E 129 -7.81 -24.01 18.05
C VAL E 129 -7.11 -22.66 18.26
N ALA E 130 -7.19 -21.79 17.25
CA ALA E 130 -6.59 -20.46 17.30
C ALA E 130 -7.25 -19.56 18.35
N MET E 131 -8.56 -19.75 18.53
CA MET E 131 -9.33 -19.01 19.54
C MET E 131 -8.95 -19.44 20.96
N ILE E 132 -8.76 -20.74 21.16
CA ILE E 132 -8.28 -21.28 22.43
C ILE E 132 -6.86 -20.78 22.72
N GLY E 133 -6.06 -20.69 21.67
CA GLY E 133 -4.69 -20.20 21.77
C GLY E 133 -4.57 -18.74 22.17
N ALA E 134 -5.42 -17.91 21.58
CA ALA E 134 -5.46 -16.48 21.89
C ALA E 134 -5.93 -16.24 23.32
N SER E 135 -6.88 -17.05 23.77
CA SER E 135 -7.39 -16.98 25.13
C SER E 135 -6.34 -17.40 26.16
N ALA E 136 -5.61 -18.47 25.85
CA ALA E 136 -4.56 -18.99 26.72
C ALA E 136 -3.40 -18.00 26.84
N ALA E 137 -2.99 -17.42 25.72
CA ALA E 137 -1.88 -16.48 25.69
C ALA E 137 -2.18 -15.17 26.39
N LEU E 138 -3.38 -14.63 26.17
CA LEU E 138 -3.81 -13.39 26.84
C LEU E 138 -3.94 -13.56 28.35
N SER E 139 -4.41 -14.73 28.77
CA SER E 139 -4.53 -15.05 30.19
C SER E 139 -3.17 -15.27 30.84
N LEU E 140 -2.23 -15.84 30.09
CA LEU E 140 -0.87 -16.04 30.58
C LEU E 140 -0.04 -14.76 30.57
N SER E 141 -0.44 -13.80 29.74
CA SER E 141 0.35 -12.57 29.52
C SER E 141 0.45 -11.65 30.73
N GLY E 142 -0.67 -11.47 31.43
CA GLY E 142 -0.73 -10.55 32.56
C GLY E 142 -1.31 -9.20 32.18
N ILE E 143 -1.54 -9.01 30.87
CA ILE E 143 -2.24 -7.85 30.35
C ILE E 143 -3.65 -7.82 30.92
N PRO E 144 -4.11 -6.66 31.44
CA PRO E 144 -5.47 -6.55 31.99
C PRO E 144 -6.50 -7.11 31.02
N PHE E 145 -7.12 -8.21 31.42
CA PHE E 145 -7.98 -9.00 30.54
C PHE E 145 -8.93 -9.87 31.37
N ASN E 146 -10.23 -9.62 31.22
CA ASN E 146 -11.24 -10.27 32.06
C ASN E 146 -11.71 -11.64 31.52
N GLY E 147 -10.75 -12.43 31.05
CA GLY E 147 -11.02 -13.79 30.58
C GLY E 147 -10.80 -14.82 31.68
N PRO E 148 -10.45 -16.06 31.31
CA PRO E 148 -10.28 -16.57 29.95
C PRO E 148 -11.61 -16.88 29.27
N ILE E 149 -11.59 -16.96 27.94
CA ILE E 149 -12.75 -17.40 27.16
C ILE E 149 -12.57 -18.81 26.62
N GLY E 150 -13.69 -19.47 26.36
CA GLY E 150 -13.70 -20.74 25.65
C GLY E 150 -14.16 -20.54 24.22
N ALA E 151 -14.18 -21.62 23.46
CA ALA E 151 -14.65 -21.59 22.07
C ALA E 151 -15.15 -22.98 21.66
N ALA E 152 -16.33 -23.02 21.04
CA ALA E 152 -16.94 -24.28 20.64
C ALA E 152 -17.71 -24.15 19.33
N ARG E 153 -17.56 -25.15 18.46
CA ARG E 153 -18.43 -25.28 17.29
C ARG E 153 -19.55 -26.27 17.61
N VAL E 154 -20.78 -25.90 17.28
CA VAL E 154 -21.95 -26.73 17.52
C VAL E 154 -22.62 -27.13 16.21
N GLY E 155 -22.76 -28.45 16.01
CA GLY E 155 -23.49 -29.00 14.88
C GLY E 155 -24.85 -29.50 15.31
N TYR E 156 -25.65 -29.93 14.35
CA TYR E 156 -27.00 -30.46 14.61
C TYR E 156 -27.28 -31.64 13.68
N ILE E 157 -26.94 -32.83 14.15
CA ILE E 157 -27.08 -34.06 13.36
C ILE E 157 -28.05 -35.02 14.05
N ASN E 158 -29.01 -35.54 13.26
CA ASN E 158 -30.09 -36.39 13.77
C ASN E 158 -30.89 -35.75 14.91
N ASP E 159 -31.04 -34.42 14.81
CA ASP E 159 -31.77 -33.60 15.80
C ASP E 159 -31.12 -33.56 17.19
N GLN E 160 -29.80 -33.78 17.22
CA GLN E 160 -29.02 -33.69 18.46
C GLN E 160 -27.86 -32.72 18.27
N TYR E 161 -27.48 -32.04 19.35
CA TYR E 161 -26.33 -31.13 19.32
C TYR E 161 -25.02 -31.91 19.36
N VAL E 162 -24.10 -31.54 18.47
CA VAL E 162 -22.80 -32.20 18.36
C VAL E 162 -21.67 -31.19 18.56
N LEU E 163 -20.78 -31.50 19.50
CA LEU E 163 -19.64 -30.64 19.81
C LEU E 163 -18.49 -30.82 18.83
N ASN E 164 -18.02 -29.70 18.29
CA ASN E 164 -16.91 -29.66 17.32
C ASN E 164 -16.97 -30.77 16.25
N PRO E 165 -18.01 -30.76 15.40
CA PRO E 165 -18.10 -31.78 14.37
C PRO E 165 -17.00 -31.64 13.32
N THR E 166 -16.53 -32.78 12.80
CA THR E 166 -15.52 -32.79 11.75
C THR E 166 -16.12 -32.29 10.43
N GLN E 167 -15.26 -32.01 9.45
CA GLN E 167 -15.71 -31.54 8.13
C GLN E 167 -16.62 -32.57 7.45
N ASP E 168 -16.36 -33.85 7.70
CA ASP E 168 -17.19 -34.94 7.22
C ASP E 168 -18.54 -35.01 7.93
N GLU E 169 -18.54 -34.77 9.24
CA GLU E 169 -19.75 -34.75 10.05
C GLU E 169 -20.65 -33.56 9.72
N LEU E 170 -20.03 -32.44 9.36
CA LEU E 170 -20.74 -31.21 9.00
C LEU E 170 -21.57 -31.34 7.72
N LYS E 171 -21.24 -32.34 6.90
CA LYS E 171 -22.02 -32.66 5.70
C LYS E 171 -23.43 -33.14 6.06
N GLU E 172 -23.59 -33.64 7.29
CA GLU E 172 -24.87 -34.14 7.78
C GLU E 172 -25.57 -33.13 8.69
N SER E 173 -24.92 -32.02 8.97
CA SER E 173 -25.41 -31.03 9.94
C SER E 173 -26.37 -30.03 9.32
N LYS E 174 -27.41 -29.69 10.09
CA LYS E 174 -28.37 -28.64 9.71
C LYS E 174 -27.93 -27.30 10.30
N LEU E 175 -26.77 -27.29 10.95
CA LEU E 175 -26.28 -26.12 11.67
C LEU E 175 -24.75 -26.07 11.74
N ASP E 176 -24.21 -24.86 11.60
CA ASP E 176 -22.79 -24.61 11.85
C ASP E 176 -22.68 -23.35 12.71
N LEU E 177 -22.53 -23.55 14.02
CA LEU E 177 -22.51 -22.45 14.98
C LEU E 177 -21.21 -22.41 15.77
N VAL E 178 -20.68 -21.20 15.96
CA VAL E 178 -19.51 -20.97 16.81
C VAL E 178 -19.88 -19.99 17.92
N VAL E 179 -19.66 -20.39 19.17
CA VAL E 179 -19.96 -19.56 20.33
C VAL E 179 -18.73 -19.44 21.24
N ALA E 180 -18.47 -18.21 21.70
CA ALA E 180 -17.37 -17.94 22.62
C ALA E 180 -17.85 -17.07 23.78
N GLY E 181 -17.33 -17.36 24.97
CA GLY E 181 -17.69 -16.60 26.17
C GLY E 181 -16.87 -16.95 27.38
N THR E 182 -17.06 -16.18 28.45
CA THR E 182 -16.39 -16.41 29.73
C THR E 182 -17.07 -17.57 30.47
N GLU E 183 -16.74 -17.75 31.75
CA GLU E 183 -17.45 -18.71 32.60
C GLU E 183 -18.88 -18.24 32.83
N ALA E 184 -19.05 -16.92 32.96
CA ALA E 184 -20.33 -16.31 33.28
C ALA E 184 -21.29 -16.22 32.09
N ALA E 185 -20.82 -15.66 30.98
CA ALA E 185 -21.71 -15.32 29.87
C ALA E 185 -21.15 -15.53 28.46
N VAL E 186 -22.07 -15.57 27.49
CA VAL E 186 -21.75 -15.62 26.07
C VAL E 186 -21.30 -14.23 25.61
N LEU E 187 -20.29 -14.19 24.75
CA LEU E 187 -19.78 -12.92 24.22
C LEU E 187 -19.91 -12.79 22.71
N MET E 188 -19.78 -13.90 21.99
CA MET E 188 -19.81 -13.90 20.54
C MET E 188 -20.47 -15.16 19.97
N VAL E 189 -21.35 -14.96 18.99
CA VAL E 189 -21.97 -16.06 18.24
C VAL E 189 -21.91 -15.78 16.74
N GLU E 190 -21.46 -16.77 15.98
CA GLU E 190 -21.43 -16.70 14.52
C GLU E 190 -21.97 -18.02 13.96
N SER E 191 -23.04 -17.95 13.17
CA SER E 191 -23.73 -19.15 12.74
C SER E 191 -24.45 -19.09 11.39
N GLU E 192 -24.59 -20.28 10.78
CA GLU E 192 -25.48 -20.49 9.65
C GLU E 192 -26.31 -21.74 9.93
N ALA E 193 -27.60 -21.67 9.62
CA ALA E 193 -28.51 -22.79 9.88
C ALA E 193 -29.46 -23.02 8.71
N GLU E 194 -29.96 -24.25 8.60
CA GLU E 194 -30.95 -24.59 7.58
C GLU E 194 -32.37 -24.36 8.10
N LEU E 195 -32.68 -23.09 8.38
CA LEU E 195 -33.99 -22.63 8.84
C LEU E 195 -34.46 -23.33 10.13
N LEU E 196 -33.64 -23.25 11.17
CA LEU E 196 -33.98 -23.81 12.48
C LEU E 196 -34.76 -22.81 13.33
N SER E 197 -35.50 -23.31 14.30
CA SER E 197 -36.35 -22.48 15.16
C SER E 197 -35.55 -21.70 16.21
N GLU E 198 -36.23 -20.77 16.86
CA GLU E 198 -35.64 -19.94 17.92
C GLU E 198 -35.13 -20.79 19.09
N ASP E 199 -35.89 -21.82 19.46
CA ASP E 199 -35.53 -22.74 20.55
C ASP E 199 -34.33 -23.62 20.18
N GLN E 200 -34.26 -24.04 18.92
CA GLN E 200 -33.16 -24.87 18.42
C GLN E 200 -31.85 -24.07 18.35
N MET E 201 -31.96 -22.79 17.97
CA MET E 201 -30.81 -21.91 17.86
C MET E 201 -30.29 -21.48 19.24
N LEU E 202 -31.22 -21.19 20.16
CA LEU E 202 -30.87 -20.81 21.52
C LEU E 202 -30.23 -21.97 22.29
N GLY E 203 -30.73 -23.18 22.03
CA GLY E 203 -30.19 -24.39 22.64
C GLY E 203 -28.76 -24.69 22.21
N ALA E 204 -28.45 -24.37 20.96
CA ALA E 204 -27.10 -24.53 20.41
C ALA E 204 -26.09 -23.61 21.08
N VAL E 205 -26.54 -22.40 21.40
CA VAL E 205 -25.70 -21.41 22.09
C VAL E 205 -25.40 -21.86 23.52
N VAL E 206 -26.45 -22.28 24.24
CA VAL E 206 -26.32 -22.76 25.62
C VAL E 206 -25.45 -24.03 25.69
N PHE E 207 -25.70 -24.98 24.78
CA PHE E 207 -24.92 -26.21 24.68
C PHE E 207 -23.44 -25.90 24.51
N GLY E 208 -23.12 -25.13 23.48
CA GLY E 208 -21.73 -24.74 23.18
C GLY E 208 -21.08 -23.97 24.31
N HIS E 209 -21.86 -23.17 25.03
CA HIS E 209 -21.36 -22.41 26.16
C HIS E 209 -21.05 -23.30 27.37
N GLU E 210 -21.87 -24.33 27.58
CA GLU E 210 -21.67 -25.29 28.66
C GLU E 210 -20.49 -26.21 28.38
N GLN E 211 -20.36 -26.63 27.12
CA GLN E 211 -19.33 -27.59 26.72
C GLN E 211 -17.91 -27.04 26.74
N GLN E 212 -17.79 -25.72 26.58
CA GLN E 212 -16.48 -25.06 26.51
C GLN E 212 -15.91 -24.69 27.88
N GLN E 213 -16.65 -25.00 28.95
CA GLN E 213 -16.22 -24.68 30.30
C GLN E 213 -15.00 -25.49 30.75
N VAL E 214 -14.78 -26.64 30.12
CA VAL E 214 -13.60 -27.47 30.38
C VAL E 214 -12.32 -26.81 29.82
N VAL E 215 -12.47 -26.05 28.74
CA VAL E 215 -11.37 -25.28 28.16
C VAL E 215 -10.98 -24.12 29.09
N ILE E 216 -11.99 -23.43 29.61
CA ILE E 216 -11.80 -22.31 30.54
C ILE E 216 -11.11 -22.76 31.84
N GLN E 217 -11.56 -23.90 32.38
CA GLN E 217 -10.98 -24.48 33.59
C GLN E 217 -9.51 -24.85 33.44
N ASN E 218 -9.15 -25.35 32.25
CA ASN E 218 -7.78 -25.77 31.96
C ASN E 218 -6.82 -24.62 31.69
N ILE E 219 -7.33 -23.53 31.13
CA ILE E 219 -6.53 -22.32 30.95
C ILE E 219 -6.23 -21.69 32.31
N ASN E 220 -7.23 -21.69 33.19
CA ASN E 220 -7.07 -21.23 34.57
C ASN E 220 -5.98 -21.97 35.34
N GLU E 221 -5.89 -23.28 35.14
CA GLU E 221 -4.88 -24.11 35.78
C GLU E 221 -3.48 -23.85 35.22
N LEU E 222 -3.40 -23.65 33.91
CA LEU E 222 -2.15 -23.32 33.23
C LEU E 222 -1.63 -21.94 33.67
N VAL E 223 -2.57 -21.02 33.90
CA VAL E 223 -2.25 -19.67 34.40
C VAL E 223 -1.73 -19.75 35.85
N LYS E 224 -2.30 -20.66 36.63
CA LYS E 224 -1.84 -20.89 37.99
C LYS E 224 -0.35 -21.28 38.00
N GLU E 225 0.03 -22.17 37.10
CA GLU E 225 1.41 -22.67 37.05
C GLU E 225 2.36 -21.70 36.35
N ALA E 226 1.92 -21.14 35.22
CA ALA E 226 2.83 -20.46 34.29
C ALA E 226 2.52 -18.99 34.00
N GLY E 227 1.42 -18.48 34.55
CA GLY E 227 1.01 -17.09 34.33
C GLY E 227 2.00 -16.08 34.87
N LYS E 228 2.23 -15.02 34.10
CA LYS E 228 3.09 -13.91 34.51
C LYS E 228 2.33 -13.01 35.48
N PRO E 229 3.05 -12.25 36.33
CA PRO E 229 2.37 -11.33 37.25
C PRO E 229 1.45 -10.34 36.53
N ARG E 230 0.30 -10.08 37.14
CA ARG E 230 -0.69 -9.17 36.58
C ARG E 230 -0.15 -7.75 36.54
N TRP E 231 -0.34 -7.10 35.39
CA TRP E 231 0.09 -5.73 35.18
C TRP E 231 -0.50 -4.80 36.24
N ASP E 232 0.34 -3.94 36.80
CA ASP E 232 -0.13 -2.91 37.72
C ASP E 232 -0.77 -1.81 36.89
N TRP E 233 -2.06 -1.96 36.59
CA TRP E 233 -2.78 -0.99 35.78
C TRP E 233 -4.02 -0.42 36.47
N GLN E 234 -4.17 0.89 36.37
CA GLN E 234 -5.33 1.59 36.92
C GLN E 234 -5.99 2.48 35.87
N PRO E 235 -7.32 2.57 35.89
CA PRO E 235 -8.01 3.58 35.09
C PRO E 235 -7.78 4.97 35.66
N GLU E 236 -8.03 6.00 34.85
CA GLU E 236 -7.93 7.39 35.29
C GLU E 236 -8.82 7.63 36.50
N PRO E 237 -8.30 8.30 37.55
CA PRO E 237 -9.16 8.63 38.68
C PRO E 237 -10.27 9.59 38.26
N VAL E 238 -11.49 9.31 38.69
CA VAL E 238 -12.64 10.15 38.35
C VAL E 238 -12.48 11.58 38.89
N ASN E 239 -12.76 12.56 38.03
CA ASN E 239 -12.67 13.97 38.39
C ASN E 239 -14.07 14.59 38.43
N GLU E 240 -14.65 14.64 39.62
CA GLU E 240 -16.03 15.11 39.82
C GLU E 240 -16.22 16.59 39.56
N ALA E 241 -15.19 17.39 39.86
CA ALA E 241 -15.22 18.83 39.61
C ALA E 241 -15.23 19.14 38.13
N LEU E 242 -14.52 18.32 37.35
CA LEU E 242 -14.48 18.46 35.90
C LEU E 242 -15.74 17.89 35.25
N ASN E 243 -16.26 16.80 35.81
CA ASN E 243 -17.52 16.20 35.38
C ASN E 243 -18.67 17.21 35.43
N ALA E 244 -18.76 17.92 36.54
CA ALA E 244 -19.82 18.91 36.78
C ALA E 244 -19.67 20.15 35.90
N ARG E 245 -18.43 20.52 35.59
CA ARG E 245 -18.15 21.66 34.72
C ARG E 245 -18.59 21.39 33.28
N VAL E 246 -18.35 20.18 32.81
CA VAL E 246 -18.76 19.77 31.45
C VAL E 246 -20.27 19.59 31.36
N ALA E 247 -20.85 18.95 32.37
CA ALA E 247 -22.30 18.72 32.44
C ALA E 247 -23.09 20.02 32.51
N ALA E 248 -22.52 21.03 33.19
CA ALA E 248 -23.14 22.36 33.27
C ALA E 248 -23.22 23.03 31.91
N LEU E 249 -22.26 22.73 31.04
CA LEU E 249 -22.20 23.34 29.72
C LEU E 249 -22.90 22.52 28.63
N ALA E 250 -23.02 21.21 28.83
CA ALA E 250 -23.42 20.30 27.74
C ALA E 250 -24.68 19.46 27.95
N GLU E 251 -24.91 18.99 29.17
CA GLU E 251 -25.97 18.00 29.44
C GLU E 251 -27.35 18.38 28.89
N ALA E 252 -27.76 19.62 29.13
CA ALA E 252 -29.06 20.13 28.68
C ALA E 252 -29.15 20.23 27.16
N ARG E 253 -28.06 20.65 26.52
CA ARG E 253 -27.99 20.78 25.07
C ARG E 253 -27.96 19.42 24.38
N LEU E 254 -27.23 18.47 24.95
CA LEU E 254 -27.15 17.11 24.43
C LEU E 254 -28.45 16.34 24.60
N SER E 255 -29.21 16.68 25.64
CA SER E 255 -30.52 16.09 25.88
C SER E 255 -31.51 16.47 24.77
N ASP E 256 -31.41 17.70 24.28
CA ASP E 256 -32.23 18.17 23.16
C ASP E 256 -31.74 17.61 21.83
N ALA E 257 -30.42 17.48 21.70
CA ALA E 257 -29.79 16.95 20.48
C ALA E 257 -30.22 15.51 20.21
N TYR E 258 -30.38 14.72 21.28
CA TYR E 258 -30.81 13.33 21.15
C TYR E 258 -32.33 13.17 21.14
N ARG E 259 -33.02 14.26 20.82
CA ARG E 259 -34.44 14.24 20.50
C ARG E 259 -34.66 14.63 19.04
N ILE E 260 -33.59 15.12 18.40
CA ILE E 260 -33.57 15.33 16.96
C ILE E 260 -33.48 13.97 16.29
N THR E 261 -34.49 13.64 15.48
CA THR E 261 -34.64 12.29 14.92
C THR E 261 -33.84 12.08 13.64
N ASP E 262 -33.70 13.13 12.84
CA ASP E 262 -32.90 13.10 11.62
C ASP E 262 -31.42 12.95 11.97
N LYS E 263 -30.77 11.94 11.39
CA LYS E 263 -29.39 11.57 11.73
C LYS E 263 -28.38 12.69 11.43
N GLN E 264 -28.43 13.23 10.21
CA GLN E 264 -27.53 14.29 9.76
C GLN E 264 -27.63 15.52 10.67
N GLU E 265 -28.85 15.90 11.01
CA GLU E 265 -29.12 17.06 11.84
C GLU E 265 -28.69 16.85 13.30
N ARG E 266 -28.86 15.62 13.78
CA ARG E 266 -28.47 15.29 15.14
C ARG E 266 -26.95 15.36 15.31
N TYR E 267 -26.23 14.64 14.44
CA TYR E 267 -24.77 14.67 14.47
C TYR E 267 -24.23 16.08 14.33
N ALA E 268 -24.77 16.83 13.37
CA ALA E 268 -24.38 18.21 13.16
C ALA E 268 -24.44 19.00 14.47
N GLN E 269 -25.48 18.74 15.27
CA GLN E 269 -25.71 19.49 16.48
C GLN E 269 -24.85 18.96 17.64
N VAL E 270 -24.72 17.64 17.70
CA VAL E 270 -23.83 17.00 18.69
C VAL E 270 -22.40 17.51 18.54
N ASP E 271 -21.96 17.66 17.30
CA ASP E 271 -20.62 18.20 17.00
C ASP E 271 -20.46 19.65 17.43
N VAL E 272 -21.50 20.46 17.18
CA VAL E 272 -21.50 21.88 17.57
C VAL E 272 -21.41 22.03 19.10
N ILE E 273 -22.18 21.21 19.81
CA ILE E 273 -22.17 21.19 21.27
C ILE E 273 -20.77 20.85 21.82
N LYS E 274 -20.15 19.80 21.27
CA LYS E 274 -18.83 19.36 21.69
C LYS E 274 -17.72 20.35 21.38
N SER E 275 -17.78 20.97 20.20
CA SER E 275 -16.80 21.96 19.78
C SER E 275 -16.84 23.22 20.66
N GLU E 276 -18.05 23.72 20.90
CA GLU E 276 -18.26 24.92 21.70
C GLU E 276 -17.92 24.69 23.18
N THR E 277 -18.27 23.52 23.70
CA THR E 277 -18.00 23.17 25.10
C THR E 277 -16.49 23.07 25.37
N ILE E 278 -15.76 22.42 24.46
CA ILE E 278 -14.31 22.25 24.59
C ILE E 278 -13.56 23.59 24.46
N ALA E 279 -13.98 24.40 23.49
CA ALA E 279 -13.38 25.72 23.26
C ALA E 279 -13.60 26.67 24.44
N THR E 280 -14.77 26.59 25.07
CA THR E 280 -15.11 27.39 26.24
C THR E 280 -14.25 27.01 27.45
N LEU E 281 -14.01 25.71 27.62
CA LEU E 281 -13.22 25.20 28.74
C LEU E 281 -11.72 25.44 28.56
N LEU E 282 -11.24 25.36 27.32
CA LEU E 282 -9.83 25.60 27.01
C LEU E 282 -9.47 27.10 27.06
N ALA E 283 -10.49 27.95 27.06
CA ALA E 283 -10.31 29.39 27.21
C ALA E 283 -10.17 29.79 28.68
N GLU E 284 -10.85 29.03 29.55
CA GLU E 284 -10.76 29.23 31.00
C GLU E 284 -9.44 28.68 31.53
N ASP E 285 -9.10 27.47 31.09
CA ASP E 285 -7.91 26.75 31.53
C ASP E 285 -7.36 25.94 30.36
N GLU E 286 -6.28 26.44 29.76
CA GLU E 286 -5.70 25.84 28.56
C GLU E 286 -4.86 24.58 28.82
N THR E 287 -4.68 24.24 30.10
CA THR E 287 -3.90 23.07 30.48
C THR E 287 -4.79 21.82 30.64
N LEU E 288 -6.07 21.97 30.33
CA LEU E 288 -7.02 20.85 30.39
C LEU E 288 -6.80 19.85 29.26
N ASP E 289 -6.91 18.57 29.57
CA ASP E 289 -6.73 17.51 28.59
C ASP E 289 -7.96 17.38 27.68
N GLU E 290 -7.73 17.59 26.38
CA GLU E 290 -8.81 17.59 25.38
C GLU E 290 -9.44 16.22 25.18
N ASN E 291 -8.62 15.17 25.26
CA ASN E 291 -9.10 13.80 25.18
C ASN E 291 -10.05 13.43 26.31
N GLU E 292 -9.68 13.84 27.53
CA GLU E 292 -10.50 13.61 28.72
C GLU E 292 -11.83 14.33 28.63
N LEU E 293 -11.81 15.56 28.10
CA LEU E 293 -13.03 16.33 27.86
C LEU E 293 -13.95 15.63 26.87
N GLY E 294 -13.35 15.00 25.86
CA GLY E 294 -14.09 14.21 24.88
C GLY E 294 -14.73 12.96 25.47
N GLU E 295 -14.04 12.37 26.46
CA GLU E 295 -14.52 11.16 27.13
C GLU E 295 -15.67 11.43 28.10
N ILE E 296 -15.63 12.59 28.76
CA ILE E 296 -16.70 13.02 29.66
C ILE E 296 -17.95 13.38 28.84
N LEU E 297 -17.74 14.02 27.69
CA LEU E 297 -18.83 14.36 26.77
C LEU E 297 -19.53 13.11 26.21
N HIS E 298 -18.75 12.07 25.92
CA HIS E 298 -19.29 10.80 25.44
C HIS E 298 -20.07 10.07 26.54
N ALA E 299 -19.62 10.24 27.78
CA ALA E 299 -20.29 9.64 28.94
C ALA E 299 -21.65 10.28 29.22
N ILE E 300 -21.76 11.58 28.97
CA ILE E 300 -23.03 12.31 29.10
C ILE E 300 -24.00 11.86 28.00
N GLU E 301 -23.49 11.74 26.77
CA GLU E 301 -24.25 11.22 25.63
C GLU E 301 -24.85 9.85 25.97
N LYS E 302 -24.00 8.96 26.45
CA LYS E 302 -24.36 7.57 26.74
C LYS E 302 -25.45 7.48 27.80
N ASN E 303 -25.27 8.22 28.90
CA ASN E 303 -26.21 8.22 30.00
C ASN E 303 -27.60 8.77 29.63
N VAL E 304 -27.60 9.84 28.83
CA VAL E 304 -28.85 10.46 28.36
C VAL E 304 -29.70 9.48 27.56
N VAL E 305 -29.07 8.78 26.61
CA VAL E 305 -29.75 7.82 25.75
C VAL E 305 -30.18 6.56 26.52
N ARG E 306 -29.28 6.04 27.35
CA ARG E 306 -29.52 4.80 28.09
C ARG E 306 -30.63 4.92 29.15
N SER E 307 -30.59 6.00 29.93
CA SER E 307 -31.58 6.22 30.99
C SER E 307 -32.98 6.48 30.44
N ARG E 308 -33.05 7.08 29.25
CA ARG E 308 -34.32 7.30 28.56
C ARG E 308 -34.94 5.98 28.07
N VAL E 309 -34.08 5.04 27.69
CA VAL E 309 -34.52 3.70 27.28
C VAL E 309 -35.06 2.92 28.48
N LEU E 310 -34.35 2.97 29.60
CA LEU E 310 -34.74 2.28 30.82
C LEU E 310 -36.00 2.86 31.45
N ALA E 311 -36.18 4.18 31.33
CA ALA E 311 -37.36 4.86 31.86
C ALA E 311 -38.62 4.61 31.03
N GLY E 312 -38.44 4.07 29.83
CA GLY E 312 -39.56 3.72 28.95
C GLY E 312 -40.05 4.87 28.09
N GLU E 313 -39.19 5.87 27.90
CA GLU E 313 -39.50 7.03 27.06
C GLU E 313 -39.28 6.69 25.58
N PRO E 314 -39.86 7.50 24.67
CA PRO E 314 -39.65 7.25 23.23
C PRO E 314 -38.17 7.31 22.85
N ARG E 315 -37.78 6.46 21.90
CA ARG E 315 -36.41 6.39 21.41
C ARG E 315 -36.02 7.67 20.67
N ILE E 316 -34.75 7.76 20.26
CA ILE E 316 -34.21 8.94 19.58
C ILE E 316 -35.09 9.40 18.42
N ASP E 317 -35.57 8.45 17.61
CA ASP E 317 -36.42 8.78 16.46
C ASP E 317 -37.93 8.83 16.78
N GLY E 318 -38.26 8.63 18.05
CA GLY E 318 -39.66 8.68 18.50
C GLY E 318 -40.33 7.33 18.61
N ARG E 319 -39.62 6.28 18.21
CA ARG E 319 -40.16 4.92 18.23
C ARG E 319 -40.28 4.33 19.63
N GLU E 320 -41.19 3.36 19.76
CA GLU E 320 -41.26 2.52 20.95
C GLU E 320 -40.25 1.37 20.79
N LYS E 321 -40.00 0.64 21.88
CA LYS E 321 -38.97 -0.39 21.92
C LYS E 321 -39.05 -1.47 20.82
N ASP E 322 -40.27 -1.78 20.38
CA ASP E 322 -40.52 -2.87 19.45
C ASP E 322 -41.01 -2.44 18.06
N MET E 323 -40.87 -1.15 17.76
CA MET E 323 -41.28 -0.61 16.47
C MET E 323 -40.15 -0.67 15.44
N ILE E 324 -40.49 -1.09 14.22
CA ILE E 324 -39.55 -1.12 13.10
C ILE E 324 -39.70 0.17 12.30
N ARG E 325 -38.59 0.64 11.72
CA ARG E 325 -38.60 1.85 10.89
C ARG E 325 -39.37 1.65 9.60
N GLY E 326 -39.70 2.77 8.94
CA GLY E 326 -40.41 2.76 7.66
C GLY E 326 -39.67 2.01 6.58
N LEU E 327 -40.41 1.33 5.72
CA LEU E 327 -39.83 0.48 4.69
C LEU E 327 -40.17 0.95 3.27
N ASP E 328 -39.21 0.77 2.36
CA ASP E 328 -39.43 1.03 0.94
C ASP E 328 -38.70 -0.03 0.13
N VAL E 329 -39.47 -0.80 -0.64
CA VAL E 329 -38.94 -1.95 -1.37
C VAL E 329 -39.14 -1.76 -2.88
N ARG E 330 -38.05 -1.92 -3.63
CA ARG E 330 -38.07 -1.75 -5.08
C ARG E 330 -37.34 -2.86 -5.84
N THR E 331 -37.86 -3.20 -7.01
CA THR E 331 -37.35 -4.29 -7.84
C THR E 331 -37.20 -3.84 -9.30
N GLY E 332 -36.15 -4.30 -9.95
CA GLY E 332 -35.87 -3.94 -11.35
C GLY E 332 -35.49 -2.48 -11.48
N VAL E 333 -34.57 -2.04 -10.63
CA VAL E 333 -34.16 -0.64 -10.54
C VAL E 333 -33.08 -0.26 -11.57
N LEU E 334 -32.32 -1.25 -12.02
CA LEU E 334 -31.26 -1.03 -13.01
C LEU E 334 -31.57 -1.78 -14.32
N PRO E 335 -31.41 -1.10 -15.47
CA PRO E 335 -31.81 -1.66 -16.77
C PRO E 335 -31.03 -2.89 -17.28
N ARG E 336 -29.71 -2.87 -17.19
CA ARG E 336 -28.88 -3.92 -17.81
C ARG E 336 -28.47 -5.07 -16.89
N THR E 337 -28.81 -4.96 -15.61
CA THR E 337 -28.47 -5.97 -14.63
C THR E 337 -29.47 -7.15 -14.71
N HIS E 338 -29.03 -8.34 -14.33
CA HIS E 338 -29.90 -9.53 -14.36
C HIS E 338 -31.04 -9.41 -13.35
N GLY E 339 -30.71 -8.94 -12.15
CA GLY E 339 -31.69 -8.68 -11.10
C GLY E 339 -31.20 -7.59 -10.19
N SER E 340 -32.07 -6.62 -9.89
CA SER E 340 -31.72 -5.50 -9.02
C SER E 340 -32.81 -5.18 -8.02
N ALA E 341 -32.39 -4.61 -6.89
CA ALA E 341 -33.31 -4.22 -5.83
C ALA E 341 -32.77 -3.03 -5.03
N LEU E 342 -33.68 -2.15 -4.62
CA LEU E 342 -33.35 -1.09 -3.68
C LEU E 342 -34.17 -1.25 -2.41
N PHE E 343 -33.50 -1.58 -1.32
CA PHE E 343 -34.15 -1.79 -0.04
C PHE E 343 -33.82 -0.67 0.93
N THR E 344 -34.85 -0.02 1.45
CA THR E 344 -34.69 1.10 2.39
C THR E 344 -35.43 0.83 3.70
N ARG E 345 -34.70 0.80 4.77
CA ARG E 345 -35.21 0.77 6.11
C ARG E 345 -34.73 1.92 6.93
N GLY E 346 -35.51 2.98 6.98
CA GLY E 346 -35.10 4.16 7.65
C GLY E 346 -34.10 4.98 6.92
N GLU E 347 -32.97 5.20 7.58
CA GLU E 347 -31.79 5.74 6.98
C GLU E 347 -30.75 4.71 6.60
N THR E 348 -31.16 3.50 6.30
CA THR E 348 -30.29 2.46 5.87
C THR E 348 -30.79 1.99 4.56
N GLN E 349 -29.91 1.98 3.60
CA GLN E 349 -30.29 1.65 2.23
C GLN E 349 -29.25 0.76 1.56
N ALA E 350 -29.73 -0.21 0.78
CA ALA E 350 -28.85 -1.13 0.07
C ALA E 350 -29.31 -1.37 -1.38
N LEU E 351 -28.47 -0.98 -2.32
CA LEU E 351 -28.67 -1.28 -3.74
C LEU E 351 -28.02 -2.63 -4.05
N VAL E 352 -28.85 -3.63 -4.29
CA VAL E 352 -28.37 -5.00 -4.45
C VAL E 352 -28.65 -5.56 -5.85
N THR E 353 -27.61 -6.16 -6.45
CA THR E 353 -27.73 -6.78 -7.77
C THR E 353 -27.44 -8.27 -7.72
N ALA E 354 -27.96 -9.00 -8.70
CA ALA E 354 -27.69 -10.42 -8.88
C ALA E 354 -27.25 -10.70 -10.31
N THR E 355 -26.19 -11.50 -10.45
CA THR E 355 -25.64 -11.84 -11.77
C THR E 355 -25.48 -13.35 -11.92
N LEU E 356 -25.96 -13.87 -13.04
CA LEU E 356 -25.85 -15.29 -13.35
C LEU E 356 -24.66 -15.56 -14.25
N GLY E 357 -23.97 -16.68 -13.98
CA GLY E 357 -22.78 -17.04 -14.74
C GLY E 357 -22.66 -18.53 -15.02
N THR E 358 -21.47 -18.93 -15.49
CA THR E 358 -21.18 -20.32 -15.84
C THR E 358 -20.14 -20.90 -14.88
N ALA E 359 -19.77 -22.16 -15.09
CA ALA E 359 -18.74 -22.83 -14.29
C ALA E 359 -17.38 -22.11 -14.37
N ARG E 360 -17.14 -21.43 -15.48
CA ARG E 360 -15.94 -20.60 -15.66
C ARG E 360 -15.89 -19.46 -14.65
N ASP E 361 -17.05 -19.00 -14.21
CA ASP E 361 -17.18 -17.87 -13.29
C ASP E 361 -17.08 -18.27 -11.81
N ALA E 362 -17.24 -19.56 -11.52
CA ALA E 362 -17.15 -20.07 -10.15
C ALA E 362 -15.75 -19.86 -9.58
N GLN E 363 -15.69 -19.34 -8.35
CA GLN E 363 -14.42 -19.02 -7.70
C GLN E 363 -13.70 -20.27 -7.21
N VAL E 364 -12.40 -20.35 -7.47
CA VAL E 364 -11.57 -21.44 -6.98
C VAL E 364 -10.86 -21.00 -5.70
N LEU E 365 -11.18 -21.69 -4.60
CA LEU E 365 -10.59 -21.38 -3.30
C LEU E 365 -9.48 -22.36 -2.95
N ASP E 366 -8.26 -21.82 -2.82
CA ASP E 366 -7.09 -22.61 -2.48
C ASP E 366 -6.96 -22.69 -0.94
N GLU E 367 -7.97 -23.30 -0.32
CA GLU E 367 -8.05 -23.38 1.14
C GLU E 367 -7.10 -24.42 1.73
N LEU E 368 -6.69 -24.18 2.97
CA LEU E 368 -5.75 -25.06 3.69
C LEU E 368 -6.31 -26.46 3.93
N MET E 369 -7.62 -26.53 4.15
CA MET E 369 -8.30 -27.80 4.44
C MET E 369 -8.63 -28.58 3.16
N GLY E 370 -8.36 -27.96 2.00
CA GLY E 370 -8.67 -28.57 0.72
C GLY E 370 -9.16 -27.57 -0.29
N GLU E 371 -8.73 -27.73 -1.54
CA GLU E 371 -9.15 -26.85 -2.62
C GLU E 371 -10.63 -27.03 -2.93
N ARG E 372 -11.30 -25.93 -3.27
CA ARG E 372 -12.75 -25.87 -3.26
C ARG E 372 -13.28 -24.82 -4.22
N THR E 373 -14.36 -25.16 -4.91
CA THR E 373 -14.96 -24.25 -5.89
C THR E 373 -16.27 -23.66 -5.37
N ASP E 374 -16.32 -22.33 -5.30
CA ASP E 374 -17.50 -21.65 -4.77
C ASP E 374 -18.41 -21.17 -5.90
N THR E 375 -19.68 -21.57 -5.84
CA THR E 375 -20.65 -21.25 -6.88
C THR E 375 -21.57 -20.08 -6.48
N PHE E 376 -21.52 -19.72 -5.21
CA PHE E 376 -22.31 -18.60 -4.68
C PHE E 376 -21.38 -17.54 -4.12
N LEU E 377 -21.45 -16.34 -4.68
CA LEU E 377 -20.57 -15.24 -4.30
C LEU E 377 -21.39 -14.06 -3.76
N PHE E 378 -20.96 -13.53 -2.63
CA PHE E 378 -21.65 -12.39 -2.02
C PHE E 378 -20.63 -11.32 -1.63
N HIS E 379 -20.70 -10.17 -2.29
CA HIS E 379 -19.81 -9.05 -1.99
C HIS E 379 -20.59 -7.85 -1.44
N TYR E 380 -19.97 -7.18 -0.47
CA TYR E 380 -20.62 -6.12 0.31
C TYR E 380 -19.70 -4.90 0.32
N ASN E 381 -20.21 -3.79 -0.21
CA ASN E 381 -19.46 -2.54 -0.28
C ASN E 381 -20.05 -1.46 0.62
N PHE E 382 -19.19 -0.83 1.42
CA PHE E 382 -19.59 0.22 2.34
C PHE E 382 -18.79 1.49 2.03
N PRO E 383 -19.22 2.25 1.00
CA PRO E 383 -18.51 3.48 0.63
C PRO E 383 -18.71 4.57 1.69
N PRO E 384 -17.74 5.50 1.81
CA PRO E 384 -17.81 6.53 2.86
C PRO E 384 -18.99 7.50 2.72
N TYR E 385 -19.56 7.61 1.53
CA TYR E 385 -20.70 8.51 1.30
C TYR E 385 -22.00 8.01 1.94
N SER E 386 -22.03 6.72 2.29
CA SER E 386 -23.18 6.11 2.96
C SER E 386 -23.45 6.74 4.33
N VAL E 387 -22.39 7.24 4.96
CA VAL E 387 -22.49 7.90 6.27
C VAL E 387 -22.10 9.39 6.21
N GLY E 388 -22.14 9.97 5.02
CA GLY E 388 -21.83 11.39 4.81
C GLY E 388 -20.38 11.75 5.06
N GLU E 389 -19.48 10.85 4.68
CA GLU E 389 -18.05 11.03 4.91
C GLU E 389 -17.24 10.90 3.63
N THR E 390 -16.00 11.38 3.67
CA THR E 390 -15.02 11.13 2.62
C THR E 390 -14.02 10.10 3.13
N GLY E 391 -13.39 9.36 2.22
CA GLY E 391 -12.41 8.35 2.59
C GLY E 391 -11.92 7.50 1.43
N MET E 392 -10.93 6.66 1.73
CA MET E 392 -10.33 5.76 0.75
C MET E 392 -11.36 4.82 0.11
N VAL E 393 -11.19 4.57 -1.19
CA VAL E 393 -12.05 3.67 -1.93
C VAL E 393 -11.19 2.57 -2.59
N GLY E 394 -10.30 1.99 -1.79
CA GLY E 394 -9.38 0.95 -2.27
C GLY E 394 -10.01 -0.42 -2.31
N SER E 395 -9.51 -1.33 -1.47
CA SER E 395 -10.01 -2.70 -1.41
C SER E 395 -10.90 -2.90 -0.19
N PRO E 396 -11.56 -4.05 -0.13
CA PRO E 396 -12.45 -4.38 0.99
C PRO E 396 -11.70 -4.32 2.32
N LYS E 397 -12.37 -3.80 3.35
CA LYS E 397 -11.79 -3.75 4.69
C LYS E 397 -12.37 -4.85 5.57
N ARG E 398 -11.78 -5.01 6.75
CA ARG E 398 -11.98 -6.22 7.55
C ARG E 398 -13.47 -6.46 7.82
N ARG E 399 -14.24 -5.37 7.91
CA ARG E 399 -15.65 -5.41 8.25
CA ARG E 399 -15.59 -5.52 8.25
C ARG E 399 -16.50 -5.65 7.02
N GLU E 400 -16.04 -5.17 5.88
CA GLU E 400 -16.77 -5.33 4.60
C GLU E 400 -16.80 -6.81 4.21
N ILE E 401 -15.71 -7.51 4.51
CA ILE E 401 -15.60 -8.95 4.31
C ILE E 401 -16.47 -9.70 5.34
N GLY E 402 -16.48 -9.19 6.57
CA GLY E 402 -17.25 -9.78 7.66
C GLY E 402 -18.76 -9.72 7.45
N HIS E 403 -19.25 -8.55 7.04
CA HIS E 403 -20.68 -8.35 6.80
C HIS E 403 -21.14 -9.00 5.50
N GLY E 404 -20.23 -9.09 4.54
CA GLY E 404 -20.50 -9.77 3.28
C GLY E 404 -20.73 -11.25 3.48
N ARG E 405 -19.99 -11.84 4.41
CA ARG E 405 -20.14 -13.25 4.75
C ARG E 405 -21.38 -13.49 5.63
N LEU E 406 -21.68 -12.54 6.51
CA LEU E 406 -22.88 -12.61 7.34
C LEU E 406 -24.15 -12.59 6.49
N ALA E 407 -24.18 -11.70 5.50
CA ALA E 407 -25.29 -11.60 4.57
C ALA E 407 -25.41 -12.83 3.68
N LYS E 408 -24.25 -13.42 3.34
CA LYS E 408 -24.20 -14.67 2.58
C LYS E 408 -24.81 -15.83 3.35
N ARG E 409 -24.50 -15.89 4.65
CA ARG E 409 -25.03 -16.92 5.55
C ARG E 409 -26.53 -16.75 5.80
N GLY E 410 -27.03 -15.53 5.63
CA GLY E 410 -28.45 -15.24 5.75
C GLY E 410 -29.26 -15.69 4.55
N VAL E 411 -28.59 -15.87 3.41
CA VAL E 411 -29.25 -16.22 2.15
C VAL E 411 -29.00 -17.69 1.75
N LEU E 412 -27.90 -18.26 2.24
CA LEU E 412 -27.47 -19.62 1.87
C LEU E 412 -28.55 -20.69 1.99
N ALA E 413 -29.37 -20.60 3.05
CA ALA E 413 -30.38 -21.62 3.36
C ALA E 413 -31.48 -21.77 2.33
N VAL E 414 -31.77 -20.70 1.59
CA VAL E 414 -32.86 -20.71 0.59
C VAL E 414 -32.36 -20.91 -0.86
N MET E 415 -31.05 -20.89 -1.06
CA MET E 415 -30.45 -21.05 -2.38
C MET E 415 -30.74 -22.43 -2.98
N PRO E 416 -31.08 -22.48 -4.29
CA PRO E 416 -31.23 -23.78 -4.96
C PRO E 416 -29.88 -24.45 -5.17
N ASP E 417 -29.85 -25.78 -5.07
CA ASP E 417 -28.59 -26.52 -5.24
C ASP E 417 -28.22 -26.70 -6.72
N MET E 418 -26.93 -26.94 -6.96
CA MET E 418 -26.38 -27.07 -8.32
C MET E 418 -27.04 -28.15 -9.16
N ASP E 419 -27.64 -29.15 -8.49
CA ASP E 419 -28.37 -30.23 -9.17
C ASP E 419 -29.62 -29.74 -9.90
N LYS E 420 -30.21 -28.66 -9.40
CA LYS E 420 -31.47 -28.15 -9.96
C LYS E 420 -31.31 -26.81 -10.68
N PHE E 421 -30.29 -26.06 -10.28
CA PHE E 421 -30.00 -24.75 -10.88
C PHE E 421 -28.48 -24.60 -11.03
N PRO E 422 -27.92 -25.11 -12.14
CA PRO E 422 -26.47 -25.19 -12.30
C PRO E 422 -25.84 -23.91 -12.86
N TYR E 423 -25.78 -22.88 -12.03
CA TYR E 423 -25.20 -21.59 -12.41
C TYR E 423 -24.43 -20.96 -11.27
N THR E 424 -23.38 -20.22 -11.62
CA THR E 424 -22.67 -19.38 -10.65
C THR E 424 -23.50 -18.11 -10.42
N VAL E 425 -23.75 -17.80 -9.16
CA VAL E 425 -24.55 -16.63 -8.80
C VAL E 425 -23.73 -15.66 -7.94
N ARG E 426 -23.61 -14.43 -8.43
CA ARG E 426 -22.92 -13.37 -7.69
C ARG E 426 -23.90 -12.29 -7.22
N VAL E 427 -23.89 -12.02 -5.92
CA VAL E 427 -24.71 -10.96 -5.33
C VAL E 427 -23.81 -9.84 -4.81
N VAL E 428 -24.09 -8.63 -5.25
CA VAL E 428 -23.35 -7.45 -4.80
C VAL E 428 -24.29 -6.49 -4.07
N SER E 429 -23.96 -6.18 -2.82
CA SER E 429 -24.72 -5.23 -2.03
C SER E 429 -23.97 -3.91 -1.88
N GLU E 430 -24.55 -2.84 -2.43
CA GLU E 430 -23.98 -1.51 -2.34
C GLU E 430 -24.73 -0.71 -1.29
N ILE E 431 -24.07 -0.45 -0.16
CA ILE E 431 -24.66 0.32 0.92
C ILE E 431 -24.63 1.81 0.57
N THR E 432 -25.79 2.36 0.21
CA THR E 432 -25.90 3.76 -0.19
C THR E 432 -26.18 4.69 0.99
N GLU E 433 -26.88 4.16 2.00
CA GLU E 433 -27.14 4.88 3.25
C GLU E 433 -26.97 3.92 4.42
N SER E 434 -26.50 4.43 5.56
CA SER E 434 -26.23 3.59 6.73
C SER E 434 -26.65 4.30 8.01
N ASN E 435 -27.62 3.72 8.70
CA ASN E 435 -27.77 3.96 10.14
C ASN E 435 -28.48 2.80 10.84
N GLY E 436 -27.92 1.61 10.70
CA GLY E 436 -28.43 0.44 11.39
C GLY E 436 -29.15 -0.52 10.45
N SER E 437 -29.09 -1.80 10.79
CA SER E 437 -28.10 -2.71 10.20
C SER E 437 -28.15 -2.66 8.67
N SER E 438 -27.01 -2.35 8.07
CA SER E 438 -26.85 -2.49 6.62
C SER E 438 -26.94 -3.94 6.19
N SER E 439 -26.24 -4.81 6.91
CA SER E 439 -25.97 -6.17 6.43
C SER E 439 -27.23 -7.03 6.51
N MET E 440 -28.18 -6.62 7.34
CA MET E 440 -29.51 -7.22 7.37
C MET E 440 -30.37 -6.68 6.23
N ALA E 441 -30.07 -5.45 5.80
CA ALA E 441 -30.69 -4.88 4.61
C ALA E 441 -30.16 -5.55 3.35
N SER E 442 -28.90 -5.95 3.38
CA SER E 442 -28.30 -6.71 2.28
C SER E 442 -28.98 -8.06 2.11
N VAL E 443 -29.39 -8.66 3.23
CA VAL E 443 -30.11 -9.94 3.20
C VAL E 443 -31.45 -9.78 2.48
N CYS E 444 -32.20 -8.73 2.85
CA CYS E 444 -33.49 -8.43 2.22
C CYS E 444 -33.34 -8.08 0.75
N GLY E 445 -32.38 -7.19 0.46
CA GLY E 445 -32.10 -6.75 -0.90
C GLY E 445 -31.67 -7.88 -1.82
N ALA E 446 -30.92 -8.83 -1.28
CA ALA E 446 -30.47 -10.02 -2.02
C ALA E 446 -31.64 -10.92 -2.38
N SER E 447 -32.53 -11.15 -1.42
CA SER E 447 -33.72 -11.97 -1.62
C SER E 447 -34.59 -11.44 -2.77
N LEU E 448 -34.69 -10.11 -2.84
CA LEU E 448 -35.47 -9.44 -3.88
C LEU E 448 -34.74 -9.45 -5.23
N ALA E 449 -33.42 -9.24 -5.19
CA ALA E 449 -32.60 -9.22 -6.40
C ALA E 449 -32.49 -10.60 -7.05
N LEU E 450 -32.45 -11.64 -6.23
CA LEU E 450 -32.40 -13.02 -6.72
C LEU E 450 -33.70 -13.43 -7.39
N MET E 451 -34.82 -13.03 -6.80
CA MET E 451 -36.14 -13.27 -7.38
C MET E 451 -36.34 -12.50 -8.68
N ASP E 452 -35.81 -11.28 -8.73
CA ASP E 452 -35.87 -10.43 -9.91
C ASP E 452 -35.07 -11.02 -11.07
N ALA E 453 -33.98 -11.71 -10.73
CA ALA E 453 -33.11 -12.36 -11.72
C ALA E 453 -33.65 -13.72 -12.17
N GLY E 454 -34.68 -14.21 -11.47
CA GLY E 454 -35.30 -15.50 -11.80
C GLY E 454 -34.63 -16.68 -11.15
N VAL E 455 -33.83 -16.42 -10.11
CA VAL E 455 -33.20 -17.47 -9.32
C VAL E 455 -34.26 -18.12 -8.42
N PRO E 456 -34.48 -19.44 -8.58
CA PRO E 456 -35.56 -20.10 -7.84
C PRO E 456 -35.17 -20.43 -6.39
N ILE E 457 -35.09 -19.39 -5.57
CA ILE E 457 -34.85 -19.57 -4.13
C ILE E 457 -36.07 -20.20 -3.46
N LYS E 458 -35.81 -20.99 -2.42
CA LYS E 458 -36.86 -21.77 -1.75
C LYS E 458 -37.92 -20.89 -1.07
N ALA E 459 -37.48 -19.76 -0.50
CA ALA E 459 -38.37 -18.81 0.13
C ALA E 459 -37.69 -17.44 0.25
N ALA E 460 -38.49 -16.39 0.42
CA ALA E 460 -37.98 -15.05 0.67
C ALA E 460 -37.30 -14.99 2.03
N VAL E 461 -36.26 -14.17 2.13
CA VAL E 461 -35.45 -14.09 3.35
C VAL E 461 -35.22 -12.64 3.79
N ALA E 462 -35.20 -12.42 5.11
CA ALA E 462 -35.05 -11.07 5.67
C ALA E 462 -34.31 -11.10 7.01
N GLY E 463 -33.97 -9.92 7.52
CA GLY E 463 -33.27 -9.80 8.80
C GLY E 463 -33.39 -8.46 9.50
N ILE E 464 -33.01 -8.45 10.78
CA ILE E 464 -32.95 -7.23 11.60
C ILE E 464 -31.86 -7.33 12.66
N ALA E 465 -31.52 -6.20 13.27
CA ALA E 465 -30.58 -6.16 14.38
C ALA E 465 -31.30 -5.75 15.67
N MET E 466 -31.03 -6.49 16.75
CA MET E 466 -31.63 -6.22 18.04
C MET E 466 -30.61 -5.58 18.97
N GLY E 467 -31.08 -4.65 19.80
CA GLY E 467 -30.22 -3.96 20.76
C GLY E 467 -30.57 -4.25 22.20
N LEU E 468 -29.80 -3.68 23.12
CA LEU E 468 -29.98 -3.89 24.56
C LEU E 468 -29.41 -2.76 25.40
N VAL E 469 -30.18 -2.33 26.39
CA VAL E 469 -29.68 -1.45 27.45
C VAL E 469 -29.96 -2.16 28.78
N LYS E 470 -28.90 -2.46 29.52
CA LYS E 470 -29.00 -3.26 30.74
C LYS E 470 -28.26 -2.62 31.92
N GLU E 471 -28.97 -2.45 33.04
CA GLU E 471 -28.38 -1.98 34.28
C GLU E 471 -28.81 -2.89 35.43
N GLY E 472 -27.85 -3.65 35.97
CA GLY E 472 -28.12 -4.65 36.99
C GLY E 472 -29.03 -5.74 36.44
N ASP E 473 -30.26 -5.79 36.96
CA ASP E 473 -31.25 -6.76 36.51
C ASP E 473 -32.26 -6.15 35.53
N ASN E 474 -32.30 -4.81 35.48
CA ASN E 474 -33.18 -4.10 34.56
C ASN E 474 -32.59 -4.06 33.15
N TYR E 475 -33.40 -4.43 32.16
CA TYR E 475 -32.98 -4.41 30.76
C TYR E 475 -34.14 -4.14 29.81
N VAL E 476 -33.82 -3.59 28.64
CA VAL E 476 -34.79 -3.39 27.58
C VAL E 476 -34.20 -3.84 26.23
N VAL E 477 -34.93 -4.70 25.54
CA VAL E 477 -34.53 -5.18 24.21
C VAL E 477 -35.12 -4.27 23.13
N LEU E 478 -34.24 -3.75 22.27
CA LEU E 478 -34.63 -2.82 21.22
C LEU E 478 -34.67 -3.50 19.85
N SER E 479 -35.72 -3.21 19.08
CA SER E 479 -35.86 -3.74 17.72
C SER E 479 -35.38 -2.73 16.69
N ASP E 480 -34.69 -3.23 15.66
CA ASP E 480 -34.19 -2.41 14.55
C ASP E 480 -33.45 -1.16 15.06
N ILE E 481 -32.26 -1.37 15.60
CA ILE E 481 -31.52 -0.30 16.27
C ILE E 481 -30.83 0.68 15.34
N LEU E 482 -30.78 1.93 15.77
CA LEU E 482 -30.00 2.97 15.13
C LEU E 482 -28.50 2.73 15.37
N GLY E 483 -27.67 3.43 14.62
CA GLY E 483 -26.22 3.41 14.82
C GLY E 483 -25.86 3.86 16.23
N ASP E 484 -26.54 4.90 16.70
CA ASP E 484 -26.37 5.42 18.06
C ASP E 484 -26.74 4.39 19.12
N GLU E 485 -27.84 3.67 18.91
CA GLU E 485 -28.32 2.66 19.84
C GLU E 485 -27.42 1.43 19.87
N ASP E 486 -26.65 1.23 18.80
CA ASP E 486 -25.65 0.18 18.73
C ASP E 486 -24.40 0.57 19.52
N HIS E 487 -23.94 1.80 19.31
CA HIS E 487 -22.70 2.30 19.94
C HIS E 487 -22.86 2.58 21.42
N LEU E 488 -24.04 3.04 21.82
CA LEU E 488 -24.31 3.38 23.23
C LEU E 488 -25.02 2.26 23.98
N GLY E 489 -25.41 1.22 23.24
CA GLY E 489 -26.05 0.04 23.81
C GLY E 489 -25.06 -1.03 24.24
N ASP E 490 -25.57 -2.22 24.55
CA ASP E 490 -24.74 -3.29 25.09
C ASP E 490 -24.53 -4.47 24.13
N MET E 491 -25.27 -4.49 23.02
CA MET E 491 -25.14 -5.58 22.04
C MET E 491 -25.62 -5.23 20.62
N ASP E 492 -25.07 -5.97 19.65
CA ASP E 492 -25.65 -6.05 18.32
C ASP E 492 -25.99 -7.52 18.05
N PHE E 493 -27.29 -7.77 17.89
CA PHE E 493 -27.87 -9.11 17.88
C PHE E 493 -28.65 -9.28 16.58
N LYS E 494 -28.04 -9.95 15.61
CA LYS E 494 -28.59 -10.04 14.26
C LYS E 494 -29.21 -11.40 13.96
N VAL E 495 -30.43 -11.38 13.41
CA VAL E 495 -31.15 -12.61 13.05
C VAL E 495 -31.71 -12.49 11.63
N ALA E 496 -31.43 -13.50 10.81
CA ALA E 496 -31.97 -13.58 9.45
C ALA E 496 -32.64 -14.92 9.20
N GLY E 497 -33.65 -14.93 8.34
CA GLY E 497 -34.36 -16.16 8.00
C GLY E 497 -35.65 -15.94 7.24
N SER E 498 -36.31 -17.05 6.90
CA SER E 498 -37.59 -17.01 6.18
C SER E 498 -38.76 -16.94 7.17
N ARG E 499 -39.97 -17.24 6.69
CA ARG E 499 -41.15 -17.30 7.53
C ARG E 499 -41.12 -18.51 8.45
N ASP E 500 -40.32 -19.51 8.10
CA ASP E 500 -40.35 -20.81 8.77
C ASP E 500 -39.11 -21.14 9.63
N GLY E 501 -38.09 -20.29 9.60
CA GLY E 501 -36.89 -20.53 10.39
C GLY E 501 -35.76 -19.52 10.25
N ILE E 502 -34.70 -19.75 11.02
CA ILE E 502 -33.53 -18.86 11.06
C ILE E 502 -32.40 -19.39 10.18
N SER E 503 -31.97 -18.56 9.24
CA SER E 503 -30.85 -18.91 8.35
C SER E 503 -29.50 -18.51 8.94
N ALA E 504 -29.48 -17.41 9.70
CA ALA E 504 -28.25 -16.92 10.32
C ALA E 504 -28.51 -16.18 11.64
N LEU E 505 -27.62 -16.40 12.61
CA LEU E 505 -27.66 -15.72 13.89
C LEU E 505 -26.27 -15.22 14.29
N GLN E 506 -26.17 -13.93 14.61
CA GLN E 506 -24.91 -13.33 15.01
C GLN E 506 -25.06 -12.47 16.27
N MET E 507 -24.16 -12.65 17.22
CA MET E 507 -24.14 -11.88 18.45
C MET E 507 -22.79 -11.21 18.68
N ASP E 508 -22.83 -9.92 19.03
CA ASP E 508 -21.65 -9.20 19.47
C ASP E 508 -22.00 -8.43 20.75
N ILE E 509 -21.72 -9.07 21.88
CA ILE E 509 -22.11 -8.56 23.19
C ILE E 509 -20.95 -7.82 23.86
N LYS E 510 -21.23 -6.63 24.38
CA LYS E 510 -20.18 -5.75 24.93
C LYS E 510 -20.09 -5.74 26.46
N ILE E 511 -21.07 -6.36 27.12
CA ILE E 511 -21.03 -6.52 28.57
C ILE E 511 -20.88 -8.00 28.93
N GLU E 512 -20.42 -8.25 30.16
CA GLU E 512 -20.53 -9.58 30.74
C GLU E 512 -21.91 -9.71 31.38
N GLY E 513 -22.31 -10.94 31.67
CA GLY E 513 -23.57 -11.20 32.35
C GLY E 513 -24.81 -11.03 31.50
N ILE E 514 -24.71 -11.39 30.21
CA ILE E 514 -25.91 -11.53 29.38
C ILE E 514 -26.59 -12.84 29.78
N THR E 515 -27.91 -12.90 29.59
CA THR E 515 -28.73 -13.97 30.15
C THR E 515 -29.45 -14.79 29.08
N LYS E 516 -29.73 -16.05 29.39
CA LYS E 516 -30.53 -16.94 28.55
C LYS E 516 -31.91 -16.35 28.26
N GLU E 517 -32.50 -15.71 29.28
CA GLU E 517 -33.79 -15.04 29.16
C GLU E 517 -33.76 -13.89 28.15
N ILE E 518 -32.75 -13.03 28.27
CA ILE E 518 -32.58 -11.88 27.38
C ILE E 518 -32.41 -12.33 25.92
N MET E 519 -31.55 -13.33 25.71
CA MET E 519 -31.34 -13.92 24.39
C MET E 519 -32.62 -14.53 23.81
N GLN E 520 -33.48 -15.05 24.68
CA GLN E 520 -34.77 -15.61 24.28
C GLN E 520 -35.76 -14.51 23.88
N VAL E 521 -35.81 -13.45 24.68
CA VAL E 521 -36.67 -12.29 24.38
C VAL E 521 -36.24 -11.64 23.06
N ALA E 522 -34.93 -11.53 22.85
CA ALA E 522 -34.36 -10.97 21.63
C ALA E 522 -34.74 -11.80 20.40
N LEU E 523 -34.70 -13.13 20.52
CA LEU E 523 -35.02 -14.04 19.43
C LEU E 523 -36.51 -14.01 19.04
N ASN E 524 -37.38 -14.00 20.05
CA ASN E 524 -38.83 -13.92 19.83
C ASN E 524 -39.26 -12.59 19.22
N GLN E 525 -38.71 -11.49 19.76
CA GLN E 525 -38.99 -10.15 19.28
C GLN E 525 -38.41 -9.94 17.88
N ALA E 526 -37.31 -10.64 17.59
CA ALA E 526 -36.67 -10.63 16.28
C ALA E 526 -37.51 -11.33 15.22
N LYS E 527 -38.28 -12.33 15.64
CA LYS E 527 -39.14 -13.11 14.75
C LYS E 527 -40.27 -12.28 14.18
N GLY E 528 -40.99 -11.57 15.06
CA GLY E 528 -42.07 -10.67 14.65
C GLY E 528 -41.59 -9.60 13.70
N ALA E 529 -40.34 -9.17 13.90
CA ALA E 529 -39.71 -8.12 13.09
C ALA E 529 -39.50 -8.54 11.64
N ARG E 530 -38.95 -9.73 11.41
CA ARG E 530 -38.70 -10.20 10.04
C ARG E 530 -39.97 -10.64 9.32
N LEU E 531 -40.96 -11.12 10.08
CA LEU E 531 -42.27 -11.45 9.52
C LEU E 531 -42.98 -10.20 9.00
N HIS E 532 -42.75 -9.08 9.69
CA HIS E 532 -43.25 -7.78 9.27
C HIS E 532 -42.56 -7.31 7.98
N ILE E 533 -41.23 -7.44 7.93
CA ILE E 533 -40.47 -7.05 6.75
C ILE E 533 -40.78 -7.97 5.56
N LEU E 534 -40.86 -9.28 5.82
CA LEU E 534 -41.21 -10.25 4.77
C LEU E 534 -42.60 -10.00 4.19
N GLY E 535 -43.52 -9.53 5.03
CA GLY E 535 -44.87 -9.18 4.59
C GLY E 535 -44.88 -8.06 3.57
N VAL E 536 -44.06 -7.03 3.81
CA VAL E 536 -43.93 -5.88 2.91
C VAL E 536 -43.17 -6.27 1.64
N MET E 537 -42.18 -7.14 1.78
CA MET E 537 -41.41 -7.67 0.65
C MET E 537 -42.27 -8.51 -0.29
N GLU E 538 -43.23 -9.25 0.29
CA GLU E 538 -44.17 -10.07 -0.45
C GLU E 538 -45.11 -9.24 -1.33
N GLN E 539 -45.44 -8.04 -0.86
CA GLN E 539 -46.30 -7.10 -1.60
C GLN E 539 -45.65 -6.63 -2.91
N ALA E 540 -44.32 -6.68 -2.96
CA ALA E 540 -43.57 -6.26 -4.15
C ALA E 540 -43.36 -7.43 -5.13
N ILE E 541 -42.77 -8.52 -4.64
CA ILE E 541 -42.50 -9.71 -5.44
C ILE E 541 -42.51 -10.97 -4.56
N ASN E 542 -43.29 -11.98 -4.97
CA ASN E 542 -43.45 -13.19 -4.16
C ASN E 542 -42.99 -14.50 -4.83
N ALA E 543 -42.46 -14.39 -6.03
CA ALA E 543 -41.95 -15.54 -6.79
C ALA E 543 -40.96 -15.10 -7.87
N PRO E 544 -39.98 -15.95 -8.21
CA PRO E 544 -39.06 -15.68 -9.32
C PRO E 544 -39.79 -15.51 -10.65
N GLY F 19 -34.24 4.08 -21.76
CA GLY F 19 -33.64 3.28 -20.66
C GLY F 19 -33.06 4.14 -19.56
N ALA F 20 -33.77 4.22 -18.45
CA ALA F 20 -33.36 5.02 -17.30
C ALA F 20 -33.14 4.15 -16.07
N ALA F 21 -32.21 4.56 -15.22
CA ALA F 21 -31.97 3.86 -13.95
C ALA F 21 -32.48 4.68 -12.78
N GLY F 22 -32.59 4.01 -11.62
CA GLY F 22 -33.09 4.65 -10.41
C GLY F 22 -34.37 4.03 -9.91
N GLY F 23 -34.91 4.60 -8.84
CA GLY F 23 -36.09 4.06 -8.17
C GLY F 23 -37.42 4.45 -8.79
N HIS F 24 -37.43 5.56 -9.54
CA HIS F 24 -38.60 5.96 -10.30
C HIS F 24 -38.86 4.96 -11.43
N THR F 25 -37.90 4.05 -11.62
CA THR F 25 -37.91 3.07 -12.70
C THR F 25 -38.39 1.68 -12.25
N ALA F 26 -38.46 1.46 -10.93
CA ALA F 26 -38.83 0.17 -10.35
C ALA F 26 -40.04 -0.50 -11.02
N THR F 27 -39.88 -1.76 -11.40
CA THR F 27 -40.97 -2.53 -12.01
C THR F 27 -41.99 -2.98 -10.95
N HIS F 28 -41.52 -3.11 -9.70
CA HIS F 28 -42.40 -3.39 -8.56
C HIS F 28 -42.03 -2.53 -7.35
N HIS F 29 -43.05 -2.17 -6.58
CA HIS F 29 -42.91 -1.18 -5.50
C HIS F 29 -43.84 -1.49 -4.32
N ALA F 30 -43.28 -1.44 -3.11
CA ALA F 30 -44.05 -1.62 -1.87
C ALA F 30 -43.45 -0.79 -0.73
N SER F 31 -44.31 -0.31 0.17
CA SER F 31 -43.88 0.54 1.28
C SER F 31 -44.76 0.42 2.52
N ALA F 32 -44.18 0.73 3.68
CA ALA F 32 -44.90 0.72 4.95
C ALA F 32 -44.35 1.80 5.90
N ALA F 33 -45.25 2.39 6.68
CA ALA F 33 -44.88 3.35 7.71
C ALA F 33 -44.25 2.61 8.90
N PRO F 34 -43.52 3.33 9.79
CA PRO F 34 -43.00 2.71 11.00
C PRO F 34 -44.10 2.02 11.82
N ALA F 35 -43.87 0.78 12.24
CA ALA F 35 -44.90 -0.01 12.90
C ALA F 35 -44.38 -1.06 13.87
N ARG F 36 -45.21 -1.38 14.87
CA ARG F 36 -45.00 -2.52 15.74
C ARG F 36 -45.65 -3.74 15.08
N PRO F 37 -44.87 -4.84 14.92
CA PRO F 37 -45.39 -6.04 14.25
C PRO F 37 -46.45 -6.76 15.09
N GLN F 38 -47.19 -7.68 14.47
CA GLN F 38 -48.16 -8.52 15.17
C GLN F 38 -47.45 -9.41 16.20
N PRO F 39 -48.11 -9.66 17.35
CA PRO F 39 -47.47 -10.28 18.52
C PRO F 39 -46.92 -11.69 18.26
CAC FLC G . -3.42 17.02 -14.02
CA FLC G . -3.62 17.80 -15.31
CB FLC G . -2.38 18.61 -15.67
CBC FLC G . -1.31 17.69 -16.20
CG FLC G . -2.76 19.65 -16.74
CGC FLC G . -1.53 20.39 -17.24
OA1 FLC G . -2.72 15.99 -14.05
OA2 FLC G . -3.97 17.44 -12.99
OB1 FLC G . -0.26 17.54 -15.52
OB2 FLC G . -1.48 17.10 -17.29
OG1 FLC G . -0.94 19.94 -18.24
OG2 FLC G . -1.16 21.43 -16.64
OHB FLC G . -1.91 19.31 -14.51
CAC FLC H . 3.73 19.07 -15.36
CA FLC H . 2.82 19.15 -16.56
CB FLC H . 3.40 18.48 -17.81
CBC FLC H . 4.68 19.17 -18.22
CG FLC H . 2.38 18.57 -18.94
CGC FLC H . 2.54 17.47 -19.95
OA1 FLC H . 3.88 20.09 -14.66
OA2 FLC H . 4.31 17.98 -15.10
OB1 FLC H . 5.76 18.53 -18.16
OB2 FLC H . 4.64 20.36 -18.62
OG1 FLC H . 1.59 16.67 -20.11
OG2 FLC H . 3.61 17.38 -20.60
OHB FLC H . 3.68 17.11 -17.51
MG MG I . 3.72 22.40 -20.35
O5' 5GP J . -0.82 -14.62 -10.87
C5' 5GP J . -0.39 -13.66 -11.83
C4' 5GP J . -1.42 -13.50 -12.94
O4' 5GP J . -2.61 -12.87 -12.42
C3' 5GP J . -1.02 -12.57 -14.07
O3' 5GP J . -0.14 -13.23 -14.97
C2' 5GP J . -2.38 -12.28 -14.70
O2' 5GP J . -2.72 -13.18 -15.74
C1' 5GP J . -3.36 -12.44 -13.53
N9 5GP J . -4.10 -11.22 -13.20
C8 5GP J . -3.74 -10.21 -12.34
N7 5GP J . -4.62 -9.25 -12.26
C5 5GP J . -5.62 -9.63 -13.15
C6 5GP J . -6.83 -8.98 -13.49
O6 5GP J . -7.28 -7.91 -13.08
N1 5GP J . -7.57 -9.72 -14.43
C2 5GP J . -7.18 -10.93 -14.96
N2 5GP J . -8.01 -11.49 -15.86
N3 5GP J . -6.05 -11.54 -14.64
C4 5GP J . -5.32 -10.83 -13.73
O5' 5GP K . 0.11 -8.46 -12.19
C5' 5GP K . 0.76 -9.72 -12.32
C4' 5GP K . 1.69 -9.98 -11.13
O4' 5GP K . 1.99 -11.39 -11.03
C3' 5GP K . 3.04 -9.29 -11.19
O3' 5GP K . 3.48 -8.98 -9.87
C2' 5GP K . 3.95 -10.33 -11.87
O2' 5GP K . 5.27 -10.32 -11.38
C1' 5GP K . 3.27 -11.67 -11.55
N9 5GP K . 3.11 -12.59 -12.69
C8 5GP K . 2.04 -13.44 -12.88
N7 5GP K . 2.13 -14.16 -13.96
C5 5GP K . 3.32 -13.77 -14.54
C6 5GP K . 3.94 -14.22 -15.74
O6 5GP K . 3.53 -15.07 -16.54
N1 5GP K . 5.16 -13.57 -15.98
C2 5GP K . 5.70 -12.61 -15.15
N2 5GP K . 6.88 -12.10 -15.54
N3 5GP K . 5.14 -12.19 -14.03
C4 5GP K . 3.95 -12.81 -13.77
CAC FLC L . 26.45 -14.33 -4.39
CA FLC L . 25.29 -13.38 -4.45
CB FLC L . 25.52 -12.22 -5.41
CBC FLC L . 26.15 -12.77 -6.67
CG FLC L . 24.23 -11.49 -5.81
CGC FLC L . 23.22 -11.27 -4.70
OA1 FLC L . 27.57 -13.88 -4.06
OA2 FLC L . 26.26 -15.53 -4.70
OB1 FLC L . 27.39 -12.69 -6.80
OB2 FLC L . 25.43 -13.32 -7.53
OG1 FLC L . 22.04 -11.62 -4.91
OG2 FLC L . 23.58 -10.74 -3.62
OHB FLC L . 26.41 -11.29 -4.79
CAC FLC M . 21.18 -4.47 6.12
CA FLC M . 22.50 -5.06 6.53
CB FLC M . 22.52 -5.53 7.98
CBC FLC M . 21.67 -6.77 8.15
CG FLC M . 23.98 -5.81 8.37
CGC FLC M . 24.10 -6.78 9.52
OA1 FLC M . 21.14 -3.26 5.81
OA2 FLC M . 20.17 -5.20 6.08
OB1 FLC M . 20.88 -6.82 9.12
OB2 FLC M . 21.77 -7.70 7.32
OG1 FLC M . 24.03 -6.32 10.69
OG2 FLC M . 24.26 -7.99 9.28
OHB FLC M . 22.03 -4.49 8.83
CAC FLC N . 18.42 -21.27 -7.01
CA FLC N . 18.46 -19.80 -6.62
CB FLC N . 19.89 -19.28 -6.46
CBC FLC N . 20.27 -18.51 -7.69
CG FLC N . 19.95 -18.42 -5.20
CGC FLC N . 21.10 -17.42 -5.26
OA1 FLC N . 18.33 -21.56 -8.22
OA2 FLC N . 18.49 -22.13 -6.11
OB1 FLC N . 21.29 -18.85 -8.32
OB2 FLC N . 19.56 -17.54 -8.06
OG1 FLC N . 20.85 -16.24 -5.57
OG2 FLC N . 22.24 -17.83 -4.99
OHB FLC N . 20.79 -20.39 -6.28
CAC FLC O . 19.84 -7.92 13.34
CA FLC O . 20.71 -8.46 12.23
CB FLC O . 20.58 -9.98 12.04
CBC FLC O . 20.76 -10.70 13.36
CG FLC O . 21.65 -10.44 11.05
CGC FLC O . 21.36 -11.77 10.41
OA1 FLC O . 20.33 -7.04 14.09
OA2 FLC O . 18.67 -8.35 13.48
OB1 FLC O . 19.78 -11.28 13.86
OB2 FLC O . 21.88 -10.69 13.91
OG1 FLC O . 21.39 -11.83 9.16
OG2 FLC O . 21.10 -12.76 11.12
OHB FLC O . 19.27 -10.26 11.51
MG MG P . 24.38 -10.90 14.16
O5' 5GP Q . 0.95 -12.98 -6.64
C5' 5GP Q . -0.14 -12.76 -5.75
C4' 5GP Q . -1.46 -12.80 -6.49
O4' 5GP Q . -1.64 -14.11 -7.10
C3' 5GP Q . -2.69 -12.57 -5.63
O3' 5GP Q . -2.99 -11.17 -5.55
C2' 5GP Q . -3.77 -13.34 -6.38
O2' 5GP Q . -4.35 -12.60 -7.44
C1' 5GP Q . -2.98 -14.53 -6.95
N9 5GP Q . -3.00 -15.74 -6.10
C8 5GP Q . -2.86 -15.80 -4.73
N7 5GP Q . -2.90 -17.00 -4.25
C5 5GP Q . -3.07 -17.80 -5.37
C6 5GP Q . -3.19 -19.22 -5.47
O6 5GP Q . -3.16 -20.04 -4.54
N1 5GP Q . -3.36 -19.64 -6.79
C2 5GP Q . -3.41 -18.80 -7.87
N2 5GP Q . -3.57 -19.38 -9.08
N3 5GP Q . -3.30 -17.48 -7.80
C4 5GP Q . -3.13 -17.04 -6.51
CAC FLC R . -16.57 -5.63 14.46
CA FLC R . -17.85 -6.20 15.04
CB FLC R . -19.01 -5.22 14.89
CBC FLC R . -19.47 -5.17 13.44
CG FLC R . -20.15 -5.68 15.78
CGC FLC R . -21.38 -4.81 15.61
OA1 FLC R . -15.73 -5.15 15.26
OA2 FLC R . -16.39 -5.67 13.22
OB1 FLC R . -19.63 -4.04 12.91
OB2 FLC R . -19.67 -6.24 12.83
OG1 FLC R . -21.47 -3.76 16.27
OG2 FLC R . -22.25 -5.18 14.79
OHB FLC R . -18.59 -3.91 15.31
CAC FLC S . -22.19 -0.38 12.30
CA FLC S . -22.49 -1.85 12.48
CB FLC S . -23.34 -2.42 11.33
CBC FLC S . -24.59 -1.60 11.14
CG FLC S . -23.72 -3.86 11.67
CGC FLC S . -24.03 -4.69 10.45
OA1 FLC S . -22.38 0.38 13.27
OA2 FLC S . -21.74 0.02 11.20
OB1 FLC S . -24.83 -1.11 10.02
OB2 FLC S . -25.36 -1.43 12.11
OG1 FLC S . -23.36 -5.73 10.26
OG2 FLC S . -24.95 -4.34 9.68
OHB FLC S . -22.56 -2.38 10.13
MG MG T . -26.88 -2.61 13.77
#